data_2MZT
#
_entry.id   2MZT
#
_entity_poly.entity_id   1
_entity_poly.type   'polypeptide(L)'
_entity_poly.pdbx_seq_one_letter_code
;GSVNEEARKFTENVVGGGERNRLIYCSNLPFSTAKSDLYDLFETIGKVNNAELRYDSKGAPTGIAVVEYDNVDDADVCIE
RLNNYNYGGCDLDISYAKRL
;
_entity_poly.pdbx_strand_id   A
#
# COMPACT_ATOMS: atom_id res chain seq x y z
N GLY A 1 20.40 -2.41 4.32
CA GLY A 1 20.55 -1.71 3.02
C GLY A 1 19.33 -0.86 2.70
N SER A 2 19.53 0.40 2.27
CA SER A 2 18.46 1.40 2.11
C SER A 2 17.49 1.13 0.95
N VAL A 3 17.99 0.48 -0.11
CA VAL A 3 17.25 0.26 -1.36
C VAL A 3 17.75 -1.02 -2.02
N ASN A 4 16.79 -1.91 -2.28
CA ASN A 4 17.01 -3.33 -2.58
C ASN A 4 16.01 -3.84 -3.61
N GLU A 5 16.35 -4.90 -4.35
CA GLU A 5 15.41 -5.54 -5.30
C GLU A 5 14.17 -6.13 -4.61
N GLU A 6 14.26 -6.53 -3.34
CA GLU A 6 13.11 -6.98 -2.55
C GLU A 6 12.03 -5.89 -2.47
N ALA A 7 12.43 -4.65 -2.15
CA ALA A 7 11.50 -3.54 -2.06
C ALA A 7 10.81 -3.22 -3.40
N ARG A 8 11.48 -3.53 -4.53
CA ARG A 8 10.91 -3.41 -5.88
C ARG A 8 9.92 -4.55 -6.14
N LYS A 9 10.35 -5.78 -5.87
CA LYS A 9 9.54 -7.01 -6.00
C LYS A 9 8.32 -7.04 -5.04
N PHE A 10 8.27 -6.16 -4.03
CA PHE A 10 7.12 -5.88 -3.17
C PHE A 10 6.01 -5.02 -3.83
N THR A 11 6.31 -4.27 -4.91
CA THR A 11 5.33 -3.52 -5.76
C THR A 11 5.31 -3.95 -7.23
N GLU A 12 6.23 -4.78 -7.68
CA GLU A 12 6.26 -5.33 -9.04
C GLU A 12 5.44 -6.63 -9.17
N ASN A 13 4.64 -6.76 -10.25
CA ASN A 13 3.74 -7.90 -10.53
C ASN A 13 2.57 -8.01 -9.52
N VAL A 14 2.27 -6.91 -8.83
CA VAL A 14 1.20 -6.75 -7.85
C VAL A 14 -0.01 -6.09 -8.52
N VAL A 15 -1.20 -6.61 -8.25
CA VAL A 15 -2.47 -6.12 -8.76
C VAL A 15 -3.55 -6.32 -7.69
N GLY A 16 -4.57 -5.47 -7.71
CA GLY A 16 -5.63 -5.46 -6.69
C GLY A 16 -6.68 -6.57 -6.85
N GLY A 17 -7.40 -6.84 -5.77
CA GLY A 17 -8.59 -7.71 -5.75
C GLY A 17 -8.28 -9.20 -5.56
N GLY A 18 -7.22 -9.52 -4.81
CA GLY A 18 -6.71 -10.87 -4.61
C GLY A 18 -7.48 -11.73 -3.60
N GLU A 19 -6.96 -12.93 -3.37
CA GLU A 19 -7.35 -13.80 -2.25
C GLU A 19 -6.98 -13.14 -0.91
N ARG A 20 -7.56 -13.59 0.21
CA ARG A 20 -7.38 -12.95 1.52
C ARG A 20 -6.03 -13.37 2.08
N ASN A 21 -5.14 -12.39 2.20
CA ASN A 21 -3.78 -12.57 2.71
C ASN A 21 -3.28 -11.27 3.36
N ARG A 22 -2.34 -11.26 4.31
CA ARG A 22 -1.94 -10.02 5.04
C ARG A 22 -1.47 -8.81 4.18
N LEU A 23 -1.20 -9.03 2.90
CA LEU A 23 -0.72 -8.03 1.93
C LEU A 23 -1.90 -7.27 1.29
N ILE A 24 -1.84 -5.93 1.36
CA ILE A 24 -2.82 -4.97 0.83
C ILE A 24 -2.15 -4.12 -0.24
N TYR A 25 -2.80 -4.03 -1.40
CA TYR A 25 -2.45 -3.17 -2.53
C TYR A 25 -3.34 -1.92 -2.49
N CYS A 26 -2.73 -0.72 -2.45
CA CYS A 26 -3.42 0.55 -2.51
C CYS A 26 -3.15 1.25 -3.86
N SER A 27 -4.16 1.90 -4.41
CA SER A 27 -4.05 2.75 -5.60
C SER A 27 -4.83 4.06 -5.44
N ASN A 28 -4.66 4.98 -6.42
CA ASN A 28 -5.19 6.35 -6.40
C ASN A 28 -4.61 7.23 -5.27
N LEU A 29 -3.39 6.91 -4.78
CA LEU A 29 -2.68 7.75 -3.81
C LEU A 29 -2.38 9.15 -4.38
N PRO A 30 -2.40 10.22 -3.54
CA PRO A 30 -1.95 11.55 -3.94
C PRO A 30 -0.43 11.53 -4.16
N PHE A 31 0.04 12.30 -5.14
CA PHE A 31 1.44 12.27 -5.62
C PHE A 31 2.48 12.76 -4.60
N SER A 32 2.04 13.38 -3.51
CA SER A 32 2.89 13.87 -2.40
C SER A 32 3.17 12.80 -1.32
N THR A 33 2.66 11.57 -1.46
CA THR A 33 2.83 10.49 -0.46
C THR A 33 4.30 10.05 -0.40
N ALA A 34 4.73 9.65 0.80
CA ALA A 34 6.08 9.18 1.13
C ALA A 34 5.96 8.02 2.11
N LYS A 35 6.93 7.10 2.11
CA LYS A 35 6.86 5.84 2.88
C LYS A 35 6.63 6.07 4.38
N SER A 36 7.18 7.16 4.95
CA SER A 36 7.00 7.50 6.36
C SER A 36 5.57 7.98 6.69
N ASP A 37 4.96 8.74 5.78
CA ASP A 37 3.54 9.14 5.87
C ASP A 37 2.59 7.97 5.60
N LEU A 38 3.00 7.05 4.72
CA LEU A 38 2.27 5.84 4.37
C LEU A 38 2.21 4.85 5.53
N TYR A 39 3.32 4.64 6.25
CA TYR A 39 3.29 3.87 7.49
C TYR A 39 2.31 4.49 8.51
N ASP A 40 2.35 5.81 8.71
CA ASP A 40 1.48 6.49 9.68
C ASP A 40 -0.01 6.44 9.27
N LEU A 41 -0.30 6.40 7.96
CA LEU A 41 -1.65 6.31 7.40
C LEU A 41 -2.32 4.97 7.67
N PHE A 42 -1.61 3.86 7.45
CA PHE A 42 -2.17 2.52 7.68
C PHE A 42 -2.00 2.06 9.13
N GLU A 43 -1.11 2.68 9.93
CA GLU A 43 -0.91 2.31 11.34
C GLU A 43 -2.17 2.55 12.21
N THR A 44 -3.14 3.37 11.77
CA THR A 44 -4.41 3.61 12.48
C THR A 44 -5.42 2.44 12.38
N ILE A 45 -5.24 1.51 11.43
CA ILE A 45 -5.92 0.20 11.40
C ILE A 45 -5.40 -0.68 12.55
N GLY A 46 -4.08 -0.66 12.75
CA GLY A 46 -3.40 -1.50 13.72
C GLY A 46 -1.88 -1.42 13.63
N LYS A 47 -1.26 -1.78 12.49
CA LYS A 47 0.13 -2.23 12.50
C LYS A 47 0.66 -2.59 11.11
N VAL A 48 1.63 -1.83 10.62
CA VAL A 48 2.34 -2.05 9.37
C VAL A 48 3.72 -2.61 9.70
N ASN A 49 4.21 -3.58 8.92
CA ASN A 49 5.54 -4.19 9.13
C ASN A 49 6.45 -4.00 7.92
N ASN A 50 5.83 -3.85 6.75
CA ASN A 50 6.49 -3.72 5.48
C ASN A 50 5.54 -2.94 4.58
N ALA A 51 5.82 -1.67 4.33
CA ALA A 51 5.05 -0.89 3.37
C ALA A 51 5.92 0.00 2.48
N GLU A 52 5.45 0.24 1.26
CA GLU A 52 6.25 0.84 0.20
C GLU A 52 5.43 1.36 -0.99
N LEU A 53 5.98 2.37 -1.66
CA LEU A 53 5.39 3.11 -2.78
C LEU A 53 6.06 2.71 -4.09
N ARG A 54 5.27 2.30 -5.09
CA ARG A 54 5.79 1.95 -6.41
C ARG A 54 6.31 3.21 -7.11
N TYR A 55 7.49 3.08 -7.71
CA TYR A 55 8.12 4.15 -8.50
C TYR A 55 8.12 3.92 -10.01
N ASP A 56 8.18 5.02 -10.76
CA ASP A 56 8.01 5.07 -12.22
C ASP A 56 9.34 4.88 -12.95
N SER A 57 10.03 5.97 -13.33
CA SER A 57 11.31 5.92 -14.06
C SER A 57 12.47 5.41 -13.18
N LYS A 58 12.56 5.91 -11.94
CA LYS A 58 13.61 5.56 -10.96
C LYS A 58 13.06 5.57 -9.52
N GLY A 59 12.76 6.76 -8.98
CA GLY A 59 12.32 7.00 -7.60
C GLY A 59 11.10 7.93 -7.46
N ALA A 60 10.48 8.31 -8.58
CA ALA A 60 9.29 9.18 -8.61
C ALA A 60 8.02 8.34 -8.38
N PRO A 61 7.04 8.79 -7.57
CA PRO A 61 5.83 8.04 -7.23
C PRO A 61 4.90 7.85 -8.44
N THR A 62 3.87 7.01 -8.24
CA THR A 62 3.00 6.48 -9.31
C THR A 62 1.50 6.57 -9.00
N GLY A 63 1.14 6.85 -7.75
CA GLY A 63 -0.23 6.65 -7.22
C GLY A 63 -0.50 5.22 -6.72
N ILE A 64 0.52 4.35 -6.60
CA ILE A 64 0.39 2.94 -6.16
C ILE A 64 1.33 2.65 -4.97
N ALA A 65 0.84 1.88 -4.00
CA ALA A 65 1.54 1.46 -2.79
C ALA A 65 1.13 0.05 -2.37
N VAL A 66 1.94 -0.60 -1.55
CA VAL A 66 1.63 -1.91 -0.94
C VAL A 66 1.94 -1.84 0.55
N VAL A 67 1.08 -2.45 1.37
CA VAL A 67 1.16 -2.47 2.83
C VAL A 67 0.97 -3.90 3.30
N GLU A 68 1.96 -4.40 4.03
CA GLU A 68 1.86 -5.62 4.82
C GLU A 68 1.40 -5.24 6.23
N TYR A 69 0.21 -5.70 6.58
CA TYR A 69 -0.28 -5.67 7.96
C TYR A 69 0.27 -6.83 8.79
N ASP A 70 0.21 -6.71 10.12
CA ASP A 70 0.56 -7.80 11.05
C ASP A 70 -0.14 -9.13 10.74
N ASN A 71 -1.36 -9.08 10.20
CA ASN A 71 -2.28 -10.20 10.09
C ASN A 71 -3.44 -9.84 9.13
N VAL A 72 -3.90 -10.82 8.34
CA VAL A 72 -5.05 -10.73 7.40
C VAL A 72 -6.35 -10.06 7.94
N ASP A 73 -6.60 -10.08 9.25
CA ASP A 73 -7.78 -9.43 9.86
C ASP A 73 -7.69 -7.88 9.89
N ASP A 74 -6.48 -7.33 9.95
CA ASP A 74 -6.23 -5.88 9.87
C ASP A 74 -6.45 -5.36 8.44
N ALA A 75 -6.10 -6.15 7.42
CA ALA A 75 -6.47 -5.88 6.03
C ALA A 75 -7.99 -5.80 5.84
N ASP A 76 -8.77 -6.62 6.54
CA ASP A 76 -10.24 -6.59 6.45
C ASP A 76 -10.82 -5.30 7.04
N VAL A 77 -10.18 -4.74 8.07
CA VAL A 77 -10.46 -3.37 8.55
C VAL A 77 -10.07 -2.36 7.47
N CYS A 78 -8.83 -2.43 6.95
CA CYS A 78 -8.29 -1.51 5.94
C CYS A 78 -9.22 -1.34 4.73
N ILE A 79 -9.75 -2.45 4.23
CA ILE A 79 -10.70 -2.55 3.10
C ILE A 79 -12.08 -1.91 3.39
N GLU A 80 -12.35 -1.45 4.61
CA GLU A 80 -13.52 -0.63 4.95
C GLU A 80 -13.11 0.76 5.49
N ARG A 81 -11.82 0.99 5.78
CA ARG A 81 -11.35 2.09 6.60
C ARG A 81 -10.58 3.14 5.78
N LEU A 82 -9.67 2.68 4.91
CA LEU A 82 -8.94 3.52 3.94
C LEU A 82 -9.55 3.47 2.53
N ASN A 83 -10.35 2.43 2.20
CA ASN A 83 -10.88 2.12 0.85
C ASN A 83 -11.99 3.07 0.31
N ASN A 84 -12.04 4.23 0.95
CA ASN A 84 -13.24 4.97 1.34
C ASN A 84 -12.89 6.34 1.98
N TYR A 85 -11.60 6.68 2.08
CA TYR A 85 -11.06 7.83 2.79
C TYR A 85 -10.43 8.84 1.82
N ASN A 86 -10.73 10.12 2.01
CA ASN A 86 -10.14 11.22 1.25
C ASN A 86 -8.76 11.57 1.82
N TYR A 87 -7.71 11.15 1.12
CA TYR A 87 -6.31 11.47 1.42
C TYR A 87 -5.73 12.36 0.32
N GLY A 88 -5.26 13.55 0.66
CA GLY A 88 -4.65 14.46 -0.31
C GLY A 88 -5.62 14.87 -1.42
N GLY A 89 -6.93 14.96 -1.11
CA GLY A 89 -8.00 15.24 -2.07
C GLY A 89 -8.41 14.07 -2.97
N CYS A 90 -8.00 12.82 -2.67
CA CYS A 90 -8.25 11.63 -3.49
C CYS A 90 -8.92 10.55 -2.63
N ASP A 91 -10.06 10.01 -3.09
CA ASP A 91 -10.66 8.80 -2.51
C ASP A 91 -9.77 7.59 -2.84
N LEU A 92 -8.96 7.15 -1.87
CA LEU A 92 -8.11 5.98 -2.03
C LEU A 92 -8.87 4.70 -2.39
N ASP A 93 -8.19 3.81 -3.11
CA ASP A 93 -8.70 2.51 -3.55
C ASP A 93 -7.85 1.39 -2.96
N ILE A 94 -8.45 0.56 -2.11
CA ILE A 94 -7.74 -0.45 -1.29
C ILE A 94 -8.29 -1.87 -1.54
N SER A 95 -7.40 -2.85 -1.63
CA SER A 95 -7.79 -4.28 -1.73
C SER A 95 -6.67 -5.22 -1.29
N TYR A 96 -6.97 -6.51 -1.12
CA TYR A 96 -5.92 -7.52 -0.98
C TYR A 96 -5.02 -7.56 -2.22
N ALA A 97 -3.70 -7.58 -1.99
CA ALA A 97 -2.72 -7.65 -3.07
C ALA A 97 -2.66 -9.09 -3.63
N LYS A 98 -2.98 -9.24 -4.91
CA LYS A 98 -2.58 -10.41 -5.71
C LYS A 98 -1.23 -10.10 -6.36
N ARG A 99 -0.13 -10.60 -5.77
CA ARG A 99 1.20 -10.58 -6.35
C ARG A 99 1.45 -11.90 -7.10
N LEU A 100 1.73 -11.80 -8.41
CA LEU A 100 1.79 -12.93 -9.35
C LEU A 100 3.07 -13.77 -9.20
N GLY A 1 18.82 5.45 5.01
CA GLY A 1 18.79 5.23 3.55
C GLY A 1 18.63 3.75 3.20
N SER A 2 19.44 3.24 2.26
CA SER A 2 19.47 1.85 1.77
C SER A 2 18.27 1.49 0.84
N VAL A 3 18.44 0.47 -0.02
CA VAL A 3 17.43 -0.02 -0.99
C VAL A 3 17.82 -1.42 -1.50
N ASN A 4 16.81 -2.23 -1.85
CA ASN A 4 16.96 -3.67 -2.12
C ASN A 4 16.04 -4.13 -3.26
N GLU A 5 16.39 -5.21 -3.97
CA GLU A 5 15.50 -5.78 -5.00
C GLU A 5 14.18 -6.30 -4.43
N GLU A 6 14.14 -6.76 -3.17
CA GLU A 6 12.88 -7.17 -2.54
C GLU A 6 11.89 -6.02 -2.42
N ALA A 7 12.35 -4.81 -2.07
CA ALA A 7 11.45 -3.67 -2.00
C ALA A 7 10.88 -3.31 -3.39
N ARG A 8 11.57 -3.69 -4.48
CA ARG A 8 11.06 -3.57 -5.84
C ARG A 8 10.02 -4.66 -6.13
N LYS A 9 10.38 -5.91 -5.83
CA LYS A 9 9.53 -7.10 -6.04
C LYS A 9 8.27 -7.11 -5.14
N PHE A 10 8.21 -6.25 -4.13
CA PHE A 10 7.05 -5.93 -3.30
C PHE A 10 5.99 -5.03 -4.00
N THR A 11 6.36 -4.23 -5.02
CA THR A 11 5.48 -3.31 -5.79
C THR A 11 5.47 -3.59 -7.29
N GLU A 12 6.36 -4.45 -7.76
CA GLU A 12 6.32 -5.07 -9.07
C GLU A 12 5.65 -6.45 -8.98
N ASN A 13 4.97 -6.90 -10.05
CA ASN A 13 4.26 -8.19 -10.13
C ASN A 13 3.04 -8.29 -9.19
N VAL A 14 2.49 -7.14 -8.76
CA VAL A 14 1.35 -6.97 -7.87
C VAL A 14 0.26 -6.16 -8.56
N VAL A 15 -0.99 -6.51 -8.27
CA VAL A 15 -2.23 -5.89 -8.76
C VAL A 15 -3.31 -6.07 -7.68
N GLY A 16 -4.39 -5.31 -7.74
CA GLY A 16 -5.47 -5.33 -6.73
C GLY A 16 -6.53 -6.40 -6.98
N GLY A 17 -7.27 -6.76 -5.93
CA GLY A 17 -8.45 -7.64 -5.99
C GLY A 17 -8.15 -9.13 -5.80
N GLY A 18 -7.13 -9.46 -5.00
CA GLY A 18 -6.67 -10.83 -4.75
C GLY A 18 -7.44 -11.60 -3.67
N GLU A 19 -6.98 -12.84 -3.43
CA GLU A 19 -7.37 -13.70 -2.31
C GLU A 19 -7.05 -13.03 -0.96
N ARG A 20 -7.68 -13.49 0.13
CA ARG A 20 -7.56 -12.86 1.45
C ARG A 20 -6.22 -13.27 2.06
N ASN A 21 -5.32 -12.30 2.20
CA ASN A 21 -3.99 -12.46 2.77
C ASN A 21 -3.53 -11.19 3.51
N ARG A 22 -2.52 -11.22 4.39
CA ARG A 22 -2.08 -10.01 5.14
C ARG A 22 -1.58 -8.82 4.29
N LEU A 23 -1.35 -9.04 2.99
CA LEU A 23 -0.82 -8.07 2.04
C LEU A 23 -1.95 -7.27 1.36
N ILE A 24 -1.86 -5.95 1.42
CA ILE A 24 -2.81 -4.96 0.89
C ILE A 24 -2.11 -4.13 -0.18
N TYR A 25 -2.79 -3.97 -1.31
CA TYR A 25 -2.42 -3.13 -2.43
C TYR A 25 -3.34 -1.89 -2.46
N CYS A 26 -2.74 -0.69 -2.38
CA CYS A 26 -3.45 0.58 -2.47
C CYS A 26 -3.19 1.26 -3.83
N SER A 27 -4.20 1.91 -4.38
CA SER A 27 -4.08 2.76 -5.57
C SER A 27 -4.88 4.08 -5.42
N ASN A 28 -4.71 4.98 -6.39
CA ASN A 28 -5.25 6.36 -6.37
C ASN A 28 -4.66 7.23 -5.24
N LEU A 29 -3.44 6.92 -4.77
CA LEU A 29 -2.71 7.76 -3.79
C LEU A 29 -2.43 9.17 -4.36
N PRO A 30 -2.44 10.23 -3.51
CA PRO A 30 -2.03 11.56 -3.91
C PRO A 30 -0.51 11.59 -4.16
N PHE A 31 -0.08 12.38 -5.15
CA PHE A 31 1.30 12.38 -5.66
C PHE A 31 2.36 12.93 -4.67
N SER A 32 1.92 13.44 -3.52
CA SER A 32 2.79 13.95 -2.44
C SER A 32 3.08 12.90 -1.33
N THR A 33 2.54 11.66 -1.45
CA THR A 33 2.74 10.57 -0.47
C THR A 33 4.22 10.16 -0.41
N ALA A 34 4.65 9.73 0.77
CA ALA A 34 6.01 9.31 1.10
C ALA A 34 5.94 8.15 2.11
N LYS A 35 6.91 7.25 2.09
CA LYS A 35 6.87 6.01 2.87
C LYS A 35 6.69 6.27 4.39
N SER A 36 7.25 7.36 4.91
CA SER A 36 7.12 7.74 6.33
C SER A 36 5.72 8.23 6.71
N ASP A 37 5.02 8.89 5.77
CA ASP A 37 3.59 9.21 5.89
C ASP A 37 2.69 7.98 5.69
N LEU A 38 3.10 7.07 4.79
CA LEU A 38 2.36 5.87 4.42
C LEU A 38 2.30 4.83 5.55
N TYR A 39 3.39 4.61 6.28
CA TYR A 39 3.32 3.79 7.49
C TYR A 39 2.32 4.34 8.51
N ASP A 40 2.34 5.65 8.79
CA ASP A 40 1.42 6.28 9.76
C ASP A 40 -0.06 6.20 9.32
N LEU A 41 -0.31 6.31 8.01
CA LEU A 41 -1.64 6.25 7.41
C LEU A 41 -2.33 4.90 7.63
N PHE A 42 -1.60 3.79 7.48
CA PHE A 42 -2.14 2.44 7.69
C PHE A 42 -1.94 1.94 9.13
N GLU A 43 -1.08 2.56 9.93
CA GLU A 43 -0.86 2.12 11.32
C GLU A 43 -2.13 2.31 12.20
N THR A 44 -3.04 3.23 11.83
CA THR A 44 -4.30 3.47 12.56
C THR A 44 -5.34 2.34 12.44
N ILE A 45 -5.21 1.46 11.44
CA ILE A 45 -5.96 0.19 11.36
C ILE A 45 -5.54 -0.76 12.49
N GLY A 46 -4.23 -0.81 12.75
CA GLY A 46 -3.62 -1.85 13.56
C GLY A 46 -2.10 -1.76 13.63
N LYS A 47 -1.39 -1.98 12.50
CA LYS A 47 0.04 -2.35 12.52
C LYS A 47 0.61 -2.77 11.16
N VAL A 48 1.71 -2.16 10.77
CA VAL A 48 2.38 -2.34 9.48
C VAL A 48 3.80 -2.86 9.73
N ASN A 49 4.27 -3.80 8.89
CA ASN A 49 5.60 -4.41 9.04
C ASN A 49 6.50 -4.13 7.83
N ASN A 50 5.87 -3.94 6.67
CA ASN A 50 6.53 -3.77 5.39
C ASN A 50 5.57 -2.96 4.52
N ALA A 51 5.83 -1.68 4.33
CA ALA A 51 5.07 -0.84 3.42
C ALA A 51 5.93 0.06 2.55
N GLU A 52 5.46 0.30 1.33
CA GLU A 52 6.28 0.88 0.25
C GLU A 52 5.46 1.38 -0.95
N LEU A 53 5.99 2.40 -1.63
CA LEU A 53 5.40 3.15 -2.76
C LEU A 53 6.07 2.77 -4.08
N ARG A 54 5.25 2.38 -5.07
CA ARG A 54 5.75 2.08 -6.41
C ARG A 54 6.22 3.36 -7.10
N TYR A 55 7.38 3.27 -7.73
CA TYR A 55 7.95 4.34 -8.56
C TYR A 55 7.95 4.03 -10.07
N ASP A 56 7.92 5.08 -10.89
CA ASP A 56 7.75 5.03 -12.34
C ASP A 56 9.09 4.85 -13.08
N SER A 57 9.77 5.94 -13.44
CA SER A 57 11.05 5.89 -14.18
C SER A 57 12.23 5.41 -13.30
N LYS A 58 12.29 5.91 -12.05
CA LYS A 58 13.33 5.60 -11.05
C LYS A 58 12.79 5.74 -9.61
N GLY A 59 12.46 6.98 -9.20
CA GLY A 59 12.05 7.35 -7.83
C GLY A 59 10.81 8.24 -7.75
N ALA A 60 10.19 8.57 -8.89
CA ALA A 60 8.97 9.40 -8.95
C ALA A 60 7.73 8.54 -8.69
N PRO A 61 6.76 8.99 -7.86
CA PRO A 61 5.60 8.20 -7.48
C PRO A 61 4.63 7.94 -8.64
N THR A 62 3.63 7.10 -8.38
CA THR A 62 2.74 6.48 -9.37
C THR A 62 1.26 6.54 -9.01
N GLY A 63 0.93 6.87 -7.76
CA GLY A 63 -0.39 6.65 -7.17
C GLY A 63 -0.62 5.22 -6.67
N ILE A 64 0.41 4.37 -6.55
CA ILE A 64 0.31 2.97 -6.09
C ILE A 64 1.27 2.69 -4.92
N ALA A 65 0.80 1.92 -3.94
CA ALA A 65 1.53 1.51 -2.73
C ALA A 65 1.13 0.10 -2.31
N VAL A 66 1.97 -0.55 -1.51
CA VAL A 66 1.68 -1.87 -0.93
C VAL A 66 2.00 -1.83 0.56
N VAL A 67 1.14 -2.45 1.37
CA VAL A 67 1.19 -2.46 2.84
C VAL A 67 0.99 -3.89 3.30
N GLU A 68 1.97 -4.40 4.03
CA GLU A 68 1.86 -5.64 4.78
C GLU A 68 1.43 -5.32 6.20
N TYR A 69 0.22 -5.75 6.54
CA TYR A 69 -0.28 -5.73 7.91
C TYR A 69 0.29 -6.89 8.74
N ASP A 70 0.28 -6.76 10.06
CA ASP A 70 0.67 -7.83 11.00
C ASP A 70 -0.08 -9.16 10.79
N ASN A 71 -1.31 -9.08 10.27
CA ASN A 71 -2.26 -10.18 10.24
C ASN A 71 -3.41 -9.87 9.25
N VAL A 72 -3.85 -10.90 8.53
CA VAL A 72 -4.96 -10.88 7.54
C VAL A 72 -6.28 -10.24 8.01
N ASP A 73 -6.60 -10.24 9.31
CA ASP A 73 -7.82 -9.58 9.81
C ASP A 73 -7.72 -8.03 9.80
N ASP A 74 -6.50 -7.47 9.82
CA ASP A 74 -6.28 -6.03 9.73
C ASP A 74 -6.46 -5.51 8.29
N ALA A 75 -6.19 -6.34 7.28
CA ALA A 75 -6.55 -6.03 5.89
C ALA A 75 -8.07 -5.82 5.73
N ASP A 76 -8.90 -6.62 6.41
CA ASP A 76 -10.36 -6.48 6.35
C ASP A 76 -10.83 -5.15 6.97
N VAL A 77 -10.14 -4.66 8.00
CA VAL A 77 -10.36 -3.30 8.55
C VAL A 77 -9.89 -2.24 7.56
N CYS A 78 -8.72 -2.39 6.95
CA CYS A 78 -8.17 -1.47 5.95
C CYS A 78 -9.13 -1.25 4.77
N ILE A 79 -9.62 -2.36 4.21
CA ILE A 79 -10.62 -2.45 3.13
C ILE A 79 -11.99 -1.84 3.52
N GLU A 80 -12.18 -1.43 4.77
CA GLU A 80 -13.38 -0.81 5.33
C GLU A 80 -13.08 0.55 6.00
N ARG A 81 -11.81 1.00 6.02
CA ARG A 81 -11.40 2.28 6.62
C ARG A 81 -10.68 3.23 5.65
N LEU A 82 -9.66 2.75 4.93
CA LEU A 82 -8.92 3.56 3.94
C LEU A 82 -9.56 3.52 2.55
N ASN A 83 -10.44 2.57 2.26
CA ASN A 83 -10.93 2.20 0.92
C ASN A 83 -12.02 3.13 0.32
N ASN A 84 -11.89 4.42 0.64
CA ASN A 84 -12.90 5.49 0.49
C ASN A 84 -12.39 6.82 1.07
N TYR A 85 -11.54 6.74 2.11
CA TYR A 85 -10.92 7.89 2.78
C TYR A 85 -10.28 8.88 1.79
N ASN A 86 -10.66 10.15 1.89
CA ASN A 86 -10.07 11.23 1.09
C ASN A 86 -8.70 11.62 1.69
N TYR A 87 -7.63 11.19 1.03
CA TYR A 87 -6.24 11.51 1.39
C TYR A 87 -5.65 12.41 0.30
N GLY A 88 -5.18 13.60 0.69
CA GLY A 88 -4.51 14.52 -0.25
C GLY A 88 -5.39 14.93 -1.44
N GLY A 89 -6.71 14.99 -1.23
CA GLY A 89 -7.72 15.28 -2.27
C GLY A 89 -8.15 14.07 -3.11
N CYS A 90 -7.79 12.83 -2.77
CA CYS A 90 -8.06 11.62 -3.55
C CYS A 90 -8.73 10.57 -2.65
N ASP A 91 -9.92 10.09 -3.03
CA ASP A 91 -10.56 8.95 -2.40
C ASP A 91 -9.80 7.67 -2.77
N LEU A 92 -8.96 7.19 -1.83
CA LEU A 92 -8.12 6.00 -2.03
C LEU A 92 -8.90 4.74 -2.39
N ASP A 93 -8.23 3.84 -3.10
CA ASP A 93 -8.73 2.52 -3.46
C ASP A 93 -7.86 1.45 -2.81
N ILE A 94 -8.46 0.53 -2.07
CA ILE A 94 -7.75 -0.42 -1.21
C ILE A 94 -8.26 -1.84 -1.44
N SER A 95 -7.37 -2.82 -1.63
CA SER A 95 -7.76 -4.23 -1.77
C SER A 95 -6.66 -5.20 -1.31
N TYR A 96 -7.01 -6.48 -1.13
CA TYR A 96 -6.01 -7.53 -0.99
C TYR A 96 -5.11 -7.61 -2.22
N ALA A 97 -3.79 -7.72 -1.99
CA ALA A 97 -2.82 -7.91 -3.06
C ALA A 97 -2.87 -9.36 -3.61
N LYS A 98 -2.60 -9.53 -4.91
CA LYS A 98 -2.46 -10.83 -5.61
C LYS A 98 -1.04 -11.04 -6.20
N ARG A 99 -0.04 -10.45 -5.54
CA ARG A 99 1.38 -10.48 -5.90
C ARG A 99 1.87 -11.88 -6.31
N LEU A 100 2.35 -12.04 -7.55
CA LEU A 100 2.83 -13.30 -8.12
C LEU A 100 4.15 -13.77 -7.48
N GLY A 1 22.87 4.69 -0.67
CA GLY A 1 22.95 3.50 -1.54
C GLY A 1 21.65 3.23 -2.28
N SER A 2 21.66 2.30 -3.24
CA SER A 2 20.50 1.91 -4.05
C SER A 2 19.48 1.07 -3.28
N VAL A 3 18.17 1.24 -3.57
CA VAL A 3 17.09 0.47 -2.94
C VAL A 3 17.11 -1.01 -3.32
N ASN A 4 16.76 -1.88 -2.36
CA ASN A 4 16.78 -3.34 -2.47
C ASN A 4 15.84 -3.87 -3.57
N GLU A 5 16.21 -4.96 -4.24
CA GLU A 5 15.35 -5.65 -5.20
C GLU A 5 14.12 -6.32 -4.55
N GLU A 6 14.18 -6.69 -3.28
CA GLU A 6 13.02 -7.15 -2.52
C GLU A 6 11.96 -6.04 -2.44
N ALA A 7 12.37 -4.80 -2.15
CA ALA A 7 11.43 -3.70 -2.05
C ALA A 7 10.79 -3.36 -3.41
N ARG A 8 11.48 -3.66 -4.53
CA ARG A 8 10.93 -3.52 -5.88
C ARG A 8 9.91 -4.62 -6.12
N LYS A 9 10.28 -5.87 -5.86
CA LYS A 9 9.38 -7.04 -5.91
C LYS A 9 8.12 -6.88 -5.01
N PHE A 10 8.19 -6.04 -3.96
CA PHE A 10 7.06 -5.68 -3.08
C PHE A 10 6.05 -4.68 -3.69
N THR A 11 6.34 -4.00 -4.83
CA THR A 11 5.38 -3.22 -5.63
C THR A 11 5.29 -3.63 -7.09
N GLU A 12 6.20 -4.46 -7.57
CA GLU A 12 6.24 -5.00 -8.92
C GLU A 12 5.53 -6.36 -9.04
N ASN A 13 4.83 -6.62 -10.16
CA ASN A 13 3.95 -7.79 -10.41
C ASN A 13 2.69 -7.83 -9.52
N VAL A 14 2.71 -7.16 -8.37
CA VAL A 14 1.56 -6.83 -7.51
C VAL A 14 0.41 -6.25 -8.33
N VAL A 15 -0.80 -6.76 -8.07
CA VAL A 15 -2.06 -6.12 -8.47
C VAL A 15 -3.09 -6.25 -7.33
N GLY A 16 -4.28 -5.70 -7.51
CA GLY A 16 -5.36 -5.68 -6.51
C GLY A 16 -6.44 -6.73 -6.73
N GLY A 17 -7.33 -6.84 -5.74
CA GLY A 17 -8.58 -7.61 -5.82
C GLY A 17 -8.43 -9.11 -5.52
N GLY A 18 -7.42 -9.48 -4.72
CA GLY A 18 -7.04 -10.86 -4.45
C GLY A 18 -7.91 -11.61 -3.42
N GLU A 19 -7.52 -12.86 -3.16
CA GLU A 19 -7.98 -13.65 -2.01
C GLU A 19 -7.42 -13.05 -0.70
N ARG A 20 -7.90 -13.50 0.46
CA ARG A 20 -7.54 -12.92 1.75
C ARG A 20 -6.14 -13.38 2.12
N ASN A 21 -5.24 -12.41 2.21
CA ASN A 21 -3.86 -12.60 2.67
C ASN A 21 -3.34 -11.33 3.37
N ARG A 22 -2.38 -11.35 4.30
CA ARG A 22 -1.96 -10.13 5.04
C ARG A 22 -1.49 -8.92 4.20
N LEU A 23 -1.24 -9.13 2.91
CA LEU A 23 -0.75 -8.14 1.94
C LEU A 23 -1.91 -7.33 1.32
N ILE A 24 -1.80 -6.01 1.35
CA ILE A 24 -2.78 -5.03 0.84
C ILE A 24 -2.11 -4.16 -0.23
N TYR A 25 -2.80 -4.03 -1.37
CA TYR A 25 -2.42 -3.19 -2.51
C TYR A 25 -3.34 -1.94 -2.51
N CYS A 26 -2.74 -0.74 -2.46
CA CYS A 26 -3.43 0.54 -2.52
C CYS A 26 -3.18 1.23 -3.87
N SER A 27 -4.20 1.88 -4.42
CA SER A 27 -4.10 2.69 -5.64
C SER A 27 -4.85 4.02 -5.53
N ASN A 28 -4.63 4.92 -6.48
CA ASN A 28 -5.15 6.31 -6.51
C ASN A 28 -4.61 7.19 -5.35
N LEU A 29 -3.41 6.87 -4.82
CA LEU A 29 -2.72 7.71 -3.83
C LEU A 29 -2.42 9.12 -4.40
N PRO A 30 -2.45 10.18 -3.56
CA PRO A 30 -2.02 11.51 -3.94
C PRO A 30 -0.51 11.52 -4.20
N PHE A 31 -0.07 12.32 -5.18
CA PHE A 31 1.31 12.30 -5.69
C PHE A 31 2.36 12.80 -4.68
N SER A 32 1.91 13.39 -3.56
CA SER A 32 2.76 13.90 -2.46
C SER A 32 3.03 12.87 -1.35
N THR A 33 2.50 11.63 -1.47
CA THR A 33 2.69 10.55 -0.48
C THR A 33 4.17 10.16 -0.39
N ALA A 34 4.60 9.75 0.81
CA ALA A 34 5.95 9.31 1.14
C ALA A 34 5.86 8.12 2.11
N LYS A 35 6.85 7.23 2.09
CA LYS A 35 6.81 5.97 2.85
C LYS A 35 6.62 6.20 4.37
N SER A 36 7.16 7.29 4.91
CA SER A 36 7.01 7.66 6.33
C SER A 36 5.59 8.12 6.68
N ASP A 37 4.92 8.82 5.76
CA ASP A 37 3.49 9.19 5.87
C ASP A 37 2.57 7.99 5.64
N LEU A 38 2.99 7.06 4.76
CA LEU A 38 2.25 5.86 4.41
C LEU A 38 2.23 4.82 5.53
N TYR A 39 3.34 4.62 6.25
CA TYR A 39 3.32 3.84 7.48
C TYR A 39 2.33 4.41 8.51
N ASP A 40 2.35 5.73 8.75
CA ASP A 40 1.47 6.38 9.73
C ASP A 40 -0.01 6.27 9.36
N LEU A 41 -0.33 6.38 8.06
CA LEU A 41 -1.68 6.28 7.52
C LEU A 41 -2.33 4.93 7.81
N PHE A 42 -1.64 3.82 7.50
CA PHE A 42 -2.15 2.47 7.71
C PHE A 42 -1.93 1.98 9.14
N GLU A 43 -1.05 2.62 9.93
CA GLU A 43 -0.89 2.29 11.35
C GLU A 43 -2.16 2.60 12.17
N THR A 44 -3.10 3.40 11.63
CA THR A 44 -4.44 3.65 12.21
C THR A 44 -5.33 2.41 12.31
N ILE A 45 -5.12 1.42 11.42
CA ILE A 45 -5.80 0.11 11.42
C ILE A 45 -5.27 -0.76 12.56
N GLY A 46 -3.96 -0.71 12.79
CA GLY A 46 -3.29 -1.52 13.79
C GLY A 46 -1.76 -1.49 13.74
N LYS A 47 -1.13 -1.80 12.58
CA LYS A 47 0.25 -2.28 12.59
C LYS A 47 0.77 -2.58 11.19
N VAL A 48 1.80 -1.88 10.76
CA VAL A 48 2.46 -2.07 9.46
C VAL A 48 3.88 -2.60 9.70
N ASN A 49 4.30 -3.61 8.94
CA ASN A 49 5.63 -4.23 9.09
C ASN A 49 6.51 -4.03 7.86
N ASN A 50 5.84 -3.86 6.72
CA ASN A 50 6.47 -3.71 5.42
C ASN A 50 5.50 -2.92 4.56
N ALA A 51 5.78 -1.64 4.33
CA ALA A 51 4.99 -0.84 3.41
C ALA A 51 5.84 0.09 2.54
N GLU A 52 5.37 0.32 1.31
CA GLU A 52 6.21 0.90 0.25
C GLU A 52 5.40 1.39 -0.97
N LEU A 53 5.96 2.41 -1.65
CA LEU A 53 5.39 3.17 -2.77
C LEU A 53 6.03 2.75 -4.10
N ARG A 54 5.21 2.45 -5.11
CA ARG A 54 5.70 2.14 -6.44
C ARG A 54 6.24 3.39 -7.12
N TYR A 55 7.35 3.24 -7.84
CA TYR A 55 7.97 4.29 -8.65
C TYR A 55 7.99 4.03 -10.16
N ASP A 56 8.10 5.12 -10.95
CA ASP A 56 8.08 5.10 -12.42
C ASP A 56 9.50 4.94 -13.01
N SER A 57 10.19 6.05 -13.34
CA SER A 57 11.49 6.01 -14.03
C SER A 57 12.64 5.61 -13.08
N LYS A 58 12.61 6.10 -11.84
CA LYS A 58 13.65 5.91 -10.81
C LYS A 58 13.05 5.87 -9.38
N GLY A 59 12.60 7.03 -8.88
CA GLY A 59 12.07 7.25 -7.52
C GLY A 59 10.84 8.15 -7.46
N ALA A 60 10.22 8.47 -8.61
CA ALA A 60 9.02 9.30 -8.71
C ALA A 60 7.77 8.41 -8.53
N PRO A 61 6.81 8.75 -7.64
CA PRO A 61 5.67 7.89 -7.31
C PRO A 61 4.72 7.76 -8.50
N THR A 62 3.92 6.67 -8.51
CA THR A 62 2.94 6.40 -9.57
C THR A 62 1.48 6.54 -9.13
N GLY A 63 1.25 6.76 -7.83
CA GLY A 63 -0.08 6.70 -7.21
C GLY A 63 -0.46 5.30 -6.72
N ILE A 64 0.51 4.38 -6.57
CA ILE A 64 0.33 2.99 -6.12
C ILE A 64 1.27 2.68 -4.95
N ALA A 65 0.78 1.93 -3.96
CA ALA A 65 1.51 1.54 -2.75
C ALA A 65 1.09 0.13 -2.32
N VAL A 66 1.90 -0.50 -1.47
CA VAL A 66 1.61 -1.83 -0.91
C VAL A 66 1.92 -1.80 0.59
N VAL A 67 1.10 -2.48 1.39
CA VAL A 67 1.15 -2.48 2.86
C VAL A 67 0.96 -3.91 3.34
N GLU A 68 1.90 -4.37 4.15
CA GLU A 68 1.82 -5.62 4.90
C GLU A 68 1.39 -5.29 6.33
N TYR A 69 0.22 -5.80 6.69
CA TYR A 69 -0.26 -5.80 8.06
C TYR A 69 0.29 -6.99 8.87
N ASP A 70 0.21 -6.90 10.20
CA ASP A 70 0.57 -7.98 11.13
C ASP A 70 -0.14 -9.32 10.85
N ASN A 71 -1.35 -9.27 10.28
CA ASN A 71 -2.26 -10.38 10.15
C ASN A 71 -3.40 -10.01 9.16
N VAL A 72 -3.84 -10.99 8.38
CA VAL A 72 -4.96 -10.89 7.41
C VAL A 72 -6.26 -10.24 7.91
N ASP A 73 -6.58 -10.30 9.21
CA ASP A 73 -7.79 -9.64 9.74
C ASP A 73 -7.69 -8.10 9.85
N ASP A 74 -6.47 -7.56 9.91
CA ASP A 74 -6.24 -6.11 9.88
C ASP A 74 -6.39 -5.54 8.46
N ALA A 75 -6.00 -6.29 7.43
CA ALA A 75 -6.36 -5.97 6.04
C ALA A 75 -7.88 -5.84 5.85
N ASP A 76 -8.65 -6.67 6.55
CA ASP A 76 -10.11 -6.65 6.48
C ASP A 76 -10.72 -5.41 7.15
N VAL A 77 -9.97 -4.76 8.05
CA VAL A 77 -10.28 -3.42 8.57
C VAL A 77 -9.84 -2.35 7.56
N CYS A 78 -8.63 -2.45 6.99
CA CYS A 78 -8.09 -1.52 5.99
C CYS A 78 -9.04 -1.31 4.80
N ILE A 79 -9.60 -2.42 4.32
CA ILE A 79 -10.58 -2.49 3.21
C ILE A 79 -11.95 -1.83 3.55
N GLU A 80 -12.17 -1.38 4.79
CA GLU A 80 -13.31 -0.55 5.17
C GLU A 80 -12.85 0.86 5.57
N ARG A 81 -11.69 0.99 6.24
CA ARG A 81 -11.24 2.27 6.79
C ARG A 81 -10.56 3.18 5.76
N LEU A 82 -9.84 2.61 4.78
CA LEU A 82 -9.09 3.36 3.77
C LEU A 82 -9.66 3.29 2.34
N ASN A 83 -10.45 2.28 1.93
CA ASN A 83 -10.81 2.03 0.50
C ASN A 83 -11.75 3.05 -0.18
N ASN A 84 -12.07 4.11 0.55
CA ASN A 84 -12.99 5.20 0.21
C ASN A 84 -12.61 6.53 0.92
N TYR A 85 -11.54 6.54 1.71
CA TYR A 85 -11.07 7.71 2.46
C TYR A 85 -10.42 8.75 1.52
N ASN A 86 -10.73 10.03 1.72
CA ASN A 86 -10.09 11.12 0.99
C ASN A 86 -8.76 11.49 1.65
N TYR A 87 -7.66 11.08 1.02
CA TYR A 87 -6.29 11.36 1.44
C TYR A 87 -5.64 12.29 0.43
N GLY A 88 -5.16 13.46 0.88
CA GLY A 88 -4.47 14.41 0.00
C GLY A 88 -5.33 14.89 -1.17
N GLY A 89 -6.66 14.95 -0.98
CA GLY A 89 -7.64 15.28 -2.02
C GLY A 89 -8.04 14.14 -2.97
N CYS A 90 -7.68 12.87 -2.68
CA CYS A 90 -7.91 11.72 -3.57
C CYS A 90 -8.65 10.62 -2.80
N ASP A 91 -9.76 10.13 -3.36
CA ASP A 91 -10.46 8.94 -2.87
C ASP A 91 -9.57 7.70 -3.10
N LEU A 92 -8.88 7.21 -2.05
CA LEU A 92 -8.08 6.00 -2.14
C LEU A 92 -8.89 4.76 -2.55
N ASP A 93 -8.21 3.78 -3.13
CA ASP A 93 -8.75 2.47 -3.51
C ASP A 93 -7.90 1.37 -2.88
N ILE A 94 -8.49 0.55 -2.01
CA ILE A 94 -7.76 -0.46 -1.19
C ILE A 94 -8.31 -1.87 -1.43
N SER A 95 -7.44 -2.87 -1.54
CA SER A 95 -7.82 -4.28 -1.66
C SER A 95 -6.69 -5.23 -1.23
N TYR A 96 -7.00 -6.52 -1.07
CA TYR A 96 -5.97 -7.54 -0.92
C TYR A 96 -5.06 -7.61 -2.15
N ALA A 97 -3.75 -7.63 -1.92
CA ALA A 97 -2.77 -7.68 -3.00
C ALA A 97 -2.70 -9.09 -3.59
N LYS A 98 -3.22 -9.26 -4.80
CA LYS A 98 -2.88 -10.40 -5.67
C LYS A 98 -1.62 -10.04 -6.45
N ARG A 99 -0.45 -10.55 -6.08
CA ARG A 99 0.68 -10.59 -7.01
C ARG A 99 0.37 -11.59 -8.15
N LEU A 100 0.62 -11.18 -9.41
CA LEU A 100 0.48 -12.02 -10.60
C LEU A 100 1.42 -13.25 -10.57
N GLY A 1 20.59 -2.61 3.85
CA GLY A 1 20.40 -1.28 3.21
C GLY A 1 18.94 -1.00 2.88
N SER A 2 18.61 0.25 2.58
CA SER A 2 17.21 0.73 2.42
C SER A 2 16.56 0.38 1.06
N VAL A 3 17.37 0.06 0.04
CA VAL A 3 16.90 -0.25 -1.32
C VAL A 3 17.48 -1.60 -1.75
N ASN A 4 16.57 -2.52 -2.09
CA ASN A 4 16.86 -3.93 -2.39
C ASN A 4 15.92 -4.47 -3.47
N GLU A 5 16.29 -5.56 -4.15
CA GLU A 5 15.40 -6.25 -5.10
C GLU A 5 14.12 -6.77 -4.42
N GLU A 6 14.15 -7.08 -3.12
CA GLU A 6 12.95 -7.41 -2.34
C GLU A 6 11.91 -6.29 -2.44
N ALA A 7 12.31 -5.03 -2.20
CA ALA A 7 11.40 -3.90 -2.29
C ALA A 7 10.88 -3.69 -3.73
N ARG A 8 11.62 -4.12 -4.76
CA ARG A 8 11.16 -4.02 -6.14
C ARG A 8 10.04 -5.03 -6.38
N LYS A 9 10.28 -6.29 -6.00
CA LYS A 9 9.33 -7.40 -6.12
C LYS A 9 8.09 -7.26 -5.20
N PHE A 10 8.15 -6.37 -4.20
CA PHE A 10 7.02 -5.94 -3.36
C PHE A 10 6.05 -4.94 -4.04
N THR A 11 6.41 -4.30 -5.16
CA THR A 11 5.54 -3.38 -5.95
C THR A 11 5.52 -3.66 -7.44
N GLU A 12 6.40 -4.52 -7.93
CA GLU A 12 6.24 -5.24 -9.19
C GLU A 12 5.42 -6.52 -8.97
N ASN A 13 4.78 -7.04 -10.04
CA ASN A 13 4.16 -8.37 -10.05
C ASN A 13 2.94 -8.46 -9.11
N VAL A 14 2.37 -7.30 -8.75
CA VAL A 14 1.26 -7.07 -7.83
C VAL A 14 0.18 -6.25 -8.54
N VAL A 15 -1.07 -6.58 -8.23
CA VAL A 15 -2.28 -5.89 -8.68
C VAL A 15 -3.34 -6.07 -7.59
N GLY A 16 -4.43 -5.30 -7.64
CA GLY A 16 -5.50 -5.34 -6.65
C GLY A 16 -6.54 -6.44 -6.91
N GLY A 17 -7.29 -6.80 -5.87
CA GLY A 17 -8.46 -7.71 -5.94
C GLY A 17 -8.12 -9.20 -5.77
N GLY A 18 -7.10 -9.52 -4.96
CA GLY A 18 -6.61 -10.89 -4.73
C GLY A 18 -7.39 -11.69 -3.70
N GLU A 19 -6.93 -12.94 -3.48
CA GLU A 19 -7.38 -13.79 -2.38
C GLU A 19 -6.95 -13.19 -1.03
N ARG A 20 -7.66 -13.52 0.06
CA ARG A 20 -7.50 -12.85 1.34
C ARG A 20 -6.23 -13.34 1.99
N ASN A 21 -5.34 -12.39 2.25
CA ASN A 21 -4.04 -12.65 2.87
C ASN A 21 -3.55 -11.37 3.60
N ARG A 22 -2.45 -11.38 4.37
CA ARG A 22 -2.06 -10.15 5.14
C ARG A 22 -1.62 -8.93 4.30
N LEU A 23 -1.48 -9.07 2.98
CA LEU A 23 -0.91 -8.07 2.09
C LEU A 23 -2.01 -7.24 1.40
N ILE A 24 -1.90 -5.92 1.48
CA ILE A 24 -2.83 -4.93 0.94
C ILE A 24 -2.14 -4.10 -0.13
N TYR A 25 -2.80 -3.98 -1.28
CA TYR A 25 -2.43 -3.14 -2.41
C TYR A 25 -3.34 -1.90 -2.42
N CYS A 26 -2.74 -0.70 -2.39
CA CYS A 26 -3.44 0.58 -2.47
C CYS A 26 -3.20 1.23 -3.83
N SER A 27 -4.22 1.88 -4.38
CA SER A 27 -4.11 2.71 -5.58
C SER A 27 -4.82 4.06 -5.43
N ASN A 28 -4.67 4.94 -6.43
CA ASN A 28 -5.19 6.32 -6.43
C ASN A 28 -4.57 7.20 -5.32
N LEU A 29 -3.37 6.89 -4.82
CA LEU A 29 -2.64 7.73 -3.86
C LEU A 29 -2.29 9.11 -4.49
N PRO A 30 -2.27 10.19 -3.69
CA PRO A 30 -1.81 11.49 -4.14
C PRO A 30 -0.29 11.49 -4.36
N PHE A 31 0.19 12.28 -5.33
CA PHE A 31 1.61 12.33 -5.74
C PHE A 31 2.53 12.96 -4.67
N SER A 32 1.97 13.45 -3.56
CA SER A 32 2.73 13.98 -2.39
C SER A 32 2.98 12.92 -1.30
N THR A 33 2.53 11.66 -1.49
CA THR A 33 2.74 10.55 -0.52
C THR A 33 4.22 10.15 -0.49
N ALA A 34 4.68 9.71 0.68
CA ALA A 34 6.02 9.20 0.96
C ALA A 34 5.92 8.04 1.95
N LYS A 35 6.89 7.11 1.94
CA LYS A 35 6.83 5.89 2.75
C LYS A 35 6.67 6.17 4.26
N SER A 36 7.23 7.27 4.76
CA SER A 36 7.11 7.68 6.17
C SER A 36 5.69 8.18 6.53
N ASP A 37 5.01 8.86 5.61
CA ASP A 37 3.61 9.26 5.73
C ASP A 37 2.66 8.06 5.55
N LEU A 38 3.04 7.12 4.67
CA LEU A 38 2.29 5.91 4.36
C LEU A 38 2.26 4.93 5.54
N TYR A 39 3.37 4.73 6.24
CA TYR A 39 3.38 3.94 7.47
C TYR A 39 2.39 4.50 8.52
N ASP A 40 2.38 5.82 8.74
CA ASP A 40 1.46 6.46 9.69
C ASP A 40 -0.01 6.31 9.27
N LEU A 41 -0.28 6.41 7.96
CA LEU A 41 -1.62 6.31 7.38
C LEU A 41 -2.27 4.94 7.62
N PHE A 42 -1.52 3.84 7.47
CA PHE A 42 -2.03 2.48 7.69
C PHE A 42 -1.86 2.02 9.13
N GLU A 43 -1.02 2.66 9.94
CA GLU A 43 -0.89 2.30 11.35
C GLU A 43 -2.17 2.62 12.18
N THR A 44 -3.13 3.39 11.62
CA THR A 44 -4.46 3.63 12.23
C THR A 44 -5.43 2.45 12.12
N ILE A 45 -5.15 1.47 11.25
CA ILE A 45 -5.79 0.13 11.27
C ILE A 45 -5.26 -0.67 12.45
N GLY A 46 -3.97 -0.49 12.77
CA GLY A 46 -3.31 -1.02 13.95
C GLY A 46 -1.81 -1.26 13.83
N LYS A 47 -1.28 -1.55 12.62
CA LYS A 47 0.09 -2.07 12.46
C LYS A 47 0.61 -1.78 11.04
N VAL A 48 1.91 -1.92 10.82
CA VAL A 48 2.56 -2.14 9.51
C VAL A 48 3.88 -2.87 9.77
N ASN A 49 4.26 -3.86 8.94
CA ASN A 49 5.57 -4.53 9.05
C ASN A 49 6.47 -4.16 7.88
N ASN A 50 5.85 -3.97 6.71
CA ASN A 50 6.51 -3.75 5.44
C ASN A 50 5.55 -2.93 4.60
N ALA A 51 5.83 -1.65 4.40
CA ALA A 51 5.06 -0.85 3.45
C ALA A 51 5.91 0.04 2.56
N GLU A 52 5.40 0.30 1.36
CA GLU A 52 6.17 0.99 0.31
C GLU A 52 5.30 1.47 -0.86
N LEU A 53 5.78 2.49 -1.56
CA LEU A 53 5.19 3.05 -2.79
C LEU A 53 5.92 2.55 -4.04
N ARG A 54 5.16 2.36 -5.12
CA ARG A 54 5.67 2.07 -6.45
C ARG A 54 6.12 3.37 -7.12
N TYR A 55 7.28 3.34 -7.73
CA TYR A 55 7.86 4.48 -8.46
C TYR A 55 7.92 4.28 -9.99
N ASP A 56 7.94 5.39 -10.73
CA ASP A 56 7.91 5.41 -12.19
C ASP A 56 9.33 5.39 -12.80
N SER A 57 9.87 6.54 -13.22
CA SER A 57 11.18 6.62 -13.88
C SER A 57 12.37 6.33 -12.93
N LYS A 58 12.32 6.87 -11.70
CA LYS A 58 13.34 6.69 -10.65
C LYS A 58 12.69 6.49 -9.26
N GLY A 59 12.19 7.59 -8.66
CA GLY A 59 11.59 7.65 -7.32
C GLY A 59 10.25 8.41 -7.28
N ALA A 60 9.67 8.70 -8.44
CA ALA A 60 8.43 9.49 -8.57
C ALA A 60 7.21 8.61 -8.22
N PRO A 61 6.40 8.97 -7.20
CA PRO A 61 5.32 8.13 -6.68
C PRO A 61 4.16 8.01 -7.67
N THR A 62 3.97 6.81 -8.23
CA THR A 62 2.98 6.49 -9.27
C THR A 62 1.53 6.72 -8.91
N GLY A 63 1.21 6.77 -7.61
CA GLY A 63 -0.16 6.64 -7.09
C GLY A 63 -0.53 5.21 -6.67
N ILE A 64 0.44 4.28 -6.58
CA ILE A 64 0.27 2.89 -6.10
C ILE A 64 1.24 2.60 -4.94
N ALA A 65 0.78 1.83 -3.97
CA ALA A 65 1.51 1.46 -2.76
C ALA A 65 1.09 0.06 -2.28
N VAL A 66 1.90 -0.57 -1.44
CA VAL A 66 1.66 -1.90 -0.87
C VAL A 66 1.97 -1.87 0.62
N VAL A 67 1.08 -2.44 1.44
CA VAL A 67 1.16 -2.45 2.92
C VAL A 67 0.95 -3.87 3.38
N GLU A 68 1.93 -4.34 4.13
CA GLU A 68 1.91 -5.62 4.83
C GLU A 68 1.50 -5.36 6.27
N TYR A 69 0.32 -5.86 6.63
CA TYR A 69 -0.13 -5.95 8.01
C TYR A 69 0.40 -7.23 8.67
N ASP A 70 0.29 -7.33 10.00
CA ASP A 70 0.69 -8.52 10.74
C ASP A 70 -0.18 -9.75 10.43
N ASN A 71 -1.41 -9.53 9.94
CA ASN A 71 -2.46 -10.53 9.84
C ASN A 71 -3.56 -10.06 8.87
N VAL A 72 -4.07 -10.99 8.05
CA VAL A 72 -5.26 -10.86 7.16
C VAL A 72 -6.48 -10.16 7.79
N ASP A 73 -6.69 -10.22 9.10
CA ASP A 73 -7.80 -9.56 9.82
C ASP A 73 -7.64 -8.03 9.93
N ASP A 74 -6.41 -7.51 9.92
CA ASP A 74 -6.15 -6.06 9.87
C ASP A 74 -6.38 -5.50 8.46
N ALA A 75 -6.01 -6.25 7.42
CA ALA A 75 -6.41 -5.93 6.04
C ALA A 75 -7.93 -5.81 5.89
N ASP A 76 -8.69 -6.64 6.61
CA ASP A 76 -10.16 -6.63 6.59
C ASP A 76 -10.73 -5.31 7.15
N VAL A 77 -10.03 -4.72 8.13
CA VAL A 77 -10.32 -3.38 8.66
C VAL A 77 -9.87 -2.29 7.65
N CYS A 78 -8.68 -2.43 7.04
CA CYS A 78 -8.16 -1.50 6.04
C CYS A 78 -9.14 -1.29 4.88
N ILE A 79 -9.68 -2.39 4.34
CA ILE A 79 -10.65 -2.43 3.23
C ILE A 79 -12.02 -1.81 3.59
N GLU A 80 -12.24 -1.38 4.85
CA GLU A 80 -13.44 -0.68 5.31
C GLU A 80 -13.11 0.66 5.98
N ARG A 81 -11.81 1.03 6.05
CA ARG A 81 -11.34 2.29 6.66
C ARG A 81 -10.63 3.22 5.68
N LEU A 82 -9.62 2.73 4.96
CA LEU A 82 -8.87 3.52 3.97
C LEU A 82 -9.49 3.48 2.56
N ASN A 83 -10.40 2.53 2.28
CA ASN A 83 -10.88 2.18 0.94
C ASN A 83 -11.97 3.12 0.35
N ASN A 84 -11.80 4.40 0.62
CA ASN A 84 -12.79 5.49 0.45
C ASN A 84 -12.24 6.82 1.00
N TYR A 85 -11.39 6.75 2.04
CA TYR A 85 -10.79 7.90 2.73
C TYR A 85 -10.16 8.91 1.75
N ASN A 86 -10.51 10.18 1.93
CA ASN A 86 -10.00 11.29 1.12
C ASN A 86 -8.61 11.71 1.61
N TYR A 87 -7.58 11.33 0.87
CA TYR A 87 -6.17 11.65 1.14
C TYR A 87 -5.59 12.47 0.00
N GLY A 88 -5.11 13.68 0.28
CA GLY A 88 -4.51 14.54 -0.74
C GLY A 88 -5.47 14.91 -1.88
N GLY A 89 -6.78 15.01 -1.58
CA GLY A 89 -7.84 15.25 -2.56
C GLY A 89 -8.26 14.03 -3.38
N CYS A 90 -7.89 12.80 -2.98
CA CYS A 90 -8.12 11.57 -3.74
C CYS A 90 -8.83 10.55 -2.86
N ASP A 91 -9.95 10.01 -3.32
CA ASP A 91 -10.63 8.87 -2.69
C ASP A 91 -9.77 7.62 -2.89
N LEU A 92 -8.99 7.21 -1.87
CA LEU A 92 -8.14 6.03 -1.98
C LEU A 92 -8.87 4.74 -2.34
N ASP A 93 -8.15 3.87 -3.07
CA ASP A 93 -8.57 2.53 -3.46
C ASP A 93 -7.75 1.51 -2.71
N ILE A 94 -8.39 0.55 -2.04
CA ILE A 94 -7.70 -0.44 -1.20
C ILE A 94 -8.23 -1.86 -1.45
N SER A 95 -7.34 -2.84 -1.62
CA SER A 95 -7.75 -4.26 -1.70
C SER A 95 -6.66 -5.24 -1.26
N TYR A 96 -6.99 -6.52 -1.09
CA TYR A 96 -5.99 -7.58 -0.92
C TYR A 96 -5.10 -7.70 -2.16
N ALA A 97 -3.79 -7.77 -1.95
CA ALA A 97 -2.81 -7.90 -3.01
C ALA A 97 -2.75 -9.33 -3.55
N LYS A 98 -2.66 -9.49 -4.87
CA LYS A 98 -2.45 -10.79 -5.57
C LYS A 98 -1.00 -10.93 -6.08
N ARG A 99 -0.04 -10.32 -5.36
CA ARG A 99 1.41 -10.35 -5.61
C ARG A 99 1.91 -11.79 -5.88
N LEU A 100 2.36 -12.05 -7.11
CA LEU A 100 2.84 -13.37 -7.58
C LEU A 100 4.06 -13.89 -6.80
N GLY A 1 19.43 8.06 1.67
CA GLY A 1 18.42 7.17 1.05
C GLY A 1 18.97 5.79 0.76
N SER A 2 18.11 4.89 0.25
CA SER A 2 18.44 3.48 -0.06
C SER A 2 17.44 2.85 -1.04
N VAL A 3 17.81 1.70 -1.65
CA VAL A 3 16.99 0.96 -2.65
C VAL A 3 17.45 -0.50 -2.73
N ASN A 4 16.51 -1.42 -2.95
CA ASN A 4 16.70 -2.87 -2.76
C ASN A 4 15.92 -3.71 -3.79
N GLU A 5 16.36 -4.94 -4.03
CA GLU A 5 15.63 -5.91 -4.88
C GLU A 5 14.30 -6.37 -4.24
N GLU A 6 14.19 -6.38 -2.90
CA GLU A 6 12.92 -6.56 -2.20
C GLU A 6 11.90 -5.51 -2.61
N ALA A 7 12.31 -4.23 -2.66
CA ALA A 7 11.44 -3.16 -3.11
C ALA A 7 11.24 -3.08 -4.62
N ARG A 8 11.86 -3.98 -5.39
CA ARG A 8 11.30 -4.27 -6.70
C ARG A 8 10.11 -5.22 -6.56
N LYS A 9 10.35 -6.38 -5.96
CA LYS A 9 9.40 -7.51 -5.92
C LYS A 9 8.11 -7.22 -5.12
N PHE A 10 8.19 -6.37 -4.10
CA PHE A 10 7.07 -5.93 -3.25
C PHE A 10 6.12 -4.90 -3.90
N THR A 11 6.43 -4.35 -5.09
CA THR A 11 5.53 -3.48 -5.91
C THR A 11 5.45 -3.88 -7.37
N GLU A 12 6.24 -4.84 -7.84
CA GLU A 12 6.09 -5.47 -9.16
C GLU A 12 5.05 -6.59 -9.18
N ASN A 13 4.32 -6.72 -10.30
CA ASN A 13 3.33 -7.76 -10.61
C ASN A 13 2.06 -7.69 -9.73
N VAL A 14 2.15 -7.01 -8.59
CA VAL A 14 1.06 -6.61 -7.68
C VAL A 14 -0.08 -5.95 -8.46
N VAL A 15 -1.28 -6.42 -8.19
CA VAL A 15 -2.56 -5.86 -8.65
C VAL A 15 -3.59 -6.12 -7.54
N GLY A 16 -4.70 -5.38 -7.57
CA GLY A 16 -5.75 -5.45 -6.55
C GLY A 16 -6.76 -6.58 -6.78
N GLY A 17 -7.53 -6.90 -5.74
CA GLY A 17 -8.67 -7.83 -5.79
C GLY A 17 -8.29 -9.31 -5.70
N GLY A 18 -7.22 -9.64 -4.96
CA GLY A 18 -6.72 -10.99 -4.74
C GLY A 18 -7.49 -11.79 -3.68
N GLU A 19 -7.01 -13.02 -3.44
CA GLU A 19 -7.46 -13.86 -2.32
C GLU A 19 -7.02 -13.25 -0.98
N ARG A 20 -7.71 -13.58 0.11
CA ARG A 20 -7.53 -12.90 1.40
C ARG A 20 -6.24 -13.36 2.03
N ASN A 21 -5.36 -12.40 2.28
CA ASN A 21 -4.05 -12.63 2.87
C ASN A 21 -3.55 -11.37 3.60
N ARG A 22 -2.43 -11.36 4.31
CA ARG A 22 -2.00 -10.15 5.06
C ARG A 22 -1.58 -8.93 4.21
N LEU A 23 -1.43 -9.08 2.89
CA LEU A 23 -0.87 -8.07 1.99
C LEU A 23 -1.99 -7.26 1.33
N ILE A 24 -1.90 -5.93 1.46
CA ILE A 24 -2.88 -4.95 0.93
C ILE A 24 -2.23 -4.10 -0.15
N TYR A 25 -2.93 -3.99 -1.28
CA TYR A 25 -2.62 -3.13 -2.41
C TYR A 25 -3.50 -1.88 -2.34
N CYS A 26 -2.88 -0.69 -2.33
CA CYS A 26 -3.55 0.61 -2.43
C CYS A 26 -3.29 1.25 -3.80
N SER A 27 -4.29 1.90 -4.37
CA SER A 27 -4.17 2.69 -5.59
C SER A 27 -4.92 4.04 -5.49
N ASN A 28 -4.70 4.92 -6.47
CA ASN A 28 -5.16 6.32 -6.48
C ASN A 28 -4.56 7.19 -5.35
N LEU A 29 -3.35 6.85 -4.85
CA LEU A 29 -2.63 7.69 -3.89
C LEU A 29 -2.29 9.07 -4.48
N PRO A 30 -2.28 10.15 -3.66
CA PRO A 30 -1.82 11.46 -4.08
C PRO A 30 -0.28 11.44 -4.26
N PHE A 31 0.22 12.19 -5.24
CA PHE A 31 1.65 12.19 -5.61
C PHE A 31 2.58 12.75 -4.51
N SER A 32 2.01 13.39 -3.48
CA SER A 32 2.75 13.90 -2.31
C SER A 32 3.01 12.84 -1.22
N THR A 33 2.54 11.60 -1.41
CA THR A 33 2.76 10.48 -0.46
C THR A 33 4.23 10.06 -0.47
N ALA A 34 4.71 9.63 0.71
CA ALA A 34 6.05 9.09 0.95
C ALA A 34 5.94 7.94 1.95
N LYS A 35 6.88 6.99 1.92
CA LYS A 35 6.81 5.75 2.73
C LYS A 35 6.65 6.04 4.24
N SER A 36 7.24 7.14 4.74
CA SER A 36 7.14 7.54 6.14
C SER A 36 5.73 8.05 6.52
N ASP A 37 5.05 8.75 5.61
CA ASP A 37 3.64 9.16 5.76
C ASP A 37 2.68 7.98 5.59
N LEU A 38 3.02 7.05 4.69
CA LEU A 38 2.28 5.83 4.39
C LEU A 38 2.26 4.86 5.57
N TYR A 39 3.40 4.63 6.23
CA TYR A 39 3.42 3.86 7.47
C TYR A 39 2.48 4.43 8.54
N ASP A 40 2.49 5.75 8.77
CA ASP A 40 1.61 6.40 9.75
C ASP A 40 0.12 6.26 9.38
N LEU A 41 -0.20 6.37 8.09
CA LEU A 41 -1.56 6.28 7.55
C LEU A 41 -2.21 4.92 7.85
N PHE A 42 -1.51 3.82 7.59
CA PHE A 42 -2.02 2.46 7.81
C PHE A 42 -1.76 1.97 9.23
N GLU A 43 -0.88 2.62 9.99
CA GLU A 43 -0.73 2.32 11.42
C GLU A 43 -1.99 2.71 12.23
N THR A 44 -2.94 3.48 11.63
CA THR A 44 -4.26 3.80 12.21
C THR A 44 -5.19 2.60 12.29
N ILE A 45 -5.04 1.62 11.39
CA ILE A 45 -5.70 0.29 11.46
C ILE A 45 -5.15 -0.53 12.64
N GLY A 46 -3.86 -0.34 12.93
CA GLY A 46 -3.18 -0.87 14.11
C GLY A 46 -1.71 -1.20 13.91
N LYS A 47 -1.23 -1.49 12.68
CA LYS A 47 0.13 -2.00 12.46
C LYS A 47 0.53 -1.85 11.01
N VAL A 48 1.84 -1.90 10.76
CA VAL A 48 2.47 -2.12 9.45
C VAL A 48 3.83 -2.78 9.71
N ASN A 49 4.25 -3.76 8.89
CA ASN A 49 5.57 -4.40 9.04
C ASN A 49 6.47 -4.14 7.83
N ASN A 50 5.84 -4.00 6.67
CA ASN A 50 6.49 -3.78 5.39
C ASN A 50 5.53 -2.98 4.55
N ALA A 51 5.80 -1.71 4.33
CA ALA A 51 5.03 -0.92 3.38
C ALA A 51 5.88 -0.04 2.48
N GLU A 52 5.35 0.24 1.30
CA GLU A 52 6.08 0.94 0.24
C GLU A 52 5.19 1.48 -0.88
N LEU A 53 5.72 2.45 -1.63
CA LEU A 53 5.14 3.00 -2.85
C LEU A 53 5.85 2.44 -4.09
N ARG A 54 5.09 2.29 -5.19
CA ARG A 54 5.63 2.00 -6.51
C ARG A 54 6.18 3.26 -7.14
N TYR A 55 7.27 3.14 -7.89
CA TYR A 55 7.90 4.26 -8.59
C TYR A 55 8.01 4.09 -10.12
N ASP A 56 8.08 5.21 -10.84
CA ASP A 56 8.28 5.23 -12.30
C ASP A 56 9.79 5.17 -12.65
N SER A 57 10.46 6.32 -12.79
CA SER A 57 11.84 6.40 -13.28
C SER A 57 12.88 5.98 -12.22
N LYS A 58 12.79 6.57 -11.02
CA LYS A 58 13.72 6.36 -9.89
C LYS A 58 12.97 6.20 -8.55
N GLY A 59 12.27 7.27 -8.12
CA GLY A 59 11.55 7.36 -6.84
C GLY A 59 10.22 8.12 -6.92
N ALA A 60 9.76 8.49 -8.12
CA ALA A 60 8.53 9.27 -8.33
C ALA A 60 7.29 8.38 -8.14
N PRO A 61 6.40 8.64 -7.16
CA PRO A 61 5.31 7.75 -6.77
C PRO A 61 4.23 7.68 -7.84
N THR A 62 3.92 6.48 -8.34
CA THR A 62 3.00 6.30 -9.49
C THR A 62 1.51 6.42 -9.13
N GLY A 63 1.19 6.62 -7.84
CA GLY A 63 -0.18 6.54 -7.31
C GLY A 63 -0.55 5.15 -6.80
N ILE A 64 0.42 4.24 -6.62
CA ILE A 64 0.25 2.85 -6.15
C ILE A 64 1.17 2.58 -4.96
N ALA A 65 0.67 1.85 -3.96
CA ALA A 65 1.39 1.49 -2.74
C ALA A 65 0.95 0.12 -2.23
N VAL A 66 1.78 -0.50 -1.38
CA VAL A 66 1.57 -1.84 -0.83
C VAL A 66 1.87 -1.81 0.65
N VAL A 67 1.00 -2.43 1.46
CA VAL A 67 1.08 -2.46 2.93
C VAL A 67 0.90 -3.89 3.39
N GLU A 68 1.91 -4.41 4.05
CA GLU A 68 1.85 -5.66 4.79
C GLU A 68 1.46 -5.35 6.23
N TYR A 69 0.29 -5.85 6.62
CA TYR A 69 -0.17 -5.88 8.00
C TYR A 69 0.37 -7.09 8.77
N ASP A 70 0.30 -7.05 10.10
CA ASP A 70 0.72 -8.15 10.97
C ASP A 70 -0.09 -9.45 10.77
N ASN A 71 -1.33 -9.32 10.29
CA ASN A 71 -2.18 -10.42 9.84
C ASN A 71 -3.33 -9.95 8.92
N VAL A 72 -3.85 -10.90 8.14
CA VAL A 72 -5.07 -10.81 7.30
C VAL A 72 -6.30 -10.14 7.98
N ASP A 73 -6.42 -10.20 9.31
CA ASP A 73 -7.55 -9.60 10.04
C ASP A 73 -7.54 -8.05 9.99
N ASP A 74 -6.36 -7.44 9.97
CA ASP A 74 -6.17 -5.98 9.87
C ASP A 74 -6.41 -5.47 8.45
N ALA A 75 -6.04 -6.25 7.42
CA ALA A 75 -6.44 -5.97 6.03
C ALA A 75 -7.96 -5.82 5.88
N ASP A 76 -8.73 -6.62 6.61
CA ASP A 76 -10.20 -6.57 6.58
C ASP A 76 -10.78 -5.33 7.28
N VAL A 77 -9.99 -4.68 8.15
CA VAL A 77 -10.28 -3.35 8.68
C VAL A 77 -9.88 -2.28 7.65
N CYS A 78 -8.69 -2.40 7.05
CA CYS A 78 -8.18 -1.49 6.02
C CYS A 78 -9.16 -1.29 4.86
N ILE A 79 -9.72 -2.40 4.37
CA ILE A 79 -10.69 -2.44 3.26
C ILE A 79 -12.05 -1.81 3.62
N GLU A 80 -12.31 -1.47 4.89
CA GLU A 80 -13.49 -0.73 5.33
C GLU A 80 -13.11 0.72 5.65
N ARG A 81 -11.90 0.95 6.20
CA ARG A 81 -11.47 2.28 6.65
C ARG A 81 -10.88 3.15 5.54
N LEU A 82 -9.95 2.61 4.74
CA LEU A 82 -9.16 3.37 3.76
C LEU A 82 -9.70 3.31 2.31
N ASN A 83 -10.52 2.31 1.92
CA ASN A 83 -10.88 2.08 0.49
C ASN A 83 -11.80 3.11 -0.19
N ASN A 84 -12.06 4.20 0.52
CA ASN A 84 -12.91 5.34 0.16
C ASN A 84 -12.45 6.65 0.84
N TYR A 85 -11.36 6.60 1.63
CA TYR A 85 -10.85 7.74 2.41
C TYR A 85 -10.21 8.80 1.49
N ASN A 86 -10.53 10.07 1.75
CA ASN A 86 -9.94 11.19 1.01
C ASN A 86 -8.59 11.59 1.62
N TYR A 87 -7.52 11.22 0.91
CA TYR A 87 -6.14 11.51 1.26
C TYR A 87 -5.52 12.39 0.17
N GLY A 88 -5.04 13.59 0.53
CA GLY A 88 -4.41 14.49 -0.44
C GLY A 88 -5.34 14.92 -1.58
N GLY A 89 -6.65 15.02 -1.29
CA GLY A 89 -7.70 15.33 -2.29
C GLY A 89 -8.03 14.17 -3.24
N CYS A 90 -7.71 12.91 -2.89
CA CYS A 90 -7.89 11.73 -3.74
C CYS A 90 -8.60 10.64 -2.93
N ASP A 91 -9.71 10.11 -3.45
CA ASP A 91 -10.41 8.97 -2.87
C ASP A 91 -9.55 7.70 -3.10
N LEU A 92 -8.85 7.23 -2.05
CA LEU A 92 -8.06 6.00 -2.15
C LEU A 92 -8.91 4.78 -2.52
N ASP A 93 -8.24 3.78 -3.11
CA ASP A 93 -8.80 2.47 -3.46
C ASP A 93 -7.95 1.37 -2.82
N ILE A 94 -8.56 0.53 -1.97
CA ILE A 94 -7.83 -0.48 -1.15
C ILE A 94 -8.39 -1.89 -1.39
N SER A 95 -7.52 -2.89 -1.49
CA SER A 95 -7.91 -4.31 -1.63
C SER A 95 -6.80 -5.28 -1.21
N TYR A 96 -7.12 -6.58 -1.08
CA TYR A 96 -6.09 -7.62 -0.93
C TYR A 96 -5.22 -7.73 -2.19
N ALA A 97 -3.90 -7.77 -2.00
CA ALA A 97 -2.94 -7.89 -3.09
C ALA A 97 -2.85 -9.34 -3.62
N LYS A 98 -2.53 -9.48 -4.91
CA LYS A 98 -2.29 -10.77 -5.60
C LYS A 98 -0.90 -10.85 -6.25
N ARG A 99 0.09 -10.20 -5.61
CA ARG A 99 1.51 -10.17 -5.97
C ARG A 99 2.06 -11.55 -6.40
N LEU A 100 2.59 -11.62 -7.63
CA LEU A 100 3.41 -12.73 -8.13
C LEU A 100 4.90 -12.51 -7.77
N GLY A 1 24.20 4.82 -0.01
CA GLY A 1 22.86 4.86 -0.63
C GLY A 1 22.37 3.46 -1.02
N SER A 2 21.68 3.36 -2.16
CA SER A 2 21.11 2.13 -2.76
C SER A 2 19.83 1.62 -2.05
N VAL A 3 19.02 0.81 -2.74
CA VAL A 3 17.75 0.23 -2.23
C VAL A 3 17.61 -1.21 -2.74
N ASN A 4 17.31 -2.14 -1.83
CA ASN A 4 17.16 -3.57 -2.11
C ASN A 4 16.07 -3.91 -3.14
N GLU A 5 16.38 -4.79 -4.10
CA GLU A 5 15.44 -5.25 -5.13
C GLU A 5 14.19 -5.92 -4.55
N GLU A 6 14.25 -6.45 -3.33
CA GLU A 6 13.09 -6.92 -2.58
C GLU A 6 11.98 -5.86 -2.51
N ALA A 7 12.36 -4.61 -2.26
CA ALA A 7 11.44 -3.49 -2.13
C ALA A 7 10.74 -3.16 -3.46
N ARG A 8 11.40 -3.43 -4.59
CA ARG A 8 10.83 -3.31 -5.93
C ARG A 8 9.89 -4.48 -6.20
N LYS A 9 10.33 -5.70 -5.91
CA LYS A 9 9.56 -6.95 -6.04
C LYS A 9 8.33 -7.02 -5.09
N PHE A 10 8.27 -6.14 -4.09
CA PHE A 10 7.10 -5.86 -3.21
C PHE A 10 5.98 -5.03 -3.88
N THR A 11 6.27 -4.27 -4.96
CA THR A 11 5.30 -3.52 -5.79
C THR A 11 5.25 -3.93 -7.26
N GLU A 12 6.16 -4.77 -7.74
CA GLU A 12 6.19 -5.31 -9.11
C GLU A 12 5.37 -6.62 -9.24
N ASN A 13 4.56 -6.75 -10.30
CA ASN A 13 3.67 -7.89 -10.59
C ASN A 13 2.50 -7.98 -9.57
N VAL A 14 2.21 -6.88 -8.88
CA VAL A 14 1.15 -6.71 -7.89
C VAL A 14 -0.06 -6.06 -8.55
N VAL A 15 -1.25 -6.57 -8.25
CA VAL A 15 -2.54 -6.09 -8.77
C VAL A 15 -3.59 -6.28 -7.67
N GLY A 16 -4.58 -5.39 -7.64
CA GLY A 16 -5.62 -5.39 -6.60
C GLY A 16 -6.70 -6.46 -6.81
N GLY A 17 -7.43 -6.77 -5.73
CA GLY A 17 -8.62 -7.63 -5.76
C GLY A 17 -8.32 -9.12 -5.61
N GLY A 18 -7.26 -9.47 -4.85
CA GLY A 18 -6.83 -10.85 -4.63
C GLY A 18 -7.66 -11.63 -3.61
N GLU A 19 -7.24 -12.87 -3.37
CA GLU A 19 -7.70 -13.69 -2.23
C GLU A 19 -7.22 -13.08 -0.90
N ARG A 20 -7.75 -13.53 0.25
CA ARG A 20 -7.46 -12.93 1.55
C ARG A 20 -6.07 -13.37 1.99
N ASN A 21 -5.18 -12.38 2.14
CA ASN A 21 -3.82 -12.57 2.64
C ASN A 21 -3.34 -11.30 3.36
N ARG A 22 -2.36 -11.33 4.27
CA ARG A 22 -1.95 -10.13 5.03
C ARG A 22 -1.49 -8.90 4.20
N LEU A 23 -1.21 -9.09 2.90
CA LEU A 23 -0.72 -8.08 1.97
C LEU A 23 -1.89 -7.29 1.35
N ILE A 24 -1.83 -5.97 1.44
CA ILE A 24 -2.81 -4.99 0.90
C ILE A 24 -2.13 -4.15 -0.19
N TYR A 25 -2.79 -4.06 -1.34
CA TYR A 25 -2.46 -3.21 -2.47
C TYR A 25 -3.36 -1.95 -2.42
N CYS A 26 -2.74 -0.76 -2.40
CA CYS A 26 -3.44 0.52 -2.49
C CYS A 26 -3.17 1.19 -3.84
N SER A 27 -4.17 1.86 -4.39
CA SER A 27 -4.07 2.68 -5.60
C SER A 27 -4.85 4.01 -5.44
N ASN A 28 -4.71 4.90 -6.43
CA ASN A 28 -5.24 6.27 -6.41
C ASN A 28 -4.60 7.17 -5.31
N LEU A 29 -3.40 6.83 -4.84
CA LEU A 29 -2.65 7.67 -3.88
C LEU A 29 -2.29 9.04 -4.52
N PRO A 30 -2.23 10.13 -3.73
CA PRO A 30 -1.73 11.41 -4.19
C PRO A 30 -0.21 11.36 -4.37
N PHE A 31 0.30 12.12 -5.36
CA PHE A 31 1.73 12.13 -5.72
C PHE A 31 2.63 12.71 -4.60
N SER A 32 2.03 13.36 -3.59
CA SER A 32 2.71 13.91 -2.40
C SER A 32 3.00 12.86 -1.30
N THR A 33 2.59 11.59 -1.50
CA THR A 33 2.78 10.51 -0.51
C THR A 33 4.26 10.10 -0.44
N ALA A 34 4.69 9.66 0.74
CA ALA A 34 6.04 9.19 1.06
C ALA A 34 5.94 8.03 2.04
N LYS A 35 6.93 7.12 2.03
CA LYS A 35 6.87 5.87 2.79
C LYS A 35 6.69 6.11 4.31
N SER A 36 7.23 7.20 4.84
CA SER A 36 7.08 7.59 6.26
C SER A 36 5.67 8.07 6.61
N ASP A 37 5.01 8.78 5.68
CA ASP A 37 3.59 9.18 5.79
C ASP A 37 2.64 7.98 5.59
N LEU A 38 3.04 7.05 4.71
CA LEU A 38 2.28 5.84 4.38
C LEU A 38 2.25 4.83 5.53
N TYR A 39 3.37 4.65 6.23
CA TYR A 39 3.35 3.88 7.47
C TYR A 39 2.37 4.46 8.50
N ASP A 40 2.38 5.79 8.72
CA ASP A 40 1.49 6.44 9.69
C ASP A 40 0.01 6.33 9.28
N LEU A 41 -0.28 6.45 7.99
CA LEU A 41 -1.62 6.34 7.41
C LEU A 41 -2.26 4.97 7.70
N PHE A 42 -1.54 3.88 7.45
CA PHE A 42 -2.06 2.53 7.67
C PHE A 42 -1.86 2.05 9.10
N GLU A 43 -0.99 2.68 9.89
CA GLU A 43 -0.90 2.36 11.32
C GLU A 43 -2.17 2.77 12.09
N THR A 44 -3.11 3.52 11.47
CA THR A 44 -4.45 3.82 12.00
C THR A 44 -5.34 2.57 12.13
N ILE A 45 -5.16 1.59 11.23
CA ILE A 45 -5.77 0.25 11.30
C ILE A 45 -5.20 -0.53 12.50
N GLY A 46 -3.92 -0.27 12.82
CA GLY A 46 -3.25 -0.74 14.03
C GLY A 46 -1.78 -1.10 13.84
N LYS A 47 -1.30 -1.40 12.63
CA LYS A 47 0.03 -2.01 12.44
C LYS A 47 0.54 -1.75 11.02
N VAL A 48 1.84 -1.94 10.81
CA VAL A 48 2.49 -2.09 9.50
C VAL A 48 3.84 -2.79 9.75
N ASN A 49 4.23 -3.79 8.95
CA ASN A 49 5.55 -4.44 9.09
C ASN A 49 6.46 -4.17 7.90
N ASN A 50 5.83 -3.96 6.74
CA ASN A 50 6.49 -3.77 5.46
C ASN A 50 5.53 -2.97 4.59
N ALA A 51 5.80 -1.70 4.37
CA ALA A 51 5.04 -0.90 3.42
C ALA A 51 5.92 -0.03 2.51
N GLU A 52 5.44 0.20 1.30
CA GLU A 52 6.24 0.84 0.23
C GLU A 52 5.39 1.34 -0.95
N LEU A 53 5.92 2.35 -1.65
CA LEU A 53 5.32 3.06 -2.79
C LEU A 53 6.00 2.68 -4.11
N ARG A 54 5.20 2.28 -5.11
CA ARG A 54 5.71 1.95 -6.43
C ARG A 54 6.18 3.22 -7.13
N TYR A 55 7.38 3.15 -7.68
CA TYR A 55 7.99 4.23 -8.45
C TYR A 55 8.08 3.96 -9.97
N ASP A 56 8.08 5.03 -10.78
CA ASP A 56 8.11 4.93 -12.25
C ASP A 56 9.53 4.88 -12.83
N SER A 57 10.05 6.01 -13.30
CA SER A 57 11.34 6.13 -13.99
C SER A 57 12.51 5.78 -13.06
N LYS A 58 12.43 6.22 -11.79
CA LYS A 58 13.44 6.04 -10.73
C LYS A 58 12.81 5.92 -9.32
N GLY A 59 12.38 7.06 -8.75
CA GLY A 59 11.90 7.22 -7.36
C GLY A 59 10.62 8.05 -7.22
N ALA A 60 9.95 8.37 -8.34
CA ALA A 60 8.75 9.21 -8.38
C ALA A 60 7.48 8.36 -8.09
N PRO A 61 6.64 8.72 -7.10
CA PRO A 61 5.51 7.91 -6.63
C PRO A 61 4.36 7.86 -7.65
N THR A 62 4.11 6.67 -8.20
CA THR A 62 3.11 6.39 -9.25
C THR A 62 1.65 6.68 -8.90
N GLY A 63 1.33 6.76 -7.60
CA GLY A 63 -0.04 6.65 -7.10
C GLY A 63 -0.44 5.22 -6.69
N ILE A 64 0.51 4.29 -6.59
CA ILE A 64 0.33 2.89 -6.14
C ILE A 64 1.28 2.58 -4.98
N ALA A 65 0.81 1.81 -4.00
CA ALA A 65 1.53 1.42 -2.78
C ALA A 65 1.10 0.04 -2.30
N VAL A 66 1.91 -0.60 -1.47
CA VAL A 66 1.61 -1.91 -0.87
C VAL A 66 1.92 -1.84 0.62
N VAL A 67 1.06 -2.46 1.45
CA VAL A 67 1.15 -2.45 2.91
C VAL A 67 0.95 -3.89 3.39
N GLU A 68 1.92 -4.39 4.14
CA GLU A 68 1.84 -5.64 4.87
C GLU A 68 1.43 -5.33 6.31
N TYR A 69 0.24 -5.79 6.67
CA TYR A 69 -0.23 -5.85 8.04
C TYR A 69 0.31 -7.08 8.79
N ASP A 70 0.24 -7.05 10.12
CA ASP A 70 0.62 -8.16 11.00
C ASP A 70 -0.14 -9.47 10.71
N ASN A 71 -1.37 -9.35 10.21
CA ASN A 71 -2.28 -10.44 9.96
C ASN A 71 -3.38 -10.02 8.95
N VAL A 72 -3.86 -11.01 8.20
CA VAL A 72 -5.00 -10.93 7.25
C VAL A 72 -6.30 -10.28 7.76
N ASP A 73 -6.62 -10.28 9.06
CA ASP A 73 -7.84 -9.62 9.55
C ASP A 73 -7.71 -8.09 9.69
N ASP A 74 -6.50 -7.56 9.86
CA ASP A 74 -6.26 -6.11 9.84
C ASP A 74 -6.34 -5.54 8.40
N ALA A 75 -6.00 -6.32 7.38
CA ALA A 75 -6.35 -5.99 6.00
C ALA A 75 -7.86 -5.82 5.80
N ASP A 76 -8.66 -6.65 6.47
CA ASP A 76 -10.12 -6.59 6.35
C ASP A 76 -10.71 -5.34 7.01
N VAL A 77 -10.02 -4.80 8.03
CA VAL A 77 -10.31 -3.47 8.59
C VAL A 77 -9.89 -2.38 7.59
N CYS A 78 -8.69 -2.46 7.00
CA CYS A 78 -8.18 -1.52 5.99
C CYS A 78 -9.17 -1.34 4.82
N ILE A 79 -9.69 -2.45 4.31
CA ILE A 79 -10.67 -2.52 3.21
C ILE A 79 -12.05 -1.90 3.56
N GLU A 80 -12.31 -1.51 4.81
CA GLU A 80 -13.49 -0.79 5.26
C GLU A 80 -13.14 0.66 5.64
N ARG A 81 -11.86 0.92 5.98
CA ARG A 81 -11.46 2.15 6.65
C ARG A 81 -10.72 3.14 5.73
N LEU A 82 -9.72 2.65 4.99
CA LEU A 82 -8.96 3.47 4.01
C LEU A 82 -9.57 3.45 2.60
N ASN A 83 -10.48 2.51 2.31
CA ASN A 83 -10.95 2.16 0.96
C ASN A 83 -12.02 3.10 0.37
N ASN A 84 -11.89 4.38 0.69
CA ASN A 84 -12.89 5.45 0.57
C ASN A 84 -12.35 6.77 1.17
N TYR A 85 -11.45 6.67 2.15
CA TYR A 85 -10.81 7.80 2.82
C TYR A 85 -10.19 8.81 1.84
N ASN A 86 -10.47 10.09 2.07
CA ASN A 86 -9.96 11.20 1.26
C ASN A 86 -8.56 11.62 1.73
N TYR A 87 -7.56 11.32 0.90
CA TYR A 87 -6.15 11.59 1.18
C TYR A 87 -5.55 12.41 0.03
N GLY A 88 -5.05 13.62 0.33
CA GLY A 88 -4.48 14.49 -0.70
C GLY A 88 -5.51 15.13 -1.65
N GLY A 89 -6.80 14.85 -1.44
CA GLY A 89 -7.89 15.15 -2.38
C GLY A 89 -8.36 13.96 -3.23
N CYS A 90 -7.95 12.72 -2.89
CA CYS A 90 -8.26 11.51 -3.66
C CYS A 90 -8.92 10.47 -2.75
N ASP A 91 -10.09 9.95 -3.15
CA ASP A 91 -10.73 8.81 -2.51
C ASP A 91 -9.88 7.56 -2.79
N LEU A 92 -9.05 7.13 -1.83
CA LEU A 92 -8.18 5.96 -1.98
C LEU A 92 -8.92 4.67 -2.32
N ASP A 93 -8.22 3.78 -3.04
CA ASP A 93 -8.72 2.47 -3.46
C ASP A 93 -7.83 1.36 -2.86
N ILE A 94 -8.44 0.49 -2.05
CA ILE A 94 -7.74 -0.47 -1.17
C ILE A 94 -8.29 -1.89 -1.40
N SER A 95 -7.40 -2.88 -1.48
CA SER A 95 -7.80 -4.29 -1.64
C SER A 95 -6.67 -5.24 -1.22
N TYR A 96 -6.97 -6.54 -1.09
CA TYR A 96 -5.94 -7.56 -0.96
C TYR A 96 -5.03 -7.59 -2.19
N ALA A 97 -3.72 -7.59 -1.97
CA ALA A 97 -2.75 -7.68 -3.05
C ALA A 97 -2.70 -9.11 -3.61
N LYS A 98 -3.02 -9.25 -4.89
CA LYS A 98 -2.64 -10.42 -5.71
C LYS A 98 -1.29 -10.09 -6.38
N ARG A 99 -0.19 -10.64 -5.84
CA ARG A 99 1.15 -10.59 -6.43
C ARG A 99 1.40 -11.89 -7.23
N LEU A 100 1.62 -11.75 -8.54
CA LEU A 100 1.70 -12.85 -9.51
C LEU A 100 2.99 -13.69 -9.38
N GLY A 1 17.00 3.19 7.58
CA GLY A 1 16.23 2.42 6.56
C GLY A 1 17.13 1.90 5.45
N SER A 2 16.52 1.44 4.35
CA SER A 2 17.21 0.93 3.14
C SER A 2 16.28 0.88 1.91
N VAL A 3 16.82 0.51 0.73
CA VAL A 3 16.07 0.30 -0.51
C VAL A 3 16.76 -0.78 -1.36
N ASN A 4 15.99 -1.77 -1.80
CA ASN A 4 16.49 -3.09 -2.22
C ASN A 4 15.64 -3.67 -3.36
N GLU A 5 16.14 -4.71 -4.04
CA GLU A 5 15.39 -5.47 -5.05
C GLU A 5 14.21 -6.25 -4.44
N GLU A 6 14.30 -6.69 -3.18
CA GLU A 6 13.19 -7.28 -2.44
C GLU A 6 12.00 -6.32 -2.38
N ALA A 7 12.27 -5.06 -2.03
CA ALA A 7 11.23 -4.04 -2.01
C ALA A 7 10.74 -3.61 -3.40
N ARG A 8 11.48 -3.98 -4.46
CA ARG A 8 10.95 -3.80 -5.81
C ARG A 8 9.90 -4.86 -6.11
N LYS A 9 10.22 -6.13 -5.85
CA LYS A 9 9.33 -7.30 -6.03
C LYS A 9 8.08 -7.26 -5.11
N PHE A 10 8.14 -6.44 -4.05
CA PHE A 10 7.02 -6.07 -3.17
C PHE A 10 6.01 -5.07 -3.79
N THR A 11 6.33 -4.39 -4.90
CA THR A 11 5.41 -3.51 -5.67
C THR A 11 5.39 -3.75 -7.17
N GLU A 12 6.26 -4.62 -7.69
CA GLU A 12 6.30 -5.07 -9.07
C GLU A 12 5.55 -6.40 -9.25
N ASN A 13 4.73 -6.48 -10.31
CA ASN A 13 3.83 -7.61 -10.63
C ASN A 13 2.69 -7.77 -9.61
N VAL A 14 2.37 -6.71 -8.84
CA VAL A 14 1.32 -6.66 -7.83
C VAL A 14 0.09 -5.98 -8.44
N VAL A 15 -1.09 -6.54 -8.17
CA VAL A 15 -2.37 -6.04 -8.67
C VAL A 15 -3.45 -6.26 -7.60
N GLY A 16 -4.48 -5.42 -7.62
CA GLY A 16 -5.55 -5.43 -6.63
C GLY A 16 -6.60 -6.54 -6.83
N GLY A 17 -7.38 -6.80 -5.79
CA GLY A 17 -8.59 -7.65 -5.83
C GLY A 17 -8.32 -9.15 -5.62
N GLY A 18 -7.26 -9.49 -4.89
CA GLY A 18 -6.80 -10.88 -4.69
C GLY A 18 -7.59 -11.70 -3.65
N GLU A 19 -7.10 -12.92 -3.44
CA GLU A 19 -7.47 -13.78 -2.32
C GLU A 19 -7.09 -13.13 -0.97
N ARG A 20 -7.71 -13.53 0.14
CA ARG A 20 -7.47 -12.93 1.45
C ARG A 20 -6.10 -13.37 1.95
N ASN A 21 -5.20 -12.41 2.08
CA ASN A 21 -3.85 -12.61 2.58
C ASN A 21 -3.34 -11.32 3.26
N ARG A 22 -2.41 -11.36 4.23
CA ARG A 22 -1.99 -10.13 4.97
C ARG A 22 -1.53 -8.91 4.13
N LEU A 23 -1.20 -9.13 2.86
CA LEU A 23 -0.73 -8.12 1.91
C LEU A 23 -1.89 -7.33 1.29
N ILE A 24 -1.86 -6.00 1.45
CA ILE A 24 -2.83 -5.03 0.91
C ILE A 24 -2.14 -4.19 -0.17
N TYR A 25 -2.78 -4.09 -1.32
CA TYR A 25 -2.41 -3.23 -2.45
C TYR A 25 -3.31 -1.98 -2.42
N CYS A 26 -2.70 -0.79 -2.37
CA CYS A 26 -3.40 0.49 -2.48
C CYS A 26 -3.12 1.16 -3.83
N SER A 27 -4.12 1.83 -4.38
CA SER A 27 -4.02 2.62 -5.61
C SER A 27 -4.76 3.97 -5.48
N ASN A 28 -4.63 4.84 -6.49
CA ASN A 28 -5.15 6.20 -6.50
C ASN A 28 -4.53 7.11 -5.39
N LEU A 29 -3.32 6.77 -4.90
CA LEU A 29 -2.58 7.63 -3.95
C LEU A 29 -2.23 8.98 -4.60
N PRO A 30 -2.23 10.10 -3.84
CA PRO A 30 -1.72 11.37 -4.33
C PRO A 30 -0.19 11.30 -4.50
N PHE A 31 0.33 12.01 -5.50
CA PHE A 31 1.76 12.03 -5.86
C PHE A 31 2.64 12.66 -4.75
N SER A 32 2.02 13.34 -3.78
CA SER A 32 2.68 13.91 -2.59
C SER A 32 2.90 12.90 -1.44
N THR A 33 2.49 11.63 -1.61
CA THR A 33 2.71 10.56 -0.61
C THR A 33 4.20 10.24 -0.49
N ALA A 34 4.62 9.82 0.70
CA ALA A 34 5.99 9.45 1.05
C ALA A 34 5.94 8.25 2.00
N LYS A 35 6.94 7.38 1.97
CA LYS A 35 6.92 6.11 2.69
C LYS A 35 6.74 6.30 4.22
N SER A 36 7.27 7.39 4.77
CA SER A 36 7.12 7.72 6.20
C SER A 36 5.69 8.17 6.55
N ASP A 37 5.02 8.88 5.64
CA ASP A 37 3.59 9.25 5.75
C ASP A 37 2.67 8.05 5.51
N LEU A 38 3.08 7.13 4.63
CA LEU A 38 2.37 5.89 4.30
C LEU A 38 2.37 4.89 5.45
N TYR A 39 3.46 4.78 6.21
CA TYR A 39 3.44 4.01 7.46
C TYR A 39 2.44 4.59 8.48
N ASP A 40 2.44 5.91 8.70
CA ASP A 40 1.52 6.55 9.64
C ASP A 40 0.05 6.39 9.23
N LEU A 41 -0.23 6.47 7.91
CA LEU A 41 -1.56 6.33 7.31
C LEU A 41 -2.20 4.97 7.60
N PHE A 42 -1.47 3.87 7.40
CA PHE A 42 -1.98 2.52 7.63
C PHE A 42 -1.81 2.06 9.06
N GLU A 43 -0.95 2.70 9.87
CA GLU A 43 -0.88 2.38 11.30
C GLU A 43 -2.18 2.76 12.04
N THR A 44 -3.10 3.51 11.41
CA THR A 44 -4.46 3.81 11.90
C THR A 44 -5.38 2.58 11.97
N ILE A 45 -5.13 1.57 11.13
CA ILE A 45 -5.76 0.23 11.19
C ILE A 45 -5.25 -0.54 12.41
N GLY A 46 -3.99 -0.28 12.80
CA GLY A 46 -3.36 -0.78 14.01
C GLY A 46 -1.90 -1.25 13.86
N LYS A 47 -1.39 -1.51 12.64
CA LYS A 47 -0.09 -2.18 12.47
C LYS A 47 0.51 -1.85 11.10
N VAL A 48 1.80 -2.12 10.94
CA VAL A 48 2.51 -2.23 9.65
C VAL A 48 3.81 -3.03 9.91
N ASN A 49 4.22 -3.94 9.02
CA ASN A 49 5.55 -4.56 9.10
C ASN A 49 6.44 -4.13 7.93
N ASN A 50 5.81 -3.90 6.76
CA ASN A 50 6.47 -3.67 5.50
C ASN A 50 5.50 -2.88 4.64
N ALA A 51 5.73 -1.59 4.47
CA ALA A 51 4.90 -0.74 3.63
C ALA A 51 5.72 0.18 2.74
N GLU A 52 5.32 0.32 1.48
CA GLU A 52 6.18 0.81 0.42
C GLU A 52 5.36 1.35 -0.76
N LEU A 53 5.86 2.45 -1.33
CA LEU A 53 5.38 3.09 -2.56
C LEU A 53 6.05 2.45 -3.78
N ARG A 54 5.29 2.28 -4.86
CA ARG A 54 5.84 1.91 -6.16
C ARG A 54 6.28 3.15 -6.91
N TYR A 55 7.40 3.02 -7.60
CA TYR A 55 7.90 4.04 -8.52
C TYR A 55 7.94 3.59 -10.00
N ASP A 56 8.33 4.47 -10.91
CA ASP A 56 8.63 4.11 -12.32
C ASP A 56 9.76 4.95 -12.94
N SER A 57 9.72 6.29 -12.83
CA SER A 57 10.67 7.18 -13.51
C SER A 57 12.11 7.10 -12.97
N LYS A 58 12.27 6.63 -11.72
CA LYS A 58 13.46 6.31 -10.91
C LYS A 58 13.04 6.13 -9.43
N GLY A 59 12.51 7.21 -8.83
CA GLY A 59 11.99 7.26 -7.46
C GLY A 59 10.65 8.00 -7.30
N ALA A 60 9.99 8.33 -8.42
CA ALA A 60 8.74 9.11 -8.43
C ALA A 60 7.53 8.23 -8.08
N PRO A 61 6.71 8.56 -7.05
CA PRO A 61 5.57 7.77 -6.60
C PRO A 61 4.47 7.73 -7.65
N THR A 62 4.15 6.51 -8.11
CA THR A 62 3.22 6.22 -9.21
C THR A 62 1.74 6.50 -8.92
N GLY A 63 1.37 6.64 -7.65
CA GLY A 63 -0.02 6.52 -7.19
C GLY A 63 -0.40 5.10 -6.76
N ILE A 64 0.57 4.17 -6.64
CA ILE A 64 0.40 2.78 -6.17
C ILE A 64 1.33 2.51 -4.97
N ALA A 65 0.86 1.74 -4.00
CA ALA A 65 1.57 1.35 -2.77
C ALA A 65 1.14 -0.05 -2.34
N VAL A 66 1.95 -0.69 -1.49
CA VAL A 66 1.63 -2.00 -0.87
C VAL A 66 1.95 -1.93 0.61
N VAL A 67 1.06 -2.48 1.44
CA VAL A 67 1.14 -2.49 2.91
C VAL A 67 0.92 -3.91 3.39
N GLU A 68 1.94 -4.42 4.07
CA GLU A 68 1.88 -5.67 4.81
C GLU A 68 1.49 -5.37 6.25
N TYR A 69 0.30 -5.81 6.62
CA TYR A 69 -0.14 -5.88 8.00
C TYR A 69 0.41 -7.12 8.72
N ASP A 70 0.39 -7.10 10.05
CA ASP A 70 0.78 -8.24 10.91
C ASP A 70 0.01 -9.53 10.60
N ASN A 71 -1.23 -9.40 10.12
CA ASN A 71 -2.18 -10.47 9.90
C ASN A 71 -3.31 -10.02 8.94
N VAL A 72 -3.84 -10.99 8.19
CA VAL A 72 -5.03 -10.87 7.32
C VAL A 72 -6.28 -10.21 7.96
N ASP A 73 -6.52 -10.32 9.27
CA ASP A 73 -7.72 -9.72 9.89
C ASP A 73 -7.66 -8.17 9.94
N ASP A 74 -6.46 -7.59 10.03
CA ASP A 74 -6.26 -6.14 9.92
C ASP A 74 -6.44 -5.62 8.49
N ALA A 75 -6.20 -6.45 7.46
CA ALA A 75 -6.49 -6.09 6.08
C ALA A 75 -8.00 -5.90 5.83
N ASP A 76 -8.87 -6.69 6.48
CA ASP A 76 -10.33 -6.50 6.38
C ASP A 76 -10.77 -5.16 6.98
N VAL A 77 -10.08 -4.68 8.02
CA VAL A 77 -10.28 -3.33 8.58
C VAL A 77 -9.81 -2.28 7.58
N CYS A 78 -8.61 -2.44 6.98
CA CYS A 78 -8.08 -1.55 5.95
C CYS A 78 -9.07 -1.34 4.79
N ILE A 79 -9.62 -2.44 4.29
CA ILE A 79 -10.62 -2.50 3.20
C ILE A 79 -11.98 -1.86 3.58
N GLU A 80 -12.19 -1.47 4.84
CA GLU A 80 -13.36 -0.73 5.30
C GLU A 80 -12.98 0.73 5.65
N ARG A 81 -11.70 0.97 5.97
CA ARG A 81 -11.26 2.22 6.63
C ARG A 81 -10.58 3.19 5.64
N LEU A 82 -9.57 2.69 4.91
CA LEU A 82 -8.81 3.50 3.94
C LEU A 82 -9.46 3.48 2.54
N ASN A 83 -10.29 2.50 2.24
CA ASN A 83 -10.87 2.17 0.91
C ASN A 83 -11.99 3.14 0.43
N ASN A 84 -11.91 4.36 0.95
CA ASN A 84 -12.98 5.34 1.18
C ASN A 84 -12.47 6.64 1.87
N TYR A 85 -11.18 6.76 2.18
CA TYR A 85 -10.59 7.89 2.89
C TYR A 85 -10.06 8.93 1.91
N ASN A 86 -10.43 10.20 2.11
CA ASN A 86 -9.95 11.33 1.31
C ASN A 86 -8.52 11.71 1.73
N TYR A 87 -7.55 11.44 0.85
CA TYR A 87 -6.13 11.73 1.04
C TYR A 87 -5.59 12.47 -0.19
N GLY A 88 -5.04 13.67 0.02
CA GLY A 88 -4.61 14.53 -1.08
C GLY A 88 -5.78 14.97 -1.98
N GLY A 89 -6.98 15.10 -1.39
CA GLY A 89 -8.21 15.51 -2.09
C GLY A 89 -8.87 14.43 -2.95
N CYS A 90 -8.65 13.12 -2.69
CA CYS A 90 -9.19 12.04 -3.51
C CYS A 90 -9.39 10.77 -2.67
N ASP A 91 -10.46 10.03 -2.94
CA ASP A 91 -10.79 8.77 -2.27
C ASP A 91 -9.81 7.67 -2.68
N LEU A 92 -8.95 7.23 -1.76
CA LEU A 92 -8.08 6.08 -1.96
C LEU A 92 -8.83 4.78 -2.29
N ASP A 93 -8.16 3.89 -3.01
CA ASP A 93 -8.67 2.58 -3.43
C ASP A 93 -7.81 1.45 -2.85
N ILE A 94 -8.44 0.57 -2.07
CA ILE A 94 -7.74 -0.43 -1.24
C ILE A 94 -8.29 -1.85 -1.50
N SER A 95 -7.41 -2.84 -1.57
CA SER A 95 -7.80 -4.26 -1.71
C SER A 95 -6.69 -5.22 -1.28
N TYR A 96 -6.99 -6.51 -1.15
CA TYR A 96 -5.97 -7.54 -1.04
C TYR A 96 -5.07 -7.59 -2.27
N ALA A 97 -3.76 -7.66 -2.04
CA ALA A 97 -2.79 -7.79 -3.12
C ALA A 97 -2.79 -9.21 -3.68
N LYS A 98 -3.04 -9.32 -4.99
CA LYS A 98 -2.65 -10.46 -5.82
C LYS A 98 -1.32 -10.13 -6.52
N ARG A 99 -0.23 -10.81 -6.15
CA ARG A 99 1.05 -10.77 -6.83
C ARG A 99 1.14 -11.92 -7.85
N LEU A 100 1.36 -11.60 -9.13
CA LEU A 100 1.35 -12.52 -10.26
C LEU A 100 2.50 -13.56 -10.20
N GLY A 1 20.02 -3.10 3.28
CA GLY A 1 20.28 -1.65 3.14
C GLY A 1 19.00 -0.86 2.84
N SER A 2 19.15 0.41 2.46
CA SER A 2 18.02 1.36 2.31
C SER A 2 17.09 1.06 1.12
N VAL A 3 17.63 0.43 0.07
CA VAL A 3 16.93 0.14 -1.19
C VAL A 3 17.50 -1.15 -1.79
N ASN A 4 16.56 -2.07 -2.07
CA ASN A 4 16.81 -3.49 -2.32
C ASN A 4 15.89 -4.04 -3.41
N GLU A 5 16.27 -5.13 -4.06
CA GLU A 5 15.44 -5.83 -5.05
C GLU A 5 14.19 -6.48 -4.44
N GLU A 6 14.20 -6.86 -3.16
CA GLU A 6 12.97 -7.28 -2.49
C GLU A 6 11.94 -6.16 -2.35
N ALA A 7 12.38 -4.94 -2.05
CA ALA A 7 11.47 -3.81 -1.96
C ALA A 7 10.89 -3.44 -3.34
N ARG A 8 11.57 -3.83 -4.43
CA ARG A 8 11.05 -3.71 -5.79
C ARG A 8 10.00 -4.78 -6.03
N LYS A 9 10.34 -6.04 -5.75
CA LYS A 9 9.41 -7.18 -5.87
C LYS A 9 8.14 -7.04 -4.99
N PHE A 10 8.19 -6.18 -3.96
CA PHE A 10 7.06 -5.79 -3.11
C PHE A 10 6.06 -4.80 -3.76
N THR A 11 6.39 -4.16 -4.90
CA THR A 11 5.49 -3.32 -5.72
C THR A 11 5.47 -3.68 -7.20
N GLU A 12 6.41 -4.49 -7.67
CA GLU A 12 6.49 -5.02 -9.02
C GLU A 12 5.77 -6.38 -9.14
N ASN A 13 4.97 -6.56 -10.21
CA ASN A 13 4.12 -7.73 -10.48
C ASN A 13 2.96 -7.89 -9.47
N VAL A 14 2.60 -6.81 -8.77
CA VAL A 14 1.51 -6.69 -7.80
C VAL A 14 0.31 -6.05 -8.49
N VAL A 15 -0.90 -6.55 -8.20
CA VAL A 15 -2.18 -6.03 -8.72
C VAL A 15 -3.25 -6.25 -7.64
N GLY A 16 -4.27 -5.41 -7.61
CA GLY A 16 -5.33 -5.42 -6.59
C GLY A 16 -6.49 -6.38 -6.90
N GLY A 17 -7.28 -6.68 -5.87
CA GLY A 17 -8.52 -7.48 -5.96
C GLY A 17 -8.33 -8.98 -5.71
N GLY A 18 -7.34 -9.36 -4.89
CA GLY A 18 -6.96 -10.75 -4.62
C GLY A 18 -7.82 -11.49 -3.57
N GLU A 19 -7.46 -12.75 -3.33
CA GLU A 19 -7.91 -13.58 -2.21
C GLU A 19 -7.37 -13.00 -0.88
N ARG A 20 -7.90 -13.45 0.28
CA ARG A 20 -7.52 -12.89 1.57
C ARG A 20 -6.15 -13.44 1.97
N ASN A 21 -5.20 -12.54 2.03
CA ASN A 21 -3.81 -12.82 2.43
C ASN A 21 -3.20 -11.51 2.96
N ARG A 22 -2.45 -11.44 4.06
CA ARG A 22 -2.18 -10.17 4.80
C ARG A 22 -1.40 -9.02 4.08
N LEU A 23 -1.23 -9.08 2.76
CA LEU A 23 -0.67 -8.03 1.92
C LEU A 23 -1.80 -7.22 1.25
N ILE A 24 -1.83 -5.92 1.49
CA ILE A 24 -2.77 -4.94 0.92
C ILE A 24 -2.07 -4.13 -0.17
N TYR A 25 -2.72 -4.04 -1.32
CA TYR A 25 -2.40 -3.17 -2.45
C TYR A 25 -3.33 -1.93 -2.38
N CYS A 26 -2.74 -0.73 -2.38
CA CYS A 26 -3.44 0.55 -2.46
C CYS A 26 -3.17 1.24 -3.79
N SER A 27 -4.18 1.89 -4.33
CA SER A 27 -4.09 2.71 -5.54
C SER A 27 -4.89 4.03 -5.41
N ASN A 28 -4.72 4.93 -6.37
CA ASN A 28 -5.25 6.31 -6.35
C ASN A 28 -4.66 7.19 -5.22
N LEU A 29 -3.45 6.89 -4.74
CA LEU A 29 -2.75 7.73 -3.75
C LEU A 29 -2.45 9.15 -4.31
N PRO A 30 -2.45 10.19 -3.46
CA PRO A 30 -2.02 11.54 -3.86
C PRO A 30 -0.51 11.56 -4.11
N PHE A 31 -0.07 12.35 -5.10
CA PHE A 31 1.30 12.34 -5.62
C PHE A 31 2.36 12.86 -4.63
N SER A 32 1.94 13.40 -3.48
CA SER A 32 2.81 13.91 -2.42
C SER A 32 3.13 12.85 -1.32
N THR A 33 2.59 11.62 -1.46
CA THR A 33 2.78 10.52 -0.48
C THR A 33 4.25 10.06 -0.44
N ALA A 34 4.69 9.63 0.74
CA ALA A 34 6.04 9.16 1.05
C ALA A 34 5.94 8.02 2.06
N LYS A 35 6.90 7.08 2.04
CA LYS A 35 6.85 5.85 2.84
C LYS A 35 6.65 6.13 4.35
N SER A 36 7.21 7.23 4.86
CA SER A 36 7.10 7.63 6.28
C SER A 36 5.68 8.12 6.65
N ASP A 37 5.00 8.80 5.73
CA ASP A 37 3.58 9.17 5.84
C ASP A 37 2.65 7.96 5.64
N LEU A 38 3.04 7.05 4.74
CA LEU A 38 2.28 5.85 4.39
C LEU A 38 2.24 4.85 5.55
N TYR A 39 3.36 4.62 6.24
CA TYR A 39 3.35 3.84 7.47
C TYR A 39 2.38 4.41 8.51
N ASP A 40 2.40 5.73 8.74
CA ASP A 40 1.53 6.37 9.74
C ASP A 40 0.04 6.27 9.36
N LEU A 41 -0.27 6.35 8.06
CA LEU A 41 -1.62 6.26 7.52
C LEU A 41 -2.26 4.89 7.79
N PHE A 42 -1.55 3.80 7.51
CA PHE A 42 -2.05 2.43 7.71
C PHE A 42 -1.80 1.96 9.14
N GLU A 43 -0.95 2.63 9.92
CA GLU A 43 -0.83 2.35 11.35
C GLU A 43 -2.11 2.75 12.13
N THR A 44 -3.03 3.53 11.52
CA THR A 44 -4.36 3.84 12.09
C THR A 44 -5.29 2.62 12.18
N ILE A 45 -5.14 1.65 11.26
CA ILE A 45 -5.81 0.34 11.33
C ILE A 45 -5.29 -0.45 12.55
N GLY A 46 -3.97 -0.39 12.76
CA GLY A 46 -3.30 -0.92 13.94
C GLY A 46 -1.79 -1.09 13.82
N LYS A 47 -1.22 -1.38 12.63
CA LYS A 47 0.14 -1.88 12.55
C LYS A 47 0.62 -1.97 11.11
N VAL A 48 1.90 -1.73 10.84
CA VAL A 48 2.52 -1.97 9.54
C VAL A 48 3.94 -2.50 9.76
N ASN A 49 4.35 -3.51 8.98
CA ASN A 49 5.66 -4.16 9.15
C ASN A 49 6.55 -3.97 7.92
N ASN A 50 5.90 -3.81 6.76
CA ASN A 50 6.53 -3.69 5.46
C ASN A 50 5.57 -2.90 4.59
N ALA A 51 5.85 -1.63 4.34
CA ALA A 51 5.07 -0.85 3.39
C ALA A 51 5.93 0.05 2.49
N GLU A 52 5.42 0.30 1.29
CA GLU A 52 6.24 0.89 0.21
C GLU A 52 5.39 1.38 -0.99
N LEU A 53 5.92 2.39 -1.69
CA LEU A 53 5.31 3.09 -2.83
C LEU A 53 5.99 2.72 -4.14
N ARG A 54 5.20 2.33 -5.14
CA ARG A 54 5.72 2.04 -6.47
C ARG A 54 6.20 3.31 -7.15
N TYR A 55 7.38 3.22 -7.76
CA TYR A 55 7.98 4.30 -8.54
C TYR A 55 8.01 4.04 -10.06
N ASP A 56 8.02 5.14 -10.84
CA ASP A 56 7.82 5.16 -12.28
C ASP A 56 9.13 4.90 -13.05
N SER A 57 9.92 5.95 -13.33
CA SER A 57 11.23 5.83 -13.99
C SER A 57 12.30 5.32 -13.00
N LYS A 58 12.42 5.98 -11.85
CA LYS A 58 13.52 5.78 -10.87
C LYS A 58 13.02 5.86 -9.41
N GLY A 59 12.58 7.05 -8.98
CA GLY A 59 12.11 7.36 -7.61
C GLY A 59 10.86 8.25 -7.54
N ALA A 60 10.22 8.53 -8.69
CA ALA A 60 9.03 9.37 -8.78
C ALA A 60 7.77 8.50 -8.54
N PRO A 61 6.80 8.94 -7.72
CA PRO A 61 5.62 8.15 -7.36
C PRO A 61 4.68 7.91 -8.55
N THR A 62 3.69 7.04 -8.33
CA THR A 62 2.79 6.48 -9.36
C THR A 62 1.31 6.55 -9.02
N GLY A 63 0.97 6.85 -7.76
CA GLY A 63 -0.36 6.65 -7.20
C GLY A 63 -0.62 5.23 -6.68
N ILE A 64 0.40 4.36 -6.59
CA ILE A 64 0.28 2.95 -6.13
C ILE A 64 1.25 2.66 -4.97
N ALA A 65 0.79 1.88 -3.99
CA ALA A 65 1.51 1.50 -2.78
C ALA A 65 1.08 0.11 -2.30
N VAL A 66 1.91 -0.52 -1.46
CA VAL A 66 1.64 -1.85 -0.88
C VAL A 66 1.96 -1.80 0.61
N VAL A 67 1.13 -2.45 1.43
CA VAL A 67 1.19 -2.45 2.90
C VAL A 67 0.99 -3.88 3.39
N GLU A 68 1.97 -4.37 4.13
CA GLU A 68 1.89 -5.61 4.88
C GLU A 68 1.36 -5.31 6.28
N TYR A 69 0.18 -5.84 6.56
CA TYR A 69 -0.37 -5.93 7.91
C TYR A 69 0.16 -7.17 8.65
N ASP A 70 0.15 -7.10 9.98
CA ASP A 70 0.62 -8.17 10.88
C ASP A 70 -0.26 -9.42 10.87
N ASN A 71 -1.53 -9.27 10.48
CA ASN A 71 -2.55 -10.30 10.43
C ASN A 71 -3.63 -9.88 9.42
N VAL A 72 -4.13 -10.86 8.66
CA VAL A 72 -5.11 -10.68 7.57
C VAL A 72 -6.45 -10.01 7.96
N ASP A 73 -6.88 -10.03 9.22
CA ASP A 73 -8.09 -9.30 9.65
C ASP A 73 -7.88 -7.78 9.76
N ASP A 74 -6.66 -7.32 10.02
CA ASP A 74 -6.32 -5.89 9.97
C ASP A 74 -6.37 -5.36 8.53
N ALA A 75 -6.01 -6.19 7.53
CA ALA A 75 -6.28 -5.91 6.13
C ALA A 75 -7.79 -5.80 5.83
N ASP A 76 -8.64 -6.63 6.45
CA ASP A 76 -10.10 -6.53 6.26
C ASP A 76 -10.66 -5.24 6.89
N VAL A 77 -10.10 -4.79 8.01
CA VAL A 77 -10.35 -3.44 8.57
C VAL A 77 -9.90 -2.35 7.58
N CYS A 78 -8.69 -2.46 7.02
CA CYS A 78 -8.16 -1.51 6.03
C CYS A 78 -9.11 -1.35 4.83
N ILE A 79 -9.58 -2.49 4.30
CA ILE A 79 -10.57 -2.58 3.21
C ILE A 79 -11.95 -1.99 3.56
N GLU A 80 -12.21 -1.60 4.81
CA GLU A 80 -13.40 -0.86 5.23
C GLU A 80 -13.06 0.59 5.58
N ARG A 81 -11.80 0.87 5.94
CA ARG A 81 -11.41 2.11 6.62
C ARG A 81 -10.69 3.10 5.71
N LEU A 82 -9.70 2.64 4.93
CA LEU A 82 -8.97 3.48 3.97
C LEU A 82 -9.61 3.45 2.57
N ASN A 83 -10.41 2.42 2.26
CA ASN A 83 -10.95 2.08 0.92
C ASN A 83 -12.08 3.00 0.41
N ASN A 84 -12.07 4.20 0.94
CA ASN A 84 -13.19 5.16 1.04
C ASN A 84 -12.76 6.51 1.67
N TYR A 85 -11.49 6.68 2.04
CA TYR A 85 -10.94 7.87 2.70
C TYR A 85 -10.32 8.81 1.65
N ASN A 86 -10.73 10.09 1.67
CA ASN A 86 -10.10 11.13 0.87
C ASN A 86 -8.76 11.52 1.52
N TYR A 87 -7.66 11.06 0.93
CA TYR A 87 -6.28 11.38 1.35
C TYR A 87 -5.66 12.33 0.33
N GLY A 88 -5.23 13.51 0.76
CA GLY A 88 -4.62 14.49 -0.15
C GLY A 88 -5.55 14.91 -1.30
N GLY A 89 -6.86 14.92 -1.05
CA GLY A 89 -7.91 15.17 -2.05
C GLY A 89 -8.25 13.99 -2.96
N CYS A 90 -7.79 12.76 -2.66
CA CYS A 90 -7.92 11.58 -3.53
C CYS A 90 -8.59 10.45 -2.74
N ASP A 91 -9.78 10.01 -3.19
CA ASP A 91 -10.51 8.90 -2.57
C ASP A 91 -9.81 7.57 -2.86
N LEU A 92 -9.02 7.08 -1.90
CA LEU A 92 -8.18 5.90 -2.05
C LEU A 92 -8.96 4.61 -2.40
N ASP A 93 -8.26 3.72 -3.09
CA ASP A 93 -8.73 2.40 -3.51
C ASP A 93 -7.85 1.31 -2.88
N ILE A 94 -8.45 0.50 -2.01
CA ILE A 94 -7.73 -0.47 -1.16
C ILE A 94 -8.24 -1.90 -1.39
N SER A 95 -7.34 -2.87 -1.51
CA SER A 95 -7.71 -4.29 -1.67
C SER A 95 -6.56 -5.23 -1.28
N TYR A 96 -6.83 -6.53 -1.22
CA TYR A 96 -5.78 -7.54 -1.12
C TYR A 96 -4.94 -7.61 -2.40
N ALA A 97 -3.62 -7.75 -2.24
CA ALA A 97 -2.73 -7.99 -3.36
C ALA A 97 -2.87 -9.43 -3.89
N LYS A 98 -2.64 -9.60 -5.20
CA LYS A 98 -2.61 -10.90 -5.92
C LYS A 98 -1.36 -11.00 -6.81
N ARG A 99 -0.21 -10.69 -6.21
CA ARG A 99 1.14 -10.72 -6.78
C ARG A 99 1.39 -11.98 -7.64
N LEU A 100 1.76 -11.79 -8.92
CA LEU A 100 2.00 -12.85 -9.90
C LEU A 100 3.29 -13.64 -9.60
N GLY A 1 17.91 3.90 4.48
CA GLY A 1 17.46 2.76 3.65
C GLY A 1 17.84 2.96 2.18
N SER A 2 18.59 2.02 1.59
CA SER A 2 19.25 2.21 0.28
C SER A 2 18.41 1.79 -0.95
N VAL A 3 17.28 1.10 -0.74
CA VAL A 3 16.38 0.50 -1.76
C VAL A 3 17.04 -0.74 -2.41
N ASN A 4 16.22 -1.76 -2.70
CA ASN A 4 16.67 -3.11 -3.08
C ASN A 4 15.68 -3.74 -4.08
N GLU A 5 16.10 -4.78 -4.80
CA GLU A 5 15.20 -5.52 -5.71
C GLU A 5 14.04 -6.21 -5.00
N GLU A 6 14.16 -6.54 -3.70
CA GLU A 6 12.99 -7.01 -2.93
C GLU A 6 11.93 -5.93 -2.72
N ALA A 7 12.33 -4.69 -2.43
CA ALA A 7 11.36 -3.60 -2.31
C ALA A 7 10.68 -3.31 -3.66
N ARG A 8 11.32 -3.68 -4.78
CA ARG A 8 10.68 -3.63 -6.10
C ARG A 8 9.71 -4.78 -6.25
N LYS A 9 10.14 -6.00 -5.97
CA LYS A 9 9.25 -7.19 -6.03
C LYS A 9 8.03 -7.10 -5.07
N PHE A 10 8.09 -6.23 -4.05
CA PHE A 10 6.98 -5.89 -3.16
C PHE A 10 5.90 -4.98 -3.79
N THR A 11 6.18 -4.27 -4.90
CA THR A 11 5.22 -3.45 -5.70
C THR A 11 5.18 -3.81 -7.18
N GLU A 12 6.04 -4.69 -7.64
CA GLU A 12 6.14 -5.15 -9.03
C GLU A 12 5.51 -6.54 -9.18
N ASN A 13 4.73 -6.76 -10.26
CA ASN A 13 3.97 -7.99 -10.54
C ASN A 13 2.88 -8.27 -9.48
N VAL A 14 2.31 -7.20 -8.91
CA VAL A 14 1.18 -7.17 -7.97
C VAL A 14 0.08 -6.28 -8.53
N VAL A 15 -1.16 -6.64 -8.22
CA VAL A 15 -2.39 -5.98 -8.68
C VAL A 15 -3.46 -6.18 -7.60
N GLY A 16 -4.48 -5.31 -7.60
CA GLY A 16 -5.54 -5.33 -6.59
C GLY A 16 -6.57 -6.43 -6.81
N GLY A 17 -7.29 -6.77 -5.74
CA GLY A 17 -8.50 -7.61 -5.77
C GLY A 17 -8.22 -9.10 -5.60
N GLY A 18 -7.20 -9.45 -4.81
CA GLY A 18 -6.77 -10.83 -4.59
C GLY A 18 -7.61 -11.63 -3.61
N GLU A 19 -7.14 -12.85 -3.34
CA GLU A 19 -7.60 -13.68 -2.21
C GLU A 19 -7.18 -13.04 -0.87
N ARG A 20 -7.73 -13.52 0.25
CA ARG A 20 -7.46 -12.95 1.57
C ARG A 20 -6.09 -13.39 2.03
N ASN A 21 -5.19 -12.42 2.15
CA ASN A 21 -3.83 -12.61 2.66
C ASN A 21 -3.33 -11.32 3.33
N ARG A 22 -2.41 -11.35 4.32
CA ARG A 22 -2.02 -10.12 5.08
C ARG A 22 -1.52 -8.89 4.28
N LEU A 23 -1.26 -9.06 2.98
CA LEU A 23 -0.74 -8.07 2.06
C LEU A 23 -1.88 -7.27 1.40
N ILE A 24 -1.84 -5.94 1.50
CA ILE A 24 -2.79 -4.97 0.93
C ILE A 24 -2.07 -4.14 -0.13
N TYR A 25 -2.73 -3.98 -1.28
CA TYR A 25 -2.32 -3.15 -2.40
C TYR A 25 -3.26 -1.92 -2.45
N CYS A 26 -2.69 -0.71 -2.39
CA CYS A 26 -3.40 0.56 -2.46
C CYS A 26 -3.11 1.26 -3.80
N SER A 27 -4.11 1.94 -4.35
CA SER A 27 -3.99 2.67 -5.61
C SER A 27 -4.78 3.99 -5.60
N ASN A 28 -4.44 4.89 -6.55
CA ASN A 28 -4.92 6.27 -6.71
C ASN A 28 -4.26 7.31 -5.76
N LEU A 29 -3.24 6.91 -4.98
CA LEU A 29 -2.55 7.76 -3.99
C LEU A 29 -2.08 9.11 -4.59
N PRO A 30 -2.09 10.21 -3.81
CA PRO A 30 -1.56 11.50 -4.27
C PRO A 30 -0.04 11.45 -4.41
N PHE A 31 0.50 12.21 -5.37
CA PHE A 31 1.93 12.21 -5.73
C PHE A 31 2.83 12.81 -4.63
N SER A 32 2.23 13.37 -3.57
CA SER A 32 2.90 13.89 -2.37
C SER A 32 3.11 12.83 -1.26
N THR A 33 2.66 11.59 -1.46
CA THR A 33 2.83 10.48 -0.51
C THR A 33 4.32 10.08 -0.43
N ALA A 34 4.75 9.65 0.76
CA ALA A 34 6.10 9.19 1.08
C ALA A 34 5.99 8.04 2.09
N LYS A 35 6.96 7.13 2.10
CA LYS A 35 6.88 5.89 2.90
C LYS A 35 6.70 6.16 4.41
N SER A 36 7.25 7.26 4.93
CA SER A 36 7.07 7.68 6.33
C SER A 36 5.65 8.19 6.66
N ASP A 37 4.99 8.86 5.71
CA ASP A 37 3.57 9.23 5.80
C ASP A 37 2.66 8.01 5.60
N LEU A 38 3.06 7.08 4.72
CA LEU A 38 2.31 5.87 4.40
C LEU A 38 2.29 4.87 5.56
N TYR A 39 3.39 4.71 6.28
CA TYR A 39 3.38 3.93 7.53
C TYR A 39 2.39 4.51 8.55
N ASP A 40 2.39 5.83 8.78
CA ASP A 40 1.49 6.47 9.75
C ASP A 40 0.01 6.36 9.31
N LEU A 41 -0.25 6.41 8.01
CA LEU A 41 -1.60 6.30 7.43
C LEU A 41 -2.25 4.95 7.70
N PHE A 42 -1.54 3.84 7.48
CA PHE A 42 -2.06 2.49 7.70
C PHE A 42 -1.86 2.02 9.14
N GLU A 43 -1.00 2.67 9.92
CA GLU A 43 -0.90 2.38 11.36
C GLU A 43 -2.19 2.76 12.13
N THR A 44 -3.13 3.50 11.50
CA THR A 44 -4.49 3.78 12.00
C THR A 44 -5.40 2.55 12.09
N ILE A 45 -5.18 1.55 11.23
CA ILE A 45 -5.83 0.22 11.29
C ILE A 45 -5.31 -0.58 12.50
N GLY A 46 -4.03 -0.37 12.83
CA GLY A 46 -3.38 -0.95 14.01
C GLY A 46 -1.88 -1.17 13.86
N LYS A 47 -1.36 -1.45 12.65
CA LYS A 47 0.02 -1.92 12.49
C LYS A 47 0.47 -1.78 11.03
N VAL A 48 1.77 -1.80 10.82
CA VAL A 48 2.43 -2.02 9.53
C VAL A 48 3.79 -2.66 9.80
N ASN A 49 4.20 -3.67 9.01
CA ASN A 49 5.50 -4.35 9.20
C ASN A 49 6.44 -4.07 8.02
N ASN A 50 5.84 -3.88 6.84
CA ASN A 50 6.52 -3.72 5.57
C ASN A 50 5.57 -2.94 4.67
N ALA A 51 5.85 -1.67 4.42
CA ALA A 51 5.07 -0.88 3.47
C ALA A 51 5.93 0.01 2.59
N GLU A 52 5.45 0.24 1.36
CA GLU A 52 6.26 0.84 0.29
C GLU A 52 5.44 1.35 -0.91
N LEU A 53 6.00 2.33 -1.61
CA LEU A 53 5.43 3.08 -2.75
C LEU A 53 6.08 2.67 -4.07
N ARG A 54 5.27 2.30 -5.07
CA ARG A 54 5.76 1.96 -6.41
C ARG A 54 6.23 3.22 -7.12
N TYR A 55 7.40 3.14 -7.75
CA TYR A 55 7.99 4.23 -8.51
C TYR A 55 7.99 4.04 -10.03
N ASP A 56 8.01 5.16 -10.77
CA ASP A 56 8.08 5.18 -12.24
C ASP A 56 9.54 5.05 -12.72
N SER A 57 10.23 6.17 -12.99
CA SER A 57 11.56 6.18 -13.62
C SER A 57 12.70 5.80 -12.65
N LYS A 58 12.61 6.23 -11.39
CA LYS A 58 13.63 6.05 -10.33
C LYS A 58 13.01 6.01 -8.93
N GLY A 59 12.44 7.15 -8.51
CA GLY A 59 11.85 7.38 -7.17
C GLY A 59 10.53 8.17 -7.18
N ALA A 60 9.98 8.47 -8.37
CA ALA A 60 8.76 9.26 -8.52
C ALA A 60 7.52 8.41 -8.21
N PRO A 61 6.69 8.77 -7.19
CA PRO A 61 5.61 7.93 -6.69
C PRO A 61 4.43 7.86 -7.67
N THR A 62 4.18 6.66 -8.20
CA THR A 62 3.19 6.36 -9.26
C THR A 62 1.73 6.61 -8.88
N GLY A 63 1.43 6.74 -7.59
CA GLY A 63 0.05 6.65 -7.06
C GLY A 63 -0.35 5.22 -6.66
N ILE A 64 0.60 4.29 -6.53
CA ILE A 64 0.39 2.89 -6.09
C ILE A 64 1.35 2.55 -4.94
N ALA A 65 0.86 1.79 -3.95
CA ALA A 65 1.55 1.40 -2.73
C ALA A 65 1.16 -0.02 -2.31
N VAL A 66 1.97 -0.65 -1.47
CA VAL A 66 1.66 -1.94 -0.84
C VAL A 66 1.96 -1.85 0.66
N VAL A 67 1.11 -2.45 1.48
CA VAL A 67 1.16 -2.45 2.96
C VAL A 67 0.97 -3.88 3.45
N GLU A 68 1.97 -4.40 4.15
CA GLU A 68 1.90 -5.64 4.90
C GLU A 68 1.44 -5.34 6.32
N TYR A 69 0.26 -5.83 6.66
CA TYR A 69 -0.24 -5.89 8.03
C TYR A 69 0.29 -7.12 8.78
N ASP A 70 0.16 -7.13 10.11
CA ASP A 70 0.58 -8.24 10.96
C ASP A 70 -0.18 -9.55 10.69
N ASN A 71 -1.40 -9.44 10.16
CA ASN A 71 -2.38 -10.50 10.05
C ASN A 71 -3.51 -10.10 9.08
N VAL A 72 -3.96 -11.06 8.26
CA VAL A 72 -5.07 -10.93 7.27
C VAL A 72 -6.36 -10.24 7.76
N ASP A 73 -6.73 -10.30 9.04
CA ASP A 73 -7.93 -9.62 9.55
C ASP A 73 -7.78 -8.10 9.69
N ASP A 74 -6.55 -7.58 9.83
CA ASP A 74 -6.31 -6.13 9.81
C ASP A 74 -6.45 -5.53 8.41
N ALA A 75 -6.14 -6.31 7.37
CA ALA A 75 -6.47 -5.96 5.99
C ALA A 75 -7.98 -5.82 5.76
N ASP A 76 -8.81 -6.62 6.42
CA ASP A 76 -10.27 -6.50 6.32
C ASP A 76 -10.78 -5.20 6.97
N VAL A 77 -10.12 -4.74 8.04
CA VAL A 77 -10.35 -3.39 8.61
C VAL A 77 -9.90 -2.31 7.61
N CYS A 78 -8.71 -2.46 6.99
CA CYS A 78 -8.20 -1.53 5.98
C CYS A 78 -9.18 -1.34 4.81
N ILE A 79 -9.68 -2.45 4.28
CA ILE A 79 -10.65 -2.53 3.17
C ILE A 79 -12.04 -1.93 3.55
N GLU A 80 -12.24 -1.50 4.80
CA GLU A 80 -13.46 -0.90 5.33
C GLU A 80 -13.17 0.45 6.03
N ARG A 81 -11.90 0.91 6.06
CA ARG A 81 -11.50 2.18 6.67
C ARG A 81 -10.78 3.13 5.70
N LEU A 82 -9.71 2.66 5.05
CA LEU A 82 -8.95 3.46 4.06
C LEU A 82 -9.59 3.40 2.67
N ASN A 83 -10.41 2.38 2.38
CA ASN A 83 -11.00 2.09 1.05
C ASN A 83 -12.17 3.02 0.63
N ASN A 84 -12.08 4.24 1.14
CA ASN A 84 -13.17 5.15 1.54
C ASN A 84 -12.65 6.48 2.17
N TYR A 85 -11.33 6.68 2.30
CA TYR A 85 -10.71 7.83 2.94
C TYR A 85 -10.14 8.79 1.88
N ASN A 86 -10.55 10.05 1.90
CA ASN A 86 -9.97 11.09 1.05
C ASN A 86 -8.58 11.49 1.57
N TYR A 87 -7.57 11.28 0.74
CA TYR A 87 -6.18 11.65 0.99
C TYR A 87 -5.64 12.45 -0.21
N GLY A 88 -5.27 13.71 0.02
CA GLY A 88 -4.67 14.53 -1.03
C GLY A 88 -5.68 15.15 -2.02
N GLY A 89 -6.98 14.89 -1.83
CA GLY A 89 -8.05 15.22 -2.79
C GLY A 89 -8.44 14.03 -3.69
N CYS A 90 -8.35 12.79 -3.18
CA CYS A 90 -8.64 11.56 -3.92
C CYS A 90 -9.06 10.47 -2.93
N ASP A 91 -10.13 9.72 -3.24
CA ASP A 91 -10.74 8.77 -2.32
C ASP A 91 -10.08 7.40 -2.46
N LEU A 92 -9.15 7.05 -1.57
CA LEU A 92 -8.25 5.92 -1.73
C LEU A 92 -8.91 4.59 -2.08
N ASP A 93 -8.25 3.88 -3.01
CA ASP A 93 -8.69 2.57 -3.50
C ASP A 93 -7.84 1.45 -2.87
N ILE A 94 -8.49 0.58 -2.09
CA ILE A 94 -7.77 -0.40 -1.26
C ILE A 94 -8.26 -1.83 -1.48
N SER A 95 -7.35 -2.79 -1.66
CA SER A 95 -7.72 -4.21 -1.73
C SER A 95 -6.61 -5.18 -1.30
N TYR A 96 -6.91 -6.46 -1.15
CA TYR A 96 -5.89 -7.49 -1.00
C TYR A 96 -4.97 -7.57 -2.22
N ALA A 97 -3.66 -7.66 -1.96
CA ALA A 97 -2.65 -7.73 -3.00
C ALA A 97 -2.58 -9.14 -3.60
N LYS A 98 -2.83 -9.25 -4.91
CA LYS A 98 -2.52 -10.43 -5.71
C LYS A 98 -1.18 -10.21 -6.45
N ARG A 99 -0.07 -10.53 -5.78
CA ARG A 99 1.27 -10.65 -6.34
C ARG A 99 1.52 -12.06 -6.90
N LEU A 100 1.97 -12.13 -8.17
CA LEU A 100 2.37 -13.36 -8.87
C LEU A 100 3.58 -14.05 -8.21
N GLY A 1 22.50 3.52 -7.66
CA GLY A 1 22.23 2.17 -7.12
C GLY A 1 20.77 1.96 -6.74
N SER A 2 20.36 0.70 -6.55
CA SER A 2 18.99 0.32 -6.17
C SER A 2 18.74 0.50 -4.65
N VAL A 3 17.48 0.76 -4.24
CA VAL A 3 17.13 1.04 -2.82
C VAL A 3 17.34 -0.18 -1.92
N ASN A 4 16.98 -1.36 -2.44
CA ASN A 4 16.67 -2.59 -1.68
C ASN A 4 16.53 -3.80 -2.62
N GLU A 5 15.79 -3.60 -3.73
CA GLU A 5 15.37 -4.59 -4.72
C GLU A 5 14.28 -5.54 -4.22
N GLU A 6 14.42 -6.10 -3.01
CA GLU A 6 13.32 -6.76 -2.32
C GLU A 6 12.08 -5.87 -2.22
N ALA A 7 12.32 -4.57 -2.02
CA ALA A 7 11.23 -3.61 -1.96
C ALA A 7 10.57 -3.42 -3.35
N ARG A 8 11.31 -3.67 -4.45
CA ARG A 8 10.78 -3.69 -5.80
C ARG A 8 9.97 -4.95 -6.05
N LYS A 9 10.46 -6.13 -5.68
CA LYS A 9 9.66 -7.38 -5.66
C LYS A 9 8.31 -7.21 -4.91
N PHE A 10 8.29 -6.39 -3.87
CA PHE A 10 7.10 -6.03 -3.06
C PHE A 10 6.12 -5.05 -3.75
N THR A 11 6.50 -4.36 -4.85
CA THR A 11 5.62 -3.57 -5.74
C THR A 11 5.55 -4.05 -7.19
N GLU A 12 6.28 -5.10 -7.58
CA GLU A 12 6.25 -5.68 -8.93
C GLU A 12 5.16 -6.76 -9.06
N ASN A 13 4.39 -6.74 -10.15
CA ASN A 13 3.36 -7.74 -10.54
C ASN A 13 2.17 -7.86 -9.57
N VAL A 14 2.25 -7.21 -8.41
CA VAL A 14 1.15 -6.85 -7.50
C VAL A 14 0.01 -6.16 -8.26
N VAL A 15 -1.20 -6.64 -8.05
CA VAL A 15 -2.46 -6.09 -8.55
C VAL A 15 -3.54 -6.30 -7.48
N GLY A 16 -4.56 -5.44 -7.48
CA GLY A 16 -5.64 -5.47 -6.49
C GLY A 16 -6.70 -6.55 -6.75
N GLY A 17 -7.49 -6.84 -5.72
CA GLY A 17 -8.68 -7.71 -5.80
C GLY A 17 -8.38 -9.21 -5.61
N GLY A 18 -7.32 -9.54 -4.87
CA GLY A 18 -6.85 -10.92 -4.66
C GLY A 18 -7.65 -11.73 -3.64
N GLU A 19 -7.21 -12.97 -3.45
CA GLU A 19 -7.58 -13.84 -2.32
C GLU A 19 -7.26 -13.16 -0.97
N ARG A 20 -7.86 -13.61 0.14
CA ARG A 20 -7.68 -12.98 1.44
C ARG A 20 -6.35 -13.42 2.01
N ASN A 21 -5.45 -12.45 2.18
CA ASN A 21 -4.11 -12.65 2.71
C ASN A 21 -3.58 -11.38 3.37
N ARG A 22 -2.68 -11.43 4.36
CA ARG A 22 -2.21 -10.23 5.09
C ARG A 22 -1.67 -9.04 4.24
N LEU A 23 -1.34 -9.26 2.96
CA LEU A 23 -0.84 -8.26 2.03
C LEU A 23 -1.98 -7.43 1.39
N ILE A 24 -1.86 -6.10 1.47
CA ILE A 24 -2.80 -5.09 0.93
C ILE A 24 -2.14 -4.27 -0.16
N TYR A 25 -2.84 -4.11 -1.27
CA TYR A 25 -2.50 -3.25 -2.40
C TYR A 25 -3.38 -1.99 -2.37
N CYS A 26 -2.76 -0.81 -2.36
CA CYS A 26 -3.43 0.49 -2.47
C CYS A 26 -3.17 1.12 -3.84
N SER A 27 -4.18 1.79 -4.39
CA SER A 27 -4.08 2.57 -5.62
C SER A 27 -4.83 3.91 -5.51
N ASN A 28 -4.62 4.80 -6.51
CA ASN A 28 -5.11 6.17 -6.55
C ASN A 28 -4.51 7.09 -5.46
N LEU A 29 -3.30 6.77 -4.97
CA LEU A 29 -2.57 7.61 -4.00
C LEU A 29 -2.25 9.01 -4.60
N PRO A 30 -2.24 10.08 -3.77
CA PRO A 30 -1.76 11.39 -4.18
C PRO A 30 -0.25 11.36 -4.38
N PHE A 31 0.23 12.14 -5.37
CA PHE A 31 1.64 12.16 -5.81
C PHE A 31 2.61 12.74 -4.75
N SER A 32 2.08 13.27 -3.65
CA SER A 32 2.84 13.81 -2.50
C SER A 32 3.16 12.75 -1.42
N THR A 33 2.68 11.50 -1.57
CA THR A 33 2.89 10.41 -0.60
C THR A 33 4.36 9.97 -0.58
N ALA A 34 4.82 9.54 0.60
CA ALA A 34 6.17 9.02 0.86
C ALA A 34 6.07 7.91 1.90
N LYS A 35 7.00 6.97 1.91
CA LYS A 35 6.95 5.76 2.75
C LYS A 35 6.79 6.07 4.25
N SER A 36 7.34 7.19 4.73
CA SER A 36 7.24 7.59 6.15
C SER A 36 5.81 8.05 6.51
N ASP A 37 5.14 8.76 5.60
CA ASP A 37 3.72 9.14 5.72
C ASP A 37 2.78 7.94 5.52
N LEU A 38 3.16 7.01 4.63
CA LEU A 38 2.40 5.81 4.31
C LEU A 38 2.37 4.82 5.48
N TYR A 39 3.47 4.62 6.19
CA TYR A 39 3.46 3.81 7.41
C TYR A 39 2.45 4.35 8.44
N ASP A 40 2.44 5.66 8.69
CA ASP A 40 1.54 6.30 9.65
C ASP A 40 0.06 6.20 9.22
N LEU A 41 -0.21 6.28 7.92
CA LEU A 41 -1.55 6.22 7.33
C LEU A 41 -2.23 4.86 7.55
N PHE A 42 -1.48 3.76 7.46
CA PHE A 42 -1.99 2.40 7.69
C PHE A 42 -1.77 1.92 9.13
N GLU A 43 -0.93 2.58 9.92
CA GLU A 43 -0.74 2.24 11.33
C GLU A 43 -2.00 2.53 12.19
N THR A 44 -2.95 3.35 11.69
CA THR A 44 -4.24 3.63 12.35
C THR A 44 -5.23 2.46 12.32
N ILE A 45 -5.07 1.52 11.36
CA ILE A 45 -5.76 0.21 11.36
C ILE A 45 -5.26 -0.65 12.52
N GLY A 46 -3.94 -0.60 12.76
CA GLY A 46 -3.28 -1.33 13.84
C GLY A 46 -1.75 -1.31 13.76
N LYS A 47 -1.14 -1.62 12.59
CA LYS A 47 0.24 -2.13 12.58
C LYS A 47 0.74 -2.36 11.16
N VAL A 48 1.95 -1.92 10.85
CA VAL A 48 2.59 -2.13 9.54
C VAL A 48 4.01 -2.64 9.75
N ASN A 49 4.41 -3.64 8.95
CA ASN A 49 5.73 -4.31 9.07
C ASN A 49 6.60 -4.05 7.85
N ASN A 50 5.94 -3.87 6.69
CA ASN A 50 6.56 -3.74 5.40
C ASN A 50 5.59 -2.95 4.54
N ALA A 51 5.86 -1.67 4.32
CA ALA A 51 5.06 -0.88 3.38
C ALA A 51 5.90 0.04 2.49
N GLU A 52 5.42 0.25 1.27
CA GLU A 52 6.26 0.77 0.18
C GLU A 52 5.44 1.21 -1.04
N LEU A 53 5.98 2.20 -1.78
CA LEU A 53 5.37 2.88 -2.92
C LEU A 53 6.08 2.54 -4.24
N ARG A 54 5.28 2.28 -5.28
CA ARG A 54 5.77 2.03 -6.62
C ARG A 54 6.21 3.33 -7.28
N TYR A 55 7.33 3.28 -7.99
CA TYR A 55 7.86 4.41 -8.77
C TYR A 55 7.96 4.14 -10.28
N ASP A 56 8.04 5.22 -11.09
CA ASP A 56 8.23 5.15 -12.54
C ASP A 56 9.73 5.29 -12.91
N SER A 57 10.20 6.51 -13.19
CA SER A 57 11.52 6.74 -13.79
C SER A 57 12.68 6.56 -12.79
N LYS A 58 12.55 7.13 -11.58
CA LYS A 58 13.51 7.03 -10.47
C LYS A 58 12.80 6.82 -9.12
N GLY A 59 12.10 7.86 -8.63
CA GLY A 59 11.43 7.91 -7.33
C GLY A 59 10.04 8.56 -7.37
N ALA A 60 9.53 8.85 -8.56
CA ALA A 60 8.23 9.50 -8.77
C ALA A 60 7.08 8.51 -8.48
N PRO A 61 6.21 8.77 -7.47
CA PRO A 61 5.19 7.82 -7.02
C PRO A 61 4.08 7.68 -8.06
N THR A 62 3.84 6.45 -8.54
CA THR A 62 2.90 6.19 -9.65
C THR A 62 1.42 6.27 -9.25
N GLY A 63 1.13 6.49 -7.96
CA GLY A 63 -0.21 6.38 -7.38
C GLY A 63 -0.52 4.97 -6.84
N ILE A 64 0.48 4.10 -6.70
CA ILE A 64 0.36 2.70 -6.22
C ILE A 64 1.31 2.46 -5.04
N ALA A 65 0.82 1.75 -4.02
CA ALA A 65 1.55 1.41 -2.80
C ALA A 65 1.08 0.05 -2.28
N VAL A 66 1.90 -0.60 -1.46
CA VAL A 66 1.65 -1.94 -0.92
C VAL A 66 1.97 -1.93 0.57
N VAL A 67 1.14 -2.57 1.37
CA VAL A 67 1.19 -2.57 2.85
C VAL A 67 1.01 -4.00 3.33
N GLU A 68 1.98 -4.46 4.12
CA GLU A 68 1.91 -5.72 4.87
C GLU A 68 1.41 -5.41 6.28
N TYR A 69 0.22 -5.92 6.58
CA TYR A 69 -0.35 -5.94 7.92
C TYR A 69 0.14 -7.14 8.74
N ASP A 70 0.00 -7.06 10.06
CA ASP A 70 0.36 -8.15 10.99
C ASP A 70 -0.41 -9.44 10.74
N ASN A 71 -1.61 -9.35 10.14
CA ASN A 71 -2.58 -10.42 10.05
C ASN A 71 -3.70 -10.02 9.06
N VAL A 72 -4.15 -10.99 8.26
CA VAL A 72 -5.30 -10.87 7.32
C VAL A 72 -6.57 -10.18 7.88
N ASP A 73 -6.83 -10.22 9.19
CA ASP A 73 -7.98 -9.55 9.81
C ASP A 73 -7.84 -8.01 9.88
N ASP A 74 -6.61 -7.49 9.95
CA ASP A 74 -6.33 -6.04 9.91
C ASP A 74 -6.50 -5.49 8.48
N ALA A 75 -6.19 -6.29 7.45
CA ALA A 75 -6.52 -5.95 6.07
C ALA A 75 -8.03 -5.75 5.85
N ASP A 76 -8.89 -6.53 6.52
CA ASP A 76 -10.34 -6.36 6.43
C ASP A 76 -10.81 -5.02 7.04
N VAL A 77 -10.11 -4.54 8.08
CA VAL A 77 -10.30 -3.18 8.62
C VAL A 77 -9.79 -2.13 7.63
N CYS A 78 -8.61 -2.33 7.01
CA CYS A 78 -8.05 -1.43 6.00
C CYS A 78 -9.03 -1.22 4.84
N ILE A 79 -9.57 -2.32 4.31
CA ILE A 79 -10.60 -2.38 3.25
C ILE A 79 -11.96 -1.77 3.68
N GLU A 80 -12.11 -1.34 4.93
CA GLU A 80 -13.32 -0.71 5.50
C GLU A 80 -13.01 0.69 6.06
N ARG A 81 -11.73 1.09 6.13
CA ARG A 81 -11.30 2.39 6.64
C ARG A 81 -10.59 3.27 5.59
N LEU A 82 -9.70 2.69 4.77
CA LEU A 82 -8.92 3.44 3.77
C LEU A 82 -9.49 3.36 2.34
N ASN A 83 -10.27 2.34 1.94
CA ASN A 83 -10.73 2.13 0.54
C ASN A 83 -11.74 3.18 -0.02
N ASN A 84 -11.93 4.22 0.77
CA ASN A 84 -13.06 5.15 0.85
C ASN A 84 -12.69 6.53 1.46
N TYR A 85 -11.44 6.66 1.89
CA TYR A 85 -10.87 7.84 2.54
C TYR A 85 -10.21 8.79 1.51
N ASN A 86 -10.59 10.08 1.57
CA ASN A 86 -9.93 11.12 0.79
C ASN A 86 -8.60 11.51 1.47
N TYR A 87 -7.49 11.05 0.88
CA TYR A 87 -6.12 11.37 1.31
C TYR A 87 -5.47 12.33 0.31
N GLY A 88 -4.94 13.45 0.78
CA GLY A 88 -4.30 14.44 -0.10
C GLY A 88 -5.26 14.99 -1.16
N GLY A 89 -6.56 15.06 -0.84
CA GLY A 89 -7.63 15.47 -1.76
C GLY A 89 -8.04 14.40 -2.78
N CYS A 90 -7.77 13.10 -2.57
CA CYS A 90 -7.98 12.05 -3.56
C CYS A 90 -8.50 10.77 -2.88
N ASP A 91 -9.62 10.23 -3.35
CA ASP A 91 -10.28 9.07 -2.77
C ASP A 91 -9.51 7.76 -3.08
N LEU A 92 -8.77 7.25 -2.09
CA LEU A 92 -8.00 6.01 -2.21
C LEU A 92 -8.85 4.78 -2.55
N ASP A 93 -8.19 3.79 -3.15
CA ASP A 93 -8.73 2.47 -3.48
C ASP A 93 -7.87 1.38 -2.84
N ILE A 94 -8.48 0.54 -1.97
CA ILE A 94 -7.74 -0.48 -1.19
C ILE A 94 -8.32 -1.88 -1.43
N SER A 95 -7.47 -2.89 -1.53
CA SER A 95 -7.88 -4.29 -1.63
C SER A 95 -6.78 -5.26 -1.20
N TYR A 96 -7.12 -6.54 -1.03
CA TYR A 96 -6.11 -7.60 -0.90
C TYR A 96 -5.21 -7.68 -2.12
N ALA A 97 -3.90 -7.77 -1.89
CA ALA A 97 -2.93 -7.87 -2.97
C ALA A 97 -2.88 -9.29 -3.55
N LYS A 98 -2.96 -9.39 -4.87
CA LYS A 98 -2.56 -10.55 -5.68
C LYS A 98 -1.25 -10.22 -6.39
N ARG A 99 -0.12 -10.78 -5.95
CA ARG A 99 1.18 -10.70 -6.61
C ARG A 99 1.37 -11.92 -7.52
N LEU A 100 1.36 -11.70 -8.84
CA LEU A 100 1.43 -12.73 -9.89
C LEU A 100 2.78 -13.48 -9.92
N GLY A 1 25.53 1.88 -0.09
CA GLY A 1 24.62 0.70 -0.01
C GLY A 1 24.17 0.22 -1.39
N SER A 2 23.91 -1.08 -1.52
CA SER A 2 23.63 -1.72 -2.82
C SER A 2 22.15 -1.69 -3.26
N VAL A 3 21.22 -1.35 -2.34
CA VAL A 3 19.75 -1.22 -2.53
C VAL A 3 19.04 -2.58 -2.62
N ASN A 4 18.05 -2.77 -1.75
CA ASN A 4 17.14 -3.92 -1.79
C ASN A 4 16.27 -3.96 -3.06
N GLU A 5 16.49 -4.95 -3.94
CA GLU A 5 15.58 -5.24 -5.05
C GLU A 5 14.26 -5.86 -4.57
N GLU A 6 14.22 -6.47 -3.39
CA GLU A 6 12.97 -6.99 -2.82
C GLU A 6 11.93 -5.91 -2.53
N ALA A 7 12.37 -4.71 -2.14
CA ALA A 7 11.46 -3.61 -1.93
C ALA A 7 10.76 -3.20 -3.23
N ARG A 8 11.39 -3.44 -4.39
CA ARG A 8 10.79 -3.27 -5.70
C ARG A 8 9.86 -4.43 -6.02
N LYS A 9 10.31 -5.67 -5.79
CA LYS A 9 9.47 -6.87 -6.00
C LYS A 9 8.21 -6.92 -5.10
N PHE A 10 8.19 -6.13 -4.02
CA PHE A 10 7.04 -5.86 -3.14
C PHE A 10 5.95 -4.95 -3.77
N THR A 11 6.24 -4.23 -4.88
CA THR A 11 5.27 -3.48 -5.72
C THR A 11 5.25 -3.90 -7.18
N GLU A 12 6.20 -4.71 -7.65
CA GLU A 12 6.27 -5.21 -9.03
C GLU A 12 5.51 -6.53 -9.21
N ASN A 13 4.71 -6.64 -10.30
CA ASN A 13 3.81 -7.77 -10.61
C ASN A 13 2.66 -7.93 -9.58
N VAL A 14 2.36 -6.85 -8.85
CA VAL A 14 1.29 -6.72 -7.86
C VAL A 14 0.08 -6.05 -8.51
N VAL A 15 -1.12 -6.56 -8.21
CA VAL A 15 -2.39 -6.06 -8.73
C VAL A 15 -3.47 -6.25 -7.67
N GLY A 16 -4.49 -5.38 -7.69
CA GLY A 16 -5.56 -5.36 -6.70
C GLY A 16 -6.63 -6.43 -6.92
N GLY A 17 -7.36 -6.75 -5.85
CA GLY A 17 -8.57 -7.61 -5.89
C GLY A 17 -8.27 -9.11 -5.70
N GLY A 18 -7.23 -9.44 -4.94
CA GLY A 18 -6.77 -10.82 -4.73
C GLY A 18 -7.59 -11.64 -3.74
N GLU A 19 -7.10 -12.86 -3.48
CA GLU A 19 -7.54 -13.70 -2.36
C GLU A 19 -7.12 -13.08 -1.01
N ARG A 20 -7.68 -13.55 0.11
CA ARG A 20 -7.44 -12.94 1.41
C ARG A 20 -6.07 -13.37 1.92
N ASN A 21 -5.20 -12.38 2.11
CA ASN A 21 -3.85 -12.56 2.63
C ASN A 21 -3.37 -11.29 3.35
N ARG A 22 -2.38 -11.33 4.25
CA ARG A 22 -1.96 -10.13 5.03
C ARG A 22 -1.51 -8.89 4.22
N LEU A 23 -1.26 -9.06 2.92
CA LEU A 23 -0.75 -8.04 2.00
C LEU A 23 -1.90 -7.25 1.34
N ILE A 24 -1.83 -5.93 1.43
CA ILE A 24 -2.80 -4.95 0.89
C ILE A 24 -2.13 -4.10 -0.18
N TYR A 25 -2.77 -4.01 -1.34
CA TYR A 25 -2.42 -3.16 -2.47
C TYR A 25 -3.32 -1.90 -2.44
N CYS A 26 -2.72 -0.71 -2.37
CA CYS A 26 -3.41 0.57 -2.44
C CYS A 26 -3.14 1.27 -3.78
N SER A 27 -4.15 1.93 -4.31
CA SER A 27 -4.06 2.72 -5.54
C SER A 27 -4.83 4.04 -5.41
N ASN A 28 -4.69 4.93 -6.40
CA ASN A 28 -5.24 6.29 -6.40
C ASN A 28 -4.64 7.19 -5.29
N LEU A 29 -3.43 6.88 -4.79
CA LEU A 29 -2.69 7.73 -3.85
C LEU A 29 -2.36 9.10 -4.48
N PRO A 30 -2.34 10.20 -3.69
CA PRO A 30 -1.88 11.50 -4.15
C PRO A 30 -0.35 11.48 -4.36
N PHE A 31 0.13 12.26 -5.33
CA PHE A 31 1.52 12.24 -5.78
C PHE A 31 2.53 12.73 -4.72
N SER A 32 2.05 13.37 -3.66
CA SER A 32 2.83 13.89 -2.53
C SER A 32 3.08 12.85 -1.41
N THR A 33 2.59 11.61 -1.55
CA THR A 33 2.76 10.54 -0.54
C THR A 33 4.23 10.12 -0.45
N ALA A 34 4.65 9.70 0.74
CA ALA A 34 6.00 9.25 1.07
C ALA A 34 5.90 8.09 2.08
N LYS A 35 6.89 7.19 2.08
CA LYS A 35 6.83 5.94 2.87
C LYS A 35 6.63 6.22 4.39
N SER A 36 7.17 7.32 4.90
CA SER A 36 7.02 7.71 6.32
C SER A 36 5.59 8.18 6.65
N ASP A 37 4.92 8.87 5.72
CA ASP A 37 3.51 9.25 5.81
C ASP A 37 2.58 8.04 5.60
N LEU A 38 2.98 7.11 4.72
CA LEU A 38 2.25 5.90 4.39
C LEU A 38 2.23 4.91 5.56
N TYR A 39 3.34 4.75 6.28
CA TYR A 39 3.35 3.97 7.53
C TYR A 39 2.37 4.55 8.56
N ASP A 40 2.38 5.88 8.78
CA ASP A 40 1.48 6.53 9.74
C ASP A 40 0.00 6.39 9.33
N LEU A 41 -0.29 6.46 8.03
CA LEU A 41 -1.62 6.33 7.46
C LEU A 41 -2.26 4.97 7.74
N PHE A 42 -1.55 3.88 7.49
CA PHE A 42 -2.07 2.52 7.70
C PHE A 42 -1.88 2.05 9.14
N GLU A 43 -1.01 2.69 9.92
CA GLU A 43 -0.92 2.36 11.35
C GLU A 43 -2.20 2.75 12.12
N THR A 44 -3.13 3.51 11.51
CA THR A 44 -4.48 3.81 12.04
C THR A 44 -5.37 2.57 12.15
N ILE A 45 -5.19 1.58 11.26
CA ILE A 45 -5.80 0.24 11.33
C ILE A 45 -5.24 -0.53 12.53
N GLY A 46 -3.97 -0.30 12.86
CA GLY A 46 -3.30 -0.79 14.05
C GLY A 46 -1.84 -1.21 13.86
N LYS A 47 -1.37 -1.50 12.63
CA LYS A 47 -0.06 -2.12 12.40
C LYS A 47 0.47 -1.79 11.01
N VAL A 48 1.78 -1.97 10.82
CA VAL A 48 2.45 -2.10 9.51
C VAL A 48 3.79 -2.80 9.78
N ASN A 49 4.19 -3.79 8.96
CA ASN A 49 5.52 -4.44 9.12
C ASN A 49 6.43 -4.11 7.94
N ASN A 50 5.82 -3.92 6.76
CA ASN A 50 6.49 -3.72 5.50
C ASN A 50 5.53 -2.93 4.62
N ALA A 51 5.82 -1.66 4.38
CA ALA A 51 5.05 -0.86 3.44
C ALA A 51 5.90 0.02 2.54
N GLU A 52 5.43 0.25 1.31
CA GLU A 52 6.23 0.87 0.26
C GLU A 52 5.41 1.38 -0.94
N LEU A 53 5.97 2.38 -1.63
CA LEU A 53 5.40 3.11 -2.78
C LEU A 53 6.07 2.70 -4.09
N ARG A 54 5.27 2.32 -5.10
CA ARG A 54 5.78 1.97 -6.42
C ARG A 54 6.31 3.21 -7.14
N TYR A 55 7.46 3.06 -7.79
CA TYR A 55 8.09 4.11 -8.61
C TYR A 55 8.10 3.80 -10.12
N ASP A 56 8.17 4.86 -10.95
CA ASP A 56 8.02 4.77 -12.41
C ASP A 56 9.37 4.52 -13.11
N SER A 57 10.14 5.58 -13.41
CA SER A 57 11.43 5.47 -14.10
C SER A 57 12.56 4.97 -13.16
N LYS A 58 12.60 5.49 -11.92
CA LYS A 58 13.62 5.20 -10.90
C LYS A 58 13.06 5.34 -9.47
N GLY A 59 12.76 6.58 -9.06
CA GLY A 59 12.32 6.97 -7.70
C GLY A 59 11.13 7.93 -7.64
N ALA A 60 10.52 8.25 -8.78
CA ALA A 60 9.34 9.14 -8.86
C ALA A 60 8.06 8.31 -8.63
N PRO A 61 7.09 8.79 -7.82
CA PRO A 61 5.90 8.03 -7.45
C PRO A 61 4.93 7.81 -8.62
N THR A 62 3.92 6.97 -8.37
CA THR A 62 3.02 6.41 -9.40
C THR A 62 1.52 6.50 -9.05
N GLY A 63 1.19 6.82 -7.79
CA GLY A 63 -0.16 6.66 -7.24
C GLY A 63 -0.48 5.26 -6.71
N ILE A 64 0.52 4.37 -6.55
CA ILE A 64 0.37 2.97 -6.10
C ILE A 64 1.32 2.65 -4.93
N ALA A 65 0.83 1.89 -3.95
CA ALA A 65 1.54 1.49 -2.73
C ALA A 65 1.12 0.08 -2.29
N VAL A 66 1.92 -0.56 -1.45
CA VAL A 66 1.61 -1.87 -0.85
C VAL A 66 1.92 -1.80 0.64
N VAL A 67 1.06 -2.41 1.46
CA VAL A 67 1.14 -2.42 2.93
C VAL A 67 0.94 -3.86 3.40
N GLU A 68 1.92 -4.37 4.11
CA GLU A 68 1.84 -5.62 4.85
C GLU A 68 1.43 -5.31 6.28
N TYR A 69 0.24 -5.79 6.64
CA TYR A 69 -0.23 -5.83 8.02
C TYR A 69 0.30 -7.08 8.75
N ASP A 70 0.24 -7.06 10.09
CA ASP A 70 0.62 -8.19 10.95
C ASP A 70 -0.15 -9.49 10.63
N ASN A 71 -1.39 -9.35 10.13
CA ASN A 71 -2.33 -10.43 9.88
C ASN A 71 -3.43 -9.98 8.90
N VAL A 72 -3.93 -10.96 8.14
CA VAL A 72 -5.09 -10.87 7.22
C VAL A 72 -6.38 -10.20 7.76
N ASP A 73 -6.65 -10.21 9.08
CA ASP A 73 -7.84 -9.55 9.62
C ASP A 73 -7.74 -8.01 9.62
N ASP A 74 -6.53 -7.47 9.84
CA ASP A 74 -6.27 -6.03 9.76
C ASP A 74 -6.34 -5.50 8.32
N ALA A 75 -6.03 -6.32 7.32
CA ALA A 75 -6.36 -6.01 5.92
C ALA A 75 -7.87 -5.82 5.71
N ASP A 76 -8.69 -6.65 6.36
CA ASP A 76 -10.15 -6.56 6.24
C ASP A 76 -10.71 -5.30 6.90
N VAL A 77 -10.06 -4.83 7.98
CA VAL A 77 -10.32 -3.49 8.55
C VAL A 77 -9.92 -2.40 7.54
N CYS A 78 -8.72 -2.48 6.95
CA CYS A 78 -8.21 -1.53 5.95
C CYS A 78 -9.19 -1.35 4.77
N ILE A 79 -9.69 -2.46 4.25
CA ILE A 79 -10.67 -2.53 3.13
C ILE A 79 -12.05 -1.91 3.47
N GLU A 80 -12.32 -1.54 4.73
CA GLU A 80 -13.50 -0.80 5.16
C GLU A 80 -13.14 0.63 5.56
N ARG A 81 -11.85 0.89 5.90
CA ARG A 81 -11.44 2.12 6.58
C ARG A 81 -10.70 3.10 5.65
N LEU A 82 -9.70 2.61 4.91
CA LEU A 82 -8.89 3.43 3.98
C LEU A 82 -9.47 3.40 2.55
N ASN A 83 -10.25 2.38 2.20
CA ASN A 83 -10.82 2.11 0.87
C ASN A 83 -11.92 3.09 0.40
N ASN A 84 -11.97 4.22 1.09
CA ASN A 84 -13.14 5.02 1.46
C ASN A 84 -12.73 6.35 2.14
N TYR A 85 -11.43 6.61 2.29
CA TYR A 85 -10.88 7.76 3.00
C TYR A 85 -10.30 8.80 2.01
N ASN A 86 -10.64 10.07 2.23
CA ASN A 86 -10.11 11.19 1.44
C ASN A 86 -8.70 11.56 1.91
N TYR A 87 -7.70 11.26 1.09
CA TYR A 87 -6.28 11.58 1.31
C TYR A 87 -5.75 12.38 0.12
N GLY A 88 -5.21 13.57 0.38
CA GLY A 88 -4.78 14.47 -0.69
C GLY A 88 -5.95 14.93 -1.58
N GLY A 89 -7.15 15.05 -0.98
CA GLY A 89 -8.38 15.49 -1.66
C GLY A 89 -9.05 14.44 -2.55
N CYS A 90 -8.79 13.14 -2.38
CA CYS A 90 -9.31 12.08 -3.25
C CYS A 90 -9.49 10.77 -2.47
N ASP A 91 -10.57 10.05 -2.76
CA ASP A 91 -10.87 8.76 -2.14
C ASP A 91 -9.87 7.68 -2.61
N LEU A 92 -9.01 7.22 -1.69
CA LEU A 92 -8.13 6.06 -1.91
C LEU A 92 -8.88 4.77 -2.25
N ASP A 93 -8.19 3.88 -2.97
CA ASP A 93 -8.70 2.58 -3.41
C ASP A 93 -7.84 1.44 -2.86
N ILE A 94 -8.43 0.59 -2.01
CA ILE A 94 -7.71 -0.43 -1.22
C ILE A 94 -8.25 -1.84 -1.49
N SER A 95 -7.37 -2.84 -1.59
CA SER A 95 -7.76 -4.25 -1.74
C SER A 95 -6.65 -5.21 -1.29
N TYR A 96 -6.96 -6.50 -1.15
CA TYR A 96 -5.94 -7.53 -1.01
C TYR A 96 -5.02 -7.58 -2.24
N ALA A 97 -3.70 -7.61 -2.00
CA ALA A 97 -2.72 -7.69 -3.06
C ALA A 97 -2.66 -9.12 -3.63
N LYS A 98 -2.84 -9.24 -4.94
CA LYS A 98 -2.45 -10.41 -5.74
C LYS A 98 -1.11 -10.08 -6.42
N ARG A 99 -0.02 -10.66 -5.91
CA ARG A 99 1.31 -10.61 -6.51
C ARG A 99 1.56 -11.88 -7.33
N LEU A 100 1.79 -11.73 -8.63
CA LEU A 100 1.90 -12.81 -9.63
C LEU A 100 3.19 -13.63 -9.48
N GLY A 1 19.97 3.44 5.66
CA GLY A 1 19.95 2.20 4.85
C GLY A 1 19.33 2.42 3.48
N SER A 2 19.82 1.72 2.45
CA SER A 2 19.34 1.83 1.05
C SER A 2 18.07 0.98 0.78
N VAL A 3 17.44 1.21 -0.39
CA VAL A 3 16.48 0.26 -1.00
C VAL A 3 17.15 -1.07 -1.39
N ASN A 4 16.33 -2.10 -1.64
CA ASN A 4 16.74 -3.45 -2.07
C ASN A 4 15.84 -3.94 -3.21
N GLU A 5 16.31 -4.91 -4.01
CA GLU A 5 15.47 -5.49 -5.08
C GLU A 5 14.23 -6.25 -4.54
N GLU A 6 14.26 -6.73 -3.29
CA GLU A 6 13.04 -7.26 -2.66
C GLU A 6 11.98 -6.19 -2.42
N ALA A 7 12.38 -4.98 -1.98
CA ALA A 7 11.43 -3.89 -1.81
C ALA A 7 10.82 -3.47 -3.16
N ARG A 8 11.51 -3.72 -4.28
CA ARG A 8 10.96 -3.55 -5.62
C ARG A 8 9.99 -4.67 -5.97
N LYS A 9 10.39 -5.92 -5.76
CA LYS A 9 9.53 -7.10 -5.95
C LYS A 9 8.23 -7.05 -5.11
N PHE A 10 8.23 -6.30 -4.00
CA PHE A 10 7.07 -5.99 -3.14
C PHE A 10 6.04 -5.02 -3.79
N THR A 11 6.38 -4.31 -4.88
CA THR A 11 5.48 -3.52 -5.74
C THR A 11 5.47 -3.91 -7.22
N GLU A 12 6.37 -4.78 -7.67
CA GLU A 12 6.44 -5.28 -9.05
C GLU A 12 5.61 -6.56 -9.24
N ASN A 13 4.79 -6.62 -10.31
CA ASN A 13 3.90 -7.74 -10.66
C ASN A 13 2.73 -7.91 -9.64
N VAL A 14 2.44 -6.84 -8.90
CA VAL A 14 1.35 -6.70 -7.91
C VAL A 14 0.16 -6.02 -8.58
N VAL A 15 -1.04 -6.50 -8.29
CA VAL A 15 -2.33 -5.99 -8.79
C VAL A 15 -3.38 -6.22 -7.69
N GLY A 16 -4.45 -5.44 -7.69
CA GLY A 16 -5.49 -5.48 -6.65
C GLY A 16 -6.60 -6.51 -6.90
N GLY A 17 -7.34 -6.85 -5.84
CA GLY A 17 -8.54 -7.70 -5.90
C GLY A 17 -8.26 -9.21 -5.76
N GLY A 18 -7.26 -9.58 -4.96
CA GLY A 18 -6.87 -10.98 -4.72
C GLY A 18 -7.75 -11.75 -3.74
N GLU A 19 -7.32 -13.00 -3.45
CA GLU A 19 -7.84 -13.80 -2.31
C GLU A 19 -7.36 -13.20 -0.97
N ARG A 20 -7.80 -13.74 0.17
CA ARG A 20 -7.52 -13.15 1.48
C ARG A 20 -6.13 -13.60 1.90
N ASN A 21 -5.28 -12.61 2.09
CA ASN A 21 -3.90 -12.81 2.54
C ASN A 21 -3.35 -11.49 3.11
N ARG A 22 -2.54 -11.44 4.17
CA ARG A 22 -2.26 -10.17 4.90
C ARG A 22 -1.47 -9.05 4.17
N LEU A 23 -1.35 -9.11 2.84
CA LEU A 23 -0.76 -8.11 1.98
C LEU A 23 -1.86 -7.30 1.27
N ILE A 24 -1.84 -5.98 1.45
CA ILE A 24 -2.80 -5.02 0.89
C ILE A 24 -2.12 -4.17 -0.18
N TYR A 25 -2.76 -4.10 -1.33
CA TYR A 25 -2.43 -3.23 -2.46
C TYR A 25 -3.31 -1.97 -2.41
N CYS A 26 -2.68 -0.79 -2.38
CA CYS A 26 -3.36 0.51 -2.43
C CYS A 26 -3.10 1.20 -3.78
N SER A 27 -4.11 1.87 -4.30
CA SER A 27 -4.02 2.66 -5.53
C SER A 27 -4.83 3.97 -5.44
N ASN A 28 -4.63 4.86 -6.43
CA ASN A 28 -5.16 6.22 -6.45
C ASN A 28 -4.56 7.14 -5.36
N LEU A 29 -3.36 6.81 -4.84
CA LEU A 29 -2.61 7.67 -3.91
C LEU A 29 -2.24 9.01 -4.58
N PRO A 30 -2.20 10.13 -3.82
CA PRO A 30 -1.69 11.41 -4.32
C PRO A 30 -0.17 11.32 -4.53
N PHE A 31 0.34 12.09 -5.49
CA PHE A 31 1.75 12.13 -5.88
C PHE A 31 2.67 12.74 -4.80
N SER A 32 2.11 13.23 -3.68
CA SER A 32 2.84 13.79 -2.53
C SER A 32 3.10 12.76 -1.41
N THR A 33 2.66 11.50 -1.58
CA THR A 33 2.82 10.41 -0.58
C THR A 33 4.29 9.98 -0.49
N ALA A 34 4.72 9.57 0.71
CA ALA A 34 6.07 9.12 1.04
C ALA A 34 5.98 7.97 2.04
N LYS A 35 6.96 7.06 2.05
CA LYS A 35 6.89 5.81 2.83
C LYS A 35 6.68 6.06 4.34
N SER A 36 7.24 7.16 4.88
CA SER A 36 7.08 7.53 6.30
C SER A 36 5.64 8.01 6.63
N ASP A 37 5.00 8.73 5.70
CA ASP A 37 3.60 9.12 5.78
C ASP A 37 2.65 7.92 5.55
N LEU A 38 3.06 6.99 4.69
CA LEU A 38 2.32 5.78 4.36
C LEU A 38 2.30 4.79 5.53
N TYR A 39 3.42 4.60 6.22
CA TYR A 39 3.42 3.83 7.48
C TYR A 39 2.45 4.43 8.51
N ASP A 40 2.47 5.75 8.71
CA ASP A 40 1.58 6.42 9.67
C ASP A 40 0.09 6.27 9.27
N LEU A 41 -0.21 6.36 7.97
CA LEU A 41 -1.55 6.27 7.41
C LEU A 41 -2.21 4.91 7.69
N PHE A 42 -1.50 3.81 7.48
CA PHE A 42 -2.00 2.45 7.74
C PHE A 42 -1.76 2.00 9.16
N GLU A 43 -0.88 2.66 9.92
CA GLU A 43 -0.76 2.41 11.36
C GLU A 43 -2.03 2.84 12.14
N THR A 44 -2.94 3.63 11.51
CA THR A 44 -4.27 3.97 12.06
C THR A 44 -5.20 2.76 12.18
N ILE A 45 -5.07 1.77 11.29
CA ILE A 45 -5.75 0.46 11.39
C ILE A 45 -5.24 -0.32 12.60
N GLY A 46 -3.93 -0.25 12.84
CA GLY A 46 -3.28 -0.84 14.01
C GLY A 46 -1.79 -1.13 13.87
N LYS A 47 -1.25 -1.40 12.67
CA LYS A 47 0.12 -1.90 12.53
C LYS A 47 0.56 -1.90 11.06
N VAL A 48 1.85 -1.74 10.81
CA VAL A 48 2.47 -2.00 9.50
C VAL A 48 3.85 -2.63 9.75
N ASN A 49 4.23 -3.65 8.97
CA ASN A 49 5.53 -4.32 9.15
C ASN A 49 6.45 -4.15 7.94
N ASN A 50 5.83 -3.98 6.78
CA ASN A 50 6.50 -3.84 5.50
C ASN A 50 5.56 -3.03 4.61
N ALA A 51 5.88 -1.77 4.35
CA ALA A 51 5.11 -0.97 3.40
C ALA A 51 5.96 -0.07 2.51
N GLU A 52 5.45 0.20 1.31
CA GLU A 52 6.26 0.79 0.23
C GLU A 52 5.43 1.31 -0.95
N LEU A 53 5.98 2.32 -1.64
CA LEU A 53 5.39 3.05 -2.77
C LEU A 53 6.08 2.68 -4.09
N ARG A 54 5.29 2.28 -5.08
CA ARG A 54 5.81 1.97 -6.41
C ARG A 54 6.24 3.24 -7.12
N TYR A 55 7.45 3.23 -7.64
CA TYR A 55 8.01 4.31 -8.45
C TYR A 55 7.97 4.07 -9.97
N ASP A 56 7.95 5.17 -10.73
CA ASP A 56 7.85 5.18 -12.18
C ASP A 56 9.25 5.15 -12.83
N SER A 57 9.73 6.29 -13.33
CA SER A 57 10.95 6.39 -14.16
C SER A 57 12.26 6.25 -13.36
N LYS A 58 12.28 6.72 -12.11
CA LYS A 58 13.44 6.69 -11.21
C LYS A 58 13.01 6.57 -9.73
N GLY A 59 12.41 7.64 -9.18
CA GLY A 59 11.96 7.76 -7.78
C GLY A 59 10.60 8.44 -7.60
N ALA A 60 9.84 8.61 -8.69
CA ALA A 60 8.59 9.37 -8.72
C ALA A 60 7.40 8.46 -8.31
N PRO A 61 6.61 8.81 -7.27
CA PRO A 61 5.53 7.96 -6.76
C PRO A 61 4.38 7.86 -7.76
N THR A 62 4.12 6.65 -8.24
CA THR A 62 3.13 6.32 -9.29
C THR A 62 1.67 6.59 -8.93
N GLY A 63 1.36 6.72 -7.64
CA GLY A 63 -0.01 6.61 -7.11
C GLY A 63 -0.40 5.20 -6.69
N ILE A 64 0.55 4.27 -6.57
CA ILE A 64 0.38 2.87 -6.10
C ILE A 64 1.34 2.56 -4.94
N ALA A 65 0.86 1.80 -3.96
CA ALA A 65 1.57 1.40 -2.75
C ALA A 65 1.15 0.00 -2.31
N VAL A 66 1.94 -0.63 -1.47
CA VAL A 66 1.65 -1.95 -0.88
C VAL A 66 1.96 -1.91 0.62
N VAL A 67 1.10 -2.51 1.44
CA VAL A 67 1.17 -2.53 2.91
C VAL A 67 0.97 -3.96 3.38
N GLU A 68 1.94 -4.46 4.11
CA GLU A 68 1.85 -5.70 4.87
C GLU A 68 1.39 -5.39 6.29
N TYR A 69 0.20 -5.89 6.62
CA TYR A 69 -0.34 -5.92 7.96
C TYR A 69 0.15 -7.14 8.76
N ASP A 70 0.05 -7.06 10.09
CA ASP A 70 0.41 -8.14 11.03
C ASP A 70 -0.46 -9.39 10.90
N ASN A 71 -1.70 -9.21 10.41
CA ASN A 71 -2.79 -10.17 10.48
C ASN A 71 -3.85 -9.79 9.44
N VAL A 72 -4.33 -10.78 8.68
CA VAL A 72 -5.36 -10.63 7.63
C VAL A 72 -6.67 -9.98 8.09
N ASP A 73 -6.98 -9.96 9.39
CA ASP A 73 -8.13 -9.21 9.94
C ASP A 73 -7.94 -7.68 9.85
N ASP A 74 -6.70 -7.20 9.99
CA ASP A 74 -6.34 -5.79 9.87
C ASP A 74 -6.38 -5.31 8.41
N ALA A 75 -6.08 -6.18 7.44
CA ALA A 75 -6.40 -5.92 6.03
C ALA A 75 -7.91 -5.77 5.79
N ASP A 76 -8.73 -6.59 6.44
CA ASP A 76 -10.18 -6.52 6.30
C ASP A 76 -10.76 -5.25 6.93
N VAL A 77 -10.15 -4.78 8.03
CA VAL A 77 -10.38 -3.43 8.58
C VAL A 77 -9.96 -2.35 7.57
N CYS A 78 -8.77 -2.46 6.97
CA CYS A 78 -8.23 -1.50 5.98
C CYS A 78 -9.17 -1.33 4.77
N ILE A 79 -9.64 -2.44 4.22
CA ILE A 79 -10.60 -2.53 3.09
C ILE A 79 -11.97 -1.87 3.39
N GLU A 80 -12.22 -1.44 4.64
CA GLU A 80 -13.45 -0.77 5.06
C GLU A 80 -13.16 0.60 5.70
N ARG A 81 -11.87 1.02 5.77
CA ARG A 81 -11.48 2.29 6.36
C ARG A 81 -10.68 3.18 5.40
N LEU A 82 -9.59 2.66 4.82
CA LEU A 82 -8.76 3.41 3.86
C LEU A 82 -9.30 3.32 2.42
N ASN A 83 -10.12 2.32 2.08
CA ASN A 83 -10.70 2.07 0.75
C ASN A 83 -11.77 3.10 0.28
N ASN A 84 -11.80 4.21 1.01
CA ASN A 84 -12.97 5.02 1.38
C ASN A 84 -12.54 6.35 2.05
N TYR A 85 -11.24 6.59 2.20
CA TYR A 85 -10.66 7.74 2.90
C TYR A 85 -10.10 8.77 1.91
N ASN A 86 -10.45 10.05 2.12
CA ASN A 86 -9.95 11.16 1.32
C ASN A 86 -8.53 11.56 1.77
N TYR A 87 -7.53 11.32 0.91
CA TYR A 87 -6.12 11.63 1.15
C TYR A 87 -5.57 12.42 -0.03
N GLY A 88 -4.97 13.58 0.23
CA GLY A 88 -4.56 14.48 -0.86
C GLY A 88 -5.74 15.21 -1.53
N GLY A 89 -6.97 14.97 -1.06
CA GLY A 89 -8.22 15.45 -1.68
C GLY A 89 -8.88 14.45 -2.63
N CYS A 90 -8.62 13.14 -2.49
CA CYS A 90 -9.15 12.11 -3.39
C CYS A 90 -9.34 10.78 -2.63
N ASP A 91 -10.42 10.06 -2.91
CA ASP A 91 -10.72 8.78 -2.28
C ASP A 91 -9.73 7.68 -2.73
N LEU A 92 -8.90 7.22 -1.80
CA LEU A 92 -8.04 6.06 -2.01
C LEU A 92 -8.81 4.77 -2.31
N ASP A 93 -8.13 3.83 -2.99
CA ASP A 93 -8.65 2.50 -3.31
C ASP A 93 -7.77 1.42 -2.68
N ILE A 94 -8.39 0.49 -1.96
CA ILE A 94 -7.67 -0.53 -1.18
C ILE A 94 -8.22 -1.95 -1.44
N SER A 95 -7.35 -2.94 -1.57
CA SER A 95 -7.74 -4.36 -1.71
C SER A 95 -6.61 -5.32 -1.30
N TYR A 96 -6.91 -6.62 -1.20
CA TYR A 96 -5.88 -7.64 -1.09
C TYR A 96 -5.01 -7.72 -2.35
N ALA A 97 -3.69 -7.85 -2.16
CA ALA A 97 -2.76 -8.04 -3.27
C ALA A 97 -2.82 -9.48 -3.82
N LYS A 98 -2.52 -9.62 -5.11
CA LYS A 98 -2.41 -10.90 -5.85
C LYS A 98 -1.12 -10.94 -6.70
N ARG A 99 -0.02 -10.52 -6.07
CA ARG A 99 1.36 -10.55 -6.60
C ARG A 99 1.68 -11.89 -7.29
N LEU A 100 2.06 -11.80 -8.57
CA LEU A 100 2.28 -12.94 -9.47
C LEU A 100 3.66 -13.61 -9.28
N GLY A 1 18.69 1.06 6.23
CA GLY A 1 18.54 1.69 4.90
C GLY A 1 17.09 1.71 4.45
N SER A 2 16.61 2.85 3.95
CA SER A 2 15.18 3.09 3.66
C SER A 2 14.66 2.37 2.40
N VAL A 3 15.54 2.12 1.42
CA VAL A 3 15.17 1.68 0.06
C VAL A 3 16.21 0.68 -0.46
N ASN A 4 15.70 -0.31 -1.18
CA ASN A 4 16.40 -1.51 -1.64
C ASN A 4 15.75 -2.12 -2.90
N GLU A 5 16.50 -2.96 -3.61
CA GLU A 5 15.99 -3.73 -4.75
C GLU A 5 15.04 -4.87 -4.36
N GLU A 6 14.97 -5.27 -3.09
CA GLU A 6 13.98 -6.23 -2.60
C GLU A 6 12.59 -5.62 -2.61
N ALA A 7 12.49 -4.35 -2.19
CA ALA A 7 11.24 -3.61 -2.17
C ALA A 7 10.64 -3.38 -3.56
N ARG A 8 11.41 -3.54 -4.65
CA ARG A 8 10.88 -3.56 -6.01
C ARG A 8 9.92 -4.74 -6.18
N LYS A 9 10.36 -5.95 -5.81
CA LYS A 9 9.58 -7.20 -5.87
C LYS A 9 8.30 -7.15 -5.02
N PHE A 10 8.25 -6.28 -4.00
CA PHE A 10 7.10 -5.98 -3.15
C PHE A 10 6.01 -5.09 -3.81
N THR A 11 6.33 -4.35 -4.89
CA THR A 11 5.39 -3.53 -5.71
C THR A 11 5.34 -3.94 -7.19
N GLU A 12 6.21 -4.84 -7.63
CA GLU A 12 6.33 -5.32 -8.99
C GLU A 12 5.60 -6.67 -9.16
N ASN A 13 4.79 -6.81 -10.23
CA ASN A 13 3.89 -7.95 -10.51
C ASN A 13 2.69 -8.02 -9.54
N VAL A 14 2.34 -6.90 -8.90
CA VAL A 14 1.26 -6.72 -7.93
C VAL A 14 0.06 -6.06 -8.62
N VAL A 15 -1.15 -6.54 -8.31
CA VAL A 15 -2.42 -6.03 -8.83
C VAL A 15 -3.48 -6.25 -7.74
N GLY A 16 -4.56 -5.47 -7.77
CA GLY A 16 -5.61 -5.45 -6.74
C GLY A 16 -6.73 -6.48 -6.97
N GLY A 17 -7.47 -6.80 -5.91
CA GLY A 17 -8.67 -7.65 -5.94
C GLY A 17 -8.40 -9.14 -5.73
N GLY A 18 -7.41 -9.48 -4.87
CA GLY A 18 -6.98 -10.85 -4.59
C GLY A 18 -7.80 -11.62 -3.55
N GLU A 19 -7.34 -12.84 -3.27
CA GLU A 19 -7.75 -13.67 -2.13
C GLU A 19 -7.36 -12.99 -0.80
N ARG A 20 -7.97 -13.39 0.32
CA ARG A 20 -7.66 -12.83 1.63
C ARG A 20 -6.28 -13.32 2.05
N ASN A 21 -5.35 -12.38 2.15
CA ASN A 21 -3.98 -12.62 2.61
C ASN A 21 -3.42 -11.33 3.25
N ARG A 22 -2.49 -11.35 4.21
CA ARG A 22 -2.06 -10.12 4.95
C ARG A 22 -1.58 -8.91 4.13
N LEU A 23 -1.33 -9.10 2.82
CA LEU A 23 -0.84 -8.10 1.89
C LEU A 23 -2.00 -7.30 1.25
N ILE A 24 -1.97 -5.98 1.42
CA ILE A 24 -2.92 -5.00 0.85
C ILE A 24 -2.22 -4.18 -0.22
N TYR A 25 -2.88 -4.06 -1.36
CA TYR A 25 -2.52 -3.19 -2.50
C TYR A 25 -3.39 -1.91 -2.43
N CYS A 26 -2.75 -0.74 -2.40
CA CYS A 26 -3.43 0.56 -2.48
C CYS A 26 -3.15 1.23 -3.83
N SER A 27 -4.16 1.93 -4.34
CA SER A 27 -4.07 2.71 -5.58
C SER A 27 -4.84 4.03 -5.45
N ASN A 28 -4.68 4.92 -6.44
CA ASN A 28 -5.22 6.29 -6.43
C ASN A 28 -4.60 7.19 -5.31
N LEU A 29 -3.38 6.87 -4.85
CA LEU A 29 -2.65 7.70 -3.87
C LEU A 29 -2.32 9.09 -4.48
N PRO A 30 -2.31 10.16 -3.66
CA PRO A 30 -1.84 11.48 -4.07
C PRO A 30 -0.33 11.43 -4.28
N PHE A 31 0.17 12.20 -5.26
CA PHE A 31 1.57 12.16 -5.70
C PHE A 31 2.57 12.68 -4.65
N SER A 32 2.08 13.33 -3.60
CA SER A 32 2.86 13.84 -2.46
C SER A 32 3.07 12.79 -1.33
N THR A 33 2.55 11.56 -1.48
CA THR A 33 2.76 10.47 -0.51
C THR A 33 4.25 10.10 -0.44
N ALA A 34 4.70 9.70 0.74
CA ALA A 34 6.05 9.26 1.05
C ALA A 34 5.96 8.02 1.95
N LYS A 35 6.96 7.14 1.90
CA LYS A 35 6.93 5.85 2.63
C LYS A 35 6.77 6.05 4.16
N SER A 36 7.36 7.11 4.70
CA SER A 36 7.26 7.46 6.13
C SER A 36 5.86 7.97 6.53
N ASP A 37 5.17 8.68 5.64
CA ASP A 37 3.76 9.07 5.80
C ASP A 37 2.81 7.89 5.60
N LEU A 38 3.19 6.96 4.71
CA LEU A 38 2.43 5.76 4.37
C LEU A 38 2.39 4.74 5.51
N TYR A 39 3.48 4.54 6.24
CA TYR A 39 3.45 3.76 7.48
C TYR A 39 2.45 4.32 8.51
N ASP A 40 2.46 5.64 8.74
CA ASP A 40 1.56 6.29 9.70
C ASP A 40 0.09 6.18 9.28
N LEU A 41 -0.18 6.26 7.97
CA LEU A 41 -1.52 6.19 7.38
C LEU A 41 -2.20 4.84 7.63
N PHE A 42 -1.48 3.72 7.47
CA PHE A 42 -2.00 2.38 7.70
C PHE A 42 -1.80 1.90 9.14
N GLU A 43 -0.95 2.56 9.94
CA GLU A 43 -0.82 2.25 11.37
C GLU A 43 -2.11 2.60 12.16
N THR A 44 -3.03 3.39 11.58
CA THR A 44 -4.35 3.73 12.17
C THR A 44 -5.35 2.55 12.15
N ILE A 45 -5.18 1.59 11.22
CA ILE A 45 -5.86 0.28 11.25
C ILE A 45 -5.39 -0.53 12.47
N GLY A 46 -4.10 -0.41 12.78
CA GLY A 46 -3.48 -0.99 13.97
C GLY A 46 -1.98 -1.24 13.86
N LYS A 47 -1.42 -1.53 12.67
CA LYS A 47 -0.08 -2.12 12.57
C LYS A 47 0.42 -2.09 11.13
N VAL A 48 1.73 -2.10 10.94
CA VAL A 48 2.39 -2.26 9.64
C VAL A 48 3.76 -2.89 9.85
N ASN A 49 4.18 -3.83 8.97
CA ASN A 49 5.50 -4.46 9.07
C ASN A 49 6.40 -4.12 7.87
N ASN A 50 5.76 -3.89 6.73
CA ASN A 50 6.40 -3.70 5.44
C ASN A 50 5.43 -2.91 4.58
N ALA A 51 5.67 -1.61 4.40
CA ALA A 51 4.80 -0.75 3.61
C ALA A 51 5.59 0.26 2.77
N GLU A 52 5.15 0.44 1.53
CA GLU A 52 6.02 0.93 0.48
C GLU A 52 5.22 1.41 -0.74
N LEU A 53 5.81 2.36 -1.48
CA LEU A 53 5.32 2.98 -2.71
C LEU A 53 5.98 2.33 -3.94
N ARG A 54 5.22 2.20 -5.03
CA ARG A 54 5.75 1.82 -6.34
C ARG A 54 6.34 3.05 -7.03
N TYR A 55 7.50 2.87 -7.65
CA TYR A 55 8.14 3.90 -8.48
C TYR A 55 8.07 3.66 -10.00
N ASP A 56 8.20 4.76 -10.76
CA ASP A 56 8.04 4.81 -12.21
C ASP A 56 9.41 4.67 -12.93
N SER A 57 9.94 5.74 -13.53
CA SER A 57 11.17 5.71 -14.36
C SER A 57 12.43 5.25 -13.60
N LYS A 58 12.56 5.68 -12.34
CA LYS A 58 13.69 5.37 -11.44
C LYS A 58 13.23 5.29 -9.97
N GLY A 59 12.92 6.45 -9.37
CA GLY A 59 12.52 6.60 -7.95
C GLY A 59 11.35 7.56 -7.72
N ALA A 60 10.66 7.99 -8.78
CA ALA A 60 9.51 8.89 -8.72
C ALA A 60 8.22 8.09 -8.45
N PRO A 61 7.28 8.55 -7.61
CA PRO A 61 6.05 7.82 -7.27
C PRO A 61 5.09 7.66 -8.46
N THR A 62 4.01 6.90 -8.24
CA THR A 62 3.10 6.38 -9.29
C THR A 62 1.61 6.54 -8.98
N GLY A 63 1.25 6.77 -7.71
CA GLY A 63 -0.12 6.60 -7.21
C GLY A 63 -0.46 5.18 -6.76
N ILE A 64 0.52 4.27 -6.63
CA ILE A 64 0.36 2.87 -6.17
C ILE A 64 1.30 2.56 -4.99
N ALA A 65 0.80 1.78 -4.03
CA ALA A 65 1.50 1.38 -2.80
C ALA A 65 1.08 -0.03 -2.38
N VAL A 66 1.88 -0.65 -1.50
CA VAL A 66 1.59 -1.96 -0.91
C VAL A 66 1.88 -1.89 0.59
N VAL A 67 1.00 -2.48 1.40
CA VAL A 67 1.07 -2.50 2.88
C VAL A 67 0.86 -3.94 3.34
N GLU A 68 1.86 -4.44 4.03
CA GLU A 68 1.81 -5.69 4.77
C GLU A 68 1.38 -5.39 6.21
N TYR A 69 0.18 -5.86 6.54
CA TYR A 69 -0.32 -5.92 7.91
C TYR A 69 0.25 -7.11 8.69
N ASP A 70 0.15 -7.06 10.01
CA ASP A 70 0.57 -8.16 10.90
C ASP A 70 -0.18 -9.47 10.65
N ASN A 71 -1.40 -9.37 10.10
CA ASN A 71 -2.37 -10.45 9.99
C ASN A 71 -3.50 -10.03 9.04
N VAL A 72 -3.98 -10.98 8.23
CA VAL A 72 -5.09 -10.85 7.27
C VAL A 72 -6.37 -10.16 7.77
N ASP A 73 -6.70 -10.22 9.07
CA ASP A 73 -7.88 -9.55 9.62
C ASP A 73 -7.74 -8.03 9.78
N ASP A 74 -6.52 -7.50 9.87
CA ASP A 74 -6.27 -6.06 9.86
C ASP A 74 -6.44 -5.48 8.44
N ALA A 75 -6.13 -6.26 7.40
CA ALA A 75 -6.48 -5.92 6.03
C ALA A 75 -7.99 -5.79 5.80
N ASP A 76 -8.81 -6.59 6.49
CA ASP A 76 -10.27 -6.50 6.40
C ASP A 76 -10.79 -5.20 7.03
N VAL A 77 -10.11 -4.68 8.07
CA VAL A 77 -10.35 -3.33 8.61
C VAL A 77 -9.89 -2.27 7.60
N CYS A 78 -8.71 -2.42 6.98
CA CYS A 78 -8.19 -1.50 5.96
C CYS A 78 -9.18 -1.29 4.79
N ILE A 79 -9.72 -2.40 4.28
CA ILE A 79 -10.71 -2.44 3.18
C ILE A 79 -12.06 -1.79 3.55
N GLU A 80 -12.25 -1.39 4.82
CA GLU A 80 -13.45 -0.73 5.35
C GLU A 80 -13.10 0.62 6.01
N ARG A 81 -11.81 1.02 6.00
CA ARG A 81 -11.34 2.28 6.57
C ARG A 81 -10.65 3.19 5.54
N LEU A 82 -9.59 2.70 4.89
CA LEU A 82 -8.80 3.48 3.91
C LEU A 82 -9.41 3.44 2.51
N ASN A 83 -10.23 2.43 2.18
CA ASN A 83 -10.83 2.16 0.86
C ASN A 83 -11.89 3.18 0.37
N ASN A 84 -11.92 4.30 1.07
CA ASN A 84 -13.09 5.13 1.40
C ASN A 84 -12.67 6.46 2.07
N TYR A 85 -11.35 6.71 2.22
CA TYR A 85 -10.78 7.87 2.91
C TYR A 85 -10.18 8.87 1.90
N ASN A 86 -10.56 10.15 2.03
CA ASN A 86 -9.94 11.22 1.25
C ASN A 86 -8.53 11.53 1.78
N TYR A 87 -7.50 11.09 1.05
CA TYR A 87 -6.10 11.42 1.31
C TYR A 87 -5.57 12.30 0.17
N GLY A 88 -5.05 13.48 0.52
CA GLY A 88 -4.59 14.44 -0.49
C GLY A 88 -5.73 14.94 -1.39
N GLY A 89 -6.96 15.01 -0.85
CA GLY A 89 -8.16 15.47 -1.56
C GLY A 89 -8.82 14.47 -2.50
N CYS A 90 -8.58 13.15 -2.37
CA CYS A 90 -9.14 12.13 -3.25
C CYS A 90 -9.31 10.78 -2.52
N ASP A 91 -10.41 10.08 -2.77
CA ASP A 91 -10.71 8.79 -2.15
C ASP A 91 -9.77 7.70 -2.65
N LEU A 92 -8.90 7.20 -1.75
CA LEU A 92 -8.05 6.03 -2.00
C LEU A 92 -8.84 4.77 -2.36
N ASP A 93 -8.17 3.86 -3.09
CA ASP A 93 -8.70 2.57 -3.51
C ASP A 93 -7.86 1.42 -2.95
N ILE A 94 -8.47 0.62 -2.06
CA ILE A 94 -7.78 -0.41 -1.27
C ILE A 94 -8.34 -1.82 -1.54
N SER A 95 -7.47 -2.83 -1.66
CA SER A 95 -7.88 -4.23 -1.76
C SER A 95 -6.76 -5.20 -1.34
N TYR A 96 -7.05 -6.49 -1.21
CA TYR A 96 -6.01 -7.50 -1.09
C TYR A 96 -5.14 -7.59 -2.34
N ALA A 97 -3.82 -7.70 -2.15
CA ALA A 97 -2.91 -7.93 -3.26
C ALA A 97 -3.00 -9.38 -3.78
N LYS A 98 -2.73 -9.55 -5.08
CA LYS A 98 -2.64 -10.85 -5.77
C LYS A 98 -1.34 -10.94 -6.60
N ARG A 99 -0.24 -10.53 -5.97
CA ARG A 99 1.13 -10.59 -6.48
C ARG A 99 1.44 -11.97 -7.12
N LEU A 100 1.80 -11.94 -8.41
CA LEU A 100 2.00 -13.13 -9.25
C LEU A 100 3.26 -13.93 -8.89
N GLY A 1 17.15 3.36 4.88
CA GLY A 1 16.87 2.08 4.19
C GLY A 1 17.96 1.71 3.19
N SER A 2 18.21 0.41 3.02
CA SER A 2 19.34 -0.09 2.20
C SER A 2 19.06 -0.14 0.68
N VAL A 3 17.79 -0.32 0.29
CA VAL A 3 17.29 -0.52 -1.10
C VAL A 3 17.74 -1.87 -1.68
N ASN A 4 16.75 -2.69 -2.08
CA ASN A 4 16.96 -4.09 -2.47
C ASN A 4 15.98 -4.51 -3.57
N GLU A 5 16.29 -5.56 -4.33
CA GLU A 5 15.34 -6.16 -5.28
C GLU A 5 14.08 -6.69 -4.59
N GLU A 6 14.16 -7.11 -3.31
CA GLU A 6 13.00 -7.46 -2.50
C GLU A 6 11.98 -6.33 -2.44
N ALA A 7 12.42 -5.09 -2.14
CA ALA A 7 11.52 -3.94 -2.08
C ALA A 7 10.92 -3.59 -3.45
N ARG A 8 11.57 -3.97 -4.56
CA ARG A 8 11.03 -3.78 -5.91
C ARG A 8 9.92 -4.80 -6.17
N LYS A 9 10.19 -6.07 -5.90
CA LYS A 9 9.23 -7.19 -6.04
C LYS A 9 8.05 -7.11 -5.05
N PHE A 10 8.13 -6.23 -4.04
CA PHE A 10 7.03 -5.83 -3.16
C PHE A 10 6.01 -4.85 -3.79
N THR A 11 6.31 -4.23 -4.96
CA THR A 11 5.38 -3.36 -5.72
C THR A 11 5.31 -3.67 -7.22
N GLU A 12 6.28 -4.42 -7.73
CA GLU A 12 6.26 -5.00 -9.07
C GLU A 12 5.59 -6.38 -9.11
N ASN A 13 4.80 -6.61 -10.18
CA ASN A 13 3.99 -7.82 -10.38
C ASN A 13 2.85 -7.96 -9.36
N VAL A 14 2.47 -6.84 -8.73
CA VAL A 14 1.38 -6.68 -7.76
C VAL A 14 0.15 -6.16 -8.48
N VAL A 15 -1.00 -6.74 -8.17
CA VAL A 15 -2.32 -6.31 -8.65
C VAL A 15 -3.35 -6.46 -7.53
N GLY A 16 -4.47 -5.75 -7.67
CA GLY A 16 -5.53 -5.66 -6.66
C GLY A 16 -6.61 -6.73 -6.78
N GLY A 17 -7.39 -6.90 -5.71
CA GLY A 17 -8.63 -7.67 -5.68
C GLY A 17 -8.43 -9.18 -5.46
N GLY A 18 -7.38 -9.56 -4.72
CA GLY A 18 -6.94 -10.95 -4.55
C GLY A 18 -7.72 -11.78 -3.53
N GLU A 19 -7.24 -13.02 -3.34
CA GLU A 19 -7.57 -13.90 -2.22
C GLU A 19 -7.15 -13.24 -0.89
N ARG A 20 -7.69 -13.69 0.25
CA ARG A 20 -7.47 -13.06 1.55
C ARG A 20 -6.07 -13.43 2.02
N ASN A 21 -5.25 -12.41 2.22
CA ASN A 21 -3.87 -12.56 2.71
C ASN A 21 -3.38 -11.28 3.42
N ARG A 22 -2.39 -11.32 4.31
CA ARG A 22 -1.96 -10.10 5.06
C ARG A 22 -1.49 -8.89 4.21
N LEU A 23 -1.20 -9.10 2.92
CA LEU A 23 -0.70 -8.11 1.97
C LEU A 23 -1.85 -7.29 1.35
N ILE A 24 -1.77 -5.96 1.43
CA ILE A 24 -2.72 -4.98 0.88
C ILE A 24 -2.03 -4.14 -0.18
N TYR A 25 -2.67 -4.02 -1.34
CA TYR A 25 -2.29 -3.18 -2.46
C TYR A 25 -3.22 -1.96 -2.48
N CYS A 26 -2.63 -0.76 -2.40
CA CYS A 26 -3.34 0.53 -2.48
C CYS A 26 -3.05 1.23 -3.81
N SER A 27 -4.04 1.90 -4.35
CA SER A 27 -3.93 2.70 -5.57
C SER A 27 -4.74 4.01 -5.45
N ASN A 28 -4.57 4.91 -6.42
CA ASN A 28 -5.12 6.28 -6.41
C ASN A 28 -4.56 7.15 -5.26
N LEU A 29 -3.37 6.84 -4.73
CA LEU A 29 -2.67 7.70 -3.75
C LEU A 29 -2.35 9.08 -4.37
N PRO A 30 -2.38 10.17 -3.57
CA PRO A 30 -1.91 11.48 -4.02
C PRO A 30 -0.40 11.46 -4.24
N PHE A 31 0.08 12.23 -5.23
CA PHE A 31 1.49 12.25 -5.65
C PHE A 31 2.44 12.82 -4.57
N SER A 32 1.89 13.43 -3.51
CA SER A 32 2.64 13.97 -2.36
C SER A 32 3.00 12.91 -1.29
N THR A 33 2.60 11.64 -1.47
CA THR A 33 2.82 10.56 -0.49
C THR A 33 4.29 10.14 -0.43
N ALA A 34 4.73 9.70 0.74
CA ALA A 34 6.08 9.23 1.06
C ALA A 34 5.98 8.09 2.08
N LYS A 35 6.96 7.19 2.10
CA LYS A 35 6.89 5.95 2.90
C LYS A 35 6.68 6.24 4.40
N SER A 36 7.22 7.36 4.92
CA SER A 36 7.07 7.75 6.33
C SER A 36 5.65 8.23 6.66
N ASP A 37 4.97 8.90 5.72
CA ASP A 37 3.55 9.26 5.81
C ASP A 37 2.64 8.05 5.61
N LEU A 38 3.04 7.12 4.73
CA LEU A 38 2.30 5.90 4.40
C LEU A 38 2.26 4.92 5.58
N TYR A 39 3.35 4.75 6.30
CA TYR A 39 3.34 3.97 7.54
C TYR A 39 2.34 4.53 8.57
N ASP A 40 2.33 5.84 8.80
CA ASP A 40 1.40 6.47 9.75
C ASP A 40 -0.07 6.35 9.30
N LEU A 41 -0.33 6.46 7.99
CA LEU A 41 -1.66 6.36 7.39
C LEU A 41 -2.31 4.99 7.64
N PHE A 42 -1.58 3.90 7.45
CA PHE A 42 -2.09 2.54 7.68
C PHE A 42 -1.90 2.07 9.12
N GLU A 43 -1.05 2.72 9.92
CA GLU A 43 -0.92 2.37 11.34
C GLU A 43 -2.19 2.71 12.15
N THR A 44 -3.13 3.51 11.60
CA THR A 44 -4.46 3.77 12.22
C THR A 44 -5.41 2.56 12.18
N ILE A 45 -5.21 1.61 11.26
CA ILE A 45 -5.85 0.28 11.30
C ILE A 45 -5.32 -0.53 12.49
N GLY A 46 -4.03 -0.36 12.79
CA GLY A 46 -3.38 -0.92 13.98
C GLY A 46 -1.89 -1.23 13.82
N LYS A 47 -1.39 -1.50 12.60
CA LYS A 47 -0.04 -2.07 12.41
C LYS A 47 0.48 -1.75 11.02
N VAL A 48 1.79 -1.92 10.83
CA VAL A 48 2.46 -2.08 9.53
C VAL A 48 3.80 -2.77 9.79
N ASN A 49 4.22 -3.76 8.98
CA ASN A 49 5.54 -4.41 9.15
C ASN A 49 6.47 -4.11 7.97
N ASN A 50 5.86 -3.93 6.80
CA ASN A 50 6.55 -3.74 5.54
C ASN A 50 5.60 -2.96 4.64
N ALA A 51 5.87 -1.68 4.41
CA ALA A 51 5.12 -0.88 3.45
C ALA A 51 6.00 -0.02 2.55
N GLU A 52 5.53 0.20 1.32
CA GLU A 52 6.35 0.81 0.25
C GLU A 52 5.53 1.31 -0.95
N LEU A 53 6.06 2.33 -1.63
CA LEU A 53 5.47 3.07 -2.76
C LEU A 53 6.16 2.69 -4.08
N ARG A 54 5.37 2.38 -5.11
CA ARG A 54 5.89 2.11 -6.44
C ARG A 54 6.28 3.40 -7.11
N TYR A 55 7.43 3.38 -7.77
CA TYR A 55 7.91 4.51 -8.58
C TYR A 55 7.90 4.25 -10.10
N ASP A 56 7.84 5.34 -10.88
CA ASP A 56 7.68 5.30 -12.34
C ASP A 56 9.03 5.10 -13.05
N SER A 57 9.78 6.18 -13.32
CA SER A 57 11.10 6.11 -13.96
C SER A 57 12.20 5.64 -12.97
N LYS A 58 12.22 6.24 -11.77
CA LYS A 58 13.31 6.12 -10.78
C LYS A 58 12.79 6.24 -9.33
N GLY A 59 12.31 7.44 -8.95
CA GLY A 59 11.84 7.77 -7.59
C GLY A 59 10.49 8.50 -7.51
N ALA A 60 9.83 8.75 -8.65
CA ALA A 60 8.56 9.50 -8.72
C ALA A 60 7.37 8.60 -8.30
N PRO A 61 6.59 8.98 -7.25
CA PRO A 61 5.51 8.17 -6.70
C PRO A 61 4.31 8.09 -7.67
N THR A 62 4.03 6.87 -8.13
CA THR A 62 3.03 6.55 -9.16
C THR A 62 1.57 6.77 -8.77
N GLY A 63 1.29 6.92 -7.48
CA GLY A 63 -0.07 6.76 -6.92
C GLY A 63 -0.41 5.32 -6.54
N ILE A 64 0.58 4.41 -6.48
CA ILE A 64 0.44 2.99 -6.06
C ILE A 64 1.39 2.68 -4.90
N ALA A 65 0.91 1.89 -3.94
CA ALA A 65 1.62 1.49 -2.72
C ALA A 65 1.19 0.09 -2.27
N VAL A 66 2.00 -0.56 -1.43
CA VAL A 66 1.70 -1.87 -0.84
C VAL A 66 2.01 -1.80 0.66
N VAL A 67 1.15 -2.42 1.47
CA VAL A 67 1.21 -2.43 2.94
C VAL A 67 1.01 -3.87 3.39
N GLU A 68 1.99 -4.38 4.11
CA GLU A 68 1.89 -5.64 4.85
C GLU A 68 1.46 -5.32 6.27
N TYR A 69 0.25 -5.77 6.62
CA TYR A 69 -0.21 -5.81 8.01
C TYR A 69 0.34 -7.04 8.75
N ASP A 70 0.28 -7.00 10.09
CA ASP A 70 0.65 -8.12 10.96
C ASP A 70 -0.11 -9.42 10.66
N ASN A 71 -1.34 -9.29 10.17
CA ASN A 71 -2.29 -10.37 9.93
C ASN A 71 -3.39 -9.94 8.95
N VAL A 72 -3.90 -10.92 8.20
CA VAL A 72 -5.07 -10.82 7.28
C VAL A 72 -6.34 -10.12 7.83
N ASP A 73 -6.62 -10.17 9.14
CA ASP A 73 -7.83 -9.51 9.68
C ASP A 73 -7.71 -7.98 9.72
N ASP A 74 -6.49 -7.44 9.89
CA ASP A 74 -6.23 -6.00 9.81
C ASP A 74 -6.33 -5.45 8.37
N ALA A 75 -5.99 -6.27 7.36
CA ALA A 75 -6.35 -5.96 5.97
C ALA A 75 -7.87 -5.83 5.78
N ASP A 76 -8.65 -6.65 6.48
CA ASP A 76 -10.11 -6.62 6.38
C ASP A 76 -10.73 -5.37 7.03
N VAL A 77 -10.06 -4.82 8.07
CA VAL A 77 -10.34 -3.45 8.56
C VAL A 77 -9.96 -2.42 7.49
N CYS A 78 -8.73 -2.48 6.95
CA CYS A 78 -8.21 -1.54 5.95
C CYS A 78 -9.17 -1.36 4.76
N ILE A 79 -9.67 -2.46 4.23
CA ILE A 79 -10.63 -2.55 3.10
C ILE A 79 -12.01 -1.94 3.40
N GLU A 80 -12.31 -1.52 4.64
CA GLU A 80 -13.52 -0.78 5.00
C GLU A 80 -13.20 0.59 5.63
N ARG A 81 -11.91 0.93 5.82
CA ARG A 81 -11.45 2.05 6.61
C ARG A 81 -10.69 3.09 5.75
N LEU A 82 -9.70 2.66 4.96
CA LEU A 82 -8.96 3.51 4.00
C LEU A 82 -9.58 3.47 2.59
N ASN A 83 -10.43 2.50 2.27
CA ASN A 83 -10.88 2.14 0.92
C ASN A 83 -11.98 3.06 0.34
N ASN A 84 -11.87 4.35 0.65
CA ASN A 84 -12.92 5.38 0.59
C ASN A 84 -12.42 6.73 1.12
N TYR A 85 -11.51 6.69 2.11
CA TYR A 85 -10.91 7.86 2.75
C TYR A 85 -10.31 8.85 1.74
N ASN A 86 -10.61 10.14 1.92
CA ASN A 86 -10.09 11.22 1.09
C ASN A 86 -8.71 11.67 1.61
N TYR A 87 -7.66 11.28 0.89
CA TYR A 87 -6.26 11.58 1.23
C TYR A 87 -5.64 12.45 0.15
N GLY A 88 -5.15 13.65 0.50
CA GLY A 88 -4.52 14.54 -0.47
C GLY A 88 -5.48 15.19 -1.47
N GLY A 89 -6.79 14.90 -1.37
CA GLY A 89 -7.82 15.20 -2.38
C GLY A 89 -8.20 14.01 -3.28
N CYS A 90 -7.80 12.77 -2.94
CA CYS A 90 -8.03 11.56 -3.75
C CYS A 90 -8.75 10.50 -2.90
N ASP A 91 -9.86 9.96 -3.42
CA ASP A 91 -10.58 8.84 -2.82
C ASP A 91 -9.74 7.56 -2.99
N LEU A 92 -9.00 7.14 -1.96
CA LEU A 92 -8.15 5.95 -2.04
C LEU A 92 -8.89 4.66 -2.39
N ASP A 93 -8.16 3.76 -3.06
CA ASP A 93 -8.63 2.44 -3.51
C ASP A 93 -7.74 1.34 -2.92
N ILE A 94 -8.33 0.48 -2.08
CA ILE A 94 -7.63 -0.47 -1.21
C ILE A 94 -8.15 -1.90 -1.43
N SER A 95 -7.26 -2.89 -1.55
CA SER A 95 -7.66 -4.30 -1.70
C SER A 95 -6.55 -5.28 -1.27
N TYR A 96 -6.90 -6.56 -1.10
CA TYR A 96 -5.89 -7.62 -0.97
C TYR A 96 -4.98 -7.66 -2.19
N ALA A 97 -3.66 -7.66 -1.96
CA ALA A 97 -2.69 -7.73 -3.04
C ALA A 97 -2.58 -9.17 -3.56
N LYS A 98 -3.10 -9.40 -4.77
CA LYS A 98 -2.72 -10.54 -5.61
C LYS A 98 -1.41 -10.17 -6.32
N ARG A 99 -0.28 -10.79 -5.97
CA ARG A 99 0.91 -10.76 -6.81
C ARG A 99 0.95 -11.99 -7.74
N LEU A 100 1.51 -11.85 -8.95
CA LEU A 100 1.55 -12.86 -10.02
C LEU A 100 2.25 -14.17 -9.58
N GLY A 1 23.06 6.69 -3.36
CA GLY A 1 21.77 6.15 -2.86
C GLY A 1 21.58 4.68 -3.27
N SER A 2 21.08 3.85 -2.35
CA SER A 2 20.93 2.39 -2.54
C SER A 2 19.66 1.85 -1.83
N VAL A 3 19.08 0.75 -2.33
CA VAL A 3 17.87 0.11 -1.78
C VAL A 3 17.76 -1.35 -2.23
N ASN A 4 17.30 -2.23 -1.34
CA ASN A 4 17.14 -3.67 -1.62
C ASN A 4 16.11 -3.98 -2.71
N GLU A 5 16.46 -4.85 -3.67
CA GLU A 5 15.56 -5.29 -4.76
C GLU A 5 14.29 -5.99 -4.26
N GLU A 6 14.29 -6.53 -3.05
CA GLU A 6 13.08 -6.98 -2.34
C GLU A 6 11.99 -5.89 -2.34
N ALA A 7 12.36 -4.64 -2.09
CA ALA A 7 11.45 -3.51 -2.02
C ALA A 7 10.84 -3.19 -3.39
N ARG A 8 11.56 -3.49 -4.48
CA ARG A 8 11.09 -3.36 -5.85
C ARG A 8 10.12 -4.50 -6.17
N LYS A 9 10.50 -5.74 -5.82
CA LYS A 9 9.64 -6.94 -5.96
C LYS A 9 8.32 -6.83 -5.16
N PHE A 10 8.30 -6.00 -4.11
CA PHE A 10 7.12 -5.65 -3.29
C PHE A 10 6.14 -4.66 -3.98
N THR A 11 6.52 -4.01 -5.10
CA THR A 11 5.65 -3.18 -5.98
C THR A 11 5.68 -3.60 -7.45
N GLU A 12 6.44 -4.63 -7.85
CA GLU A 12 6.40 -5.23 -9.18
C GLU A 12 5.39 -6.37 -9.32
N ASN A 13 4.60 -6.38 -10.40
CA ASN A 13 3.62 -7.42 -10.74
C ASN A 13 2.51 -7.59 -9.67
N VAL A 14 2.30 -6.57 -8.84
CA VAL A 14 1.27 -6.47 -7.80
C VAL A 14 0.03 -5.82 -8.40
N VAL A 15 -1.14 -6.37 -8.11
CA VAL A 15 -2.44 -5.89 -8.61
C VAL A 15 -3.49 -6.15 -7.53
N GLY A 16 -4.54 -5.33 -7.49
CA GLY A 16 -5.59 -5.39 -6.47
C GLY A 16 -6.68 -6.43 -6.73
N GLY A 17 -7.50 -6.68 -5.71
CA GLY A 17 -8.74 -7.48 -5.80
C GLY A 17 -8.55 -8.99 -5.58
N GLY A 18 -7.54 -9.39 -4.80
CA GLY A 18 -7.17 -10.80 -4.56
C GLY A 18 -8.03 -11.52 -3.51
N GLU A 19 -7.68 -12.78 -3.28
CA GLU A 19 -8.09 -13.59 -2.13
C GLU A 19 -7.50 -13.01 -0.83
N ARG A 20 -7.95 -13.47 0.36
CA ARG A 20 -7.49 -12.93 1.63
C ARG A 20 -6.09 -13.45 1.91
N ASN A 21 -5.15 -12.52 2.02
CA ASN A 21 -3.76 -12.79 2.37
C ASN A 21 -3.14 -11.49 2.90
N ARG A 22 -2.33 -11.45 3.97
CA ARG A 22 -2.03 -10.19 4.71
C ARG A 22 -1.28 -9.03 4.00
N LEU A 23 -1.16 -9.09 2.67
CA LEU A 23 -0.62 -8.03 1.82
C LEU A 23 -1.77 -7.21 1.19
N ILE A 24 -1.78 -5.91 1.45
CA ILE A 24 -2.74 -4.92 0.92
C ILE A 24 -2.08 -4.09 -0.17
N TYR A 25 -2.77 -3.97 -1.30
CA TYR A 25 -2.47 -3.11 -2.43
C TYR A 25 -3.35 -1.85 -2.36
N CYS A 26 -2.73 -0.66 -2.33
CA CYS A 26 -3.42 0.62 -2.43
C CYS A 26 -3.15 1.27 -3.80
N SER A 27 -4.18 1.85 -4.41
CA SER A 27 -4.08 2.64 -5.64
C SER A 27 -4.84 3.99 -5.49
N ASN A 28 -4.65 4.90 -6.45
CA ASN A 28 -5.16 6.27 -6.45
C ASN A 28 -4.64 7.14 -5.27
N LEU A 29 -3.42 6.89 -4.79
CA LEU A 29 -2.75 7.75 -3.78
C LEU A 29 -2.48 9.17 -4.34
N PRO A 30 -2.46 10.21 -3.48
CA PRO A 30 -1.99 11.55 -3.85
C PRO A 30 -0.48 11.52 -4.08
N PHE A 31 -0.01 12.30 -5.07
CA PHE A 31 1.37 12.24 -5.57
C PHE A 31 2.42 12.74 -4.55
N SER A 32 1.97 13.42 -3.49
CA SER A 32 2.80 13.96 -2.40
C SER A 32 3.10 12.95 -1.27
N THR A 33 2.59 11.70 -1.38
CA THR A 33 2.80 10.64 -0.37
C THR A 33 4.28 10.25 -0.28
N ALA A 34 4.70 9.82 0.92
CA ALA A 34 6.05 9.38 1.27
C ALA A 34 5.95 8.19 2.22
N LYS A 35 6.93 7.28 2.21
CA LYS A 35 6.85 6.01 2.96
C LYS A 35 6.65 6.23 4.48
N SER A 36 7.19 7.30 5.05
CA SER A 36 7.02 7.67 6.46
C SER A 36 5.59 8.15 6.79
N ASP A 37 4.93 8.88 5.88
CA ASP A 37 3.51 9.25 5.99
C ASP A 37 2.59 8.06 5.72
N LEU A 38 2.99 7.16 4.82
CA LEU A 38 2.27 5.94 4.47
C LEU A 38 2.25 4.94 5.64
N TYR A 39 3.37 4.77 6.35
CA TYR A 39 3.37 3.99 7.59
C TYR A 39 2.38 4.55 8.63
N ASP A 40 2.36 5.86 8.85
CA ASP A 40 1.45 6.51 9.81
C ASP A 40 -0.03 6.33 9.41
N LEU A 41 -0.33 6.43 8.11
CA LEU A 41 -1.67 6.30 7.55
C LEU A 41 -2.29 4.92 7.82
N PHE A 42 -1.56 3.84 7.52
CA PHE A 42 -2.04 2.47 7.72
C PHE A 42 -1.84 1.99 9.15
N GLU A 43 -0.98 2.63 9.95
CA GLU A 43 -0.90 2.31 11.37
C GLU A 43 -2.21 2.69 12.13
N THR A 44 -3.13 3.45 11.52
CA THR A 44 -4.49 3.74 12.07
C THR A 44 -5.39 2.49 12.11
N ILE A 45 -5.15 1.51 11.24
CA ILE A 45 -5.77 0.18 11.29
C ILE A 45 -5.23 -0.63 12.48
N GLY A 46 -3.95 -0.39 12.83
CA GLY A 46 -3.29 -0.91 14.03
C GLY A 46 -1.83 -1.31 13.84
N LYS A 47 -1.33 -1.57 12.62
CA LYS A 47 -0.01 -2.18 12.41
C LYS A 47 0.53 -1.84 11.02
N VAL A 48 1.84 -2.05 10.83
CA VAL A 48 2.50 -2.18 9.51
C VAL A 48 3.83 -2.91 9.74
N ASN A 49 4.22 -3.88 8.89
CA ASN A 49 5.53 -4.54 9.01
C ASN A 49 6.45 -4.17 7.84
N ASN A 50 5.83 -3.94 6.68
CA ASN A 50 6.50 -3.74 5.41
C ASN A 50 5.55 -2.91 4.55
N ALA A 51 5.82 -1.62 4.40
CA ALA A 51 5.06 -0.78 3.46
C ALA A 51 5.93 0.11 2.58
N GLU A 52 5.45 0.34 1.36
CA GLU A 52 6.27 0.96 0.30
C GLU A 52 5.43 1.48 -0.87
N LEU A 53 5.97 2.51 -1.54
CA LEU A 53 5.38 3.27 -2.65
C LEU A 53 6.00 2.81 -3.97
N ARG A 54 5.16 2.43 -4.94
CA ARG A 54 5.64 2.05 -6.27
C ARG A 54 6.24 3.27 -6.96
N TYR A 55 7.38 3.05 -7.63
CA TYR A 55 7.97 4.05 -8.53
C TYR A 55 7.91 3.73 -10.02
N ASP A 56 7.91 4.79 -10.83
CA ASP A 56 7.70 4.76 -12.29
C ASP A 56 9.00 4.45 -13.05
N SER A 57 9.77 5.49 -13.41
CA SER A 57 11.03 5.37 -14.16
C SER A 57 12.19 4.88 -13.27
N LYS A 58 12.34 5.50 -12.09
CA LYS A 58 13.49 5.33 -11.18
C LYS A 58 13.07 5.43 -9.70
N GLY A 59 12.63 6.63 -9.27
CA GLY A 59 12.23 6.94 -7.88
C GLY A 59 11.04 7.89 -7.75
N ALA A 60 10.37 8.24 -8.86
CA ALA A 60 9.18 9.10 -8.86
C ALA A 60 7.92 8.28 -8.55
N PRO A 61 6.99 8.76 -7.71
CA PRO A 61 5.79 8.02 -7.31
C PRO A 61 4.79 7.89 -8.48
N THR A 62 3.68 7.20 -8.19
CA THR A 62 2.78 6.62 -9.21
C THR A 62 1.29 6.75 -8.89
N GLY A 63 0.94 6.92 -7.62
CA GLY A 63 -0.41 6.66 -7.12
C GLY A 63 -0.63 5.22 -6.65
N ILE A 64 0.40 4.37 -6.56
CA ILE A 64 0.33 2.99 -6.04
C ILE A 64 1.24 2.81 -4.82
N ALA A 65 0.77 2.07 -3.83
CA ALA A 65 1.51 1.64 -2.65
C ALA A 65 1.09 0.23 -2.23
N VAL A 66 1.92 -0.42 -1.42
CA VAL A 66 1.65 -1.77 -0.88
C VAL A 66 1.97 -1.76 0.62
N VAL A 67 1.11 -2.38 1.43
CA VAL A 67 1.17 -2.40 2.90
C VAL A 67 0.97 -3.84 3.37
N GLU A 68 1.97 -4.35 4.06
CA GLU A 68 1.92 -5.63 4.76
C GLU A 68 1.52 -5.38 6.21
N TYR A 69 0.35 -5.89 6.58
CA TYR A 69 -0.13 -5.94 7.97
C TYR A 69 0.36 -7.19 8.72
N ASP A 70 0.31 -7.13 10.06
CA ASP A 70 0.73 -8.21 10.95
C ASP A 70 -0.20 -9.44 10.88
N ASN A 71 -1.46 -9.24 10.48
CA ASN A 71 -2.48 -10.26 10.33
C ASN A 71 -3.42 -9.88 9.19
N VAL A 72 -3.91 -10.90 8.48
CA VAL A 72 -4.95 -10.75 7.43
C VAL A 72 -6.26 -10.13 7.94
N ASP A 73 -6.57 -10.19 9.24
CA ASP A 73 -7.75 -9.53 9.81
C ASP A 73 -7.61 -8.00 9.95
N ASP A 74 -6.39 -7.47 9.99
CA ASP A 74 -6.12 -6.03 9.96
C ASP A 74 -6.30 -5.46 8.55
N ALA A 75 -5.88 -6.20 7.52
CA ALA A 75 -6.25 -5.90 6.12
C ALA A 75 -7.77 -5.80 5.93
N ASP A 76 -8.55 -6.64 6.61
CA ASP A 76 -10.00 -6.64 6.52
C ASP A 76 -10.64 -5.39 7.17
N VAL A 77 -9.92 -4.74 8.10
CA VAL A 77 -10.24 -3.41 8.62
C VAL A 77 -9.77 -2.33 7.63
N CYS A 78 -8.58 -2.47 7.03
CA CYS A 78 -8.05 -1.54 6.02
C CYS A 78 -9.03 -1.36 4.85
N ILE A 79 -9.58 -2.46 4.37
CA ILE A 79 -10.57 -2.53 3.28
C ILE A 79 -11.94 -1.92 3.66
N GLU A 80 -12.17 -1.53 4.92
CA GLU A 80 -13.33 -0.73 5.32
C GLU A 80 -12.91 0.71 5.65
N ARG A 81 -11.73 0.92 6.24
CA ARG A 81 -11.34 2.22 6.77
C ARG A 81 -10.73 3.13 5.70
N LEU A 82 -9.85 2.58 4.84
CA LEU A 82 -9.11 3.35 3.83
C LEU A 82 -9.71 3.27 2.41
N ASN A 83 -10.47 2.24 2.01
CA ASN A 83 -10.85 2.01 0.59
C ASN A 83 -11.86 3.03 -0.03
N ASN A 84 -12.18 4.05 0.75
CA ASN A 84 -13.20 5.09 0.53
C ASN A 84 -12.82 6.43 1.21
N TYR A 85 -11.62 6.51 1.81
CA TYR A 85 -11.09 7.69 2.48
C TYR A 85 -10.46 8.67 1.47
N ASN A 86 -10.84 9.95 1.56
CA ASN A 86 -10.19 11.02 0.80
C ASN A 86 -8.87 11.41 1.48
N TYR A 87 -7.74 10.99 0.91
CA TYR A 87 -6.39 11.33 1.37
C TYR A 87 -5.75 12.30 0.38
N GLY A 88 -5.34 13.49 0.85
CA GLY A 88 -4.62 14.45 0.02
C GLY A 88 -5.41 14.91 -1.23
N GLY A 89 -6.74 14.93 -1.14
CA GLY A 89 -7.65 15.23 -2.25
C GLY A 89 -7.96 14.05 -3.19
N CYS A 90 -7.64 12.80 -2.83
CA CYS A 90 -7.80 11.62 -3.68
C CYS A 90 -8.54 10.51 -2.90
N ASP A 91 -9.67 10.05 -3.41
CA ASP A 91 -10.43 8.93 -2.84
C ASP A 91 -9.68 7.61 -3.08
N LEU A 92 -8.94 7.15 -2.07
CA LEU A 92 -8.14 5.92 -2.15
C LEU A 92 -8.93 4.67 -2.54
N ASP A 93 -8.23 3.72 -3.14
CA ASP A 93 -8.75 2.41 -3.54
C ASP A 93 -7.89 1.30 -2.92
N ILE A 94 -8.47 0.55 -1.97
CA ILE A 94 -7.72 -0.43 -1.15
C ILE A 94 -8.27 -1.86 -1.35
N SER A 95 -7.39 -2.85 -1.45
CA SER A 95 -7.77 -4.26 -1.58
C SER A 95 -6.62 -5.21 -1.21
N TYR A 96 -6.91 -6.50 -1.09
CA TYR A 96 -5.87 -7.53 -1.03
C TYR A 96 -5.08 -7.63 -2.35
N ALA A 97 -3.77 -7.82 -2.25
CA ALA A 97 -2.91 -8.02 -3.41
C ALA A 97 -3.07 -9.43 -4.00
N LYS A 98 -2.81 -9.58 -5.31
CA LYS A 98 -2.76 -10.87 -6.03
C LYS A 98 -1.50 -11.02 -6.91
N ARG A 99 -0.37 -10.57 -6.35
CA ARG A 99 0.97 -10.54 -6.97
C ARG A 99 1.26 -11.78 -7.85
N LEU A 100 1.53 -11.54 -9.14
CA LEU A 100 1.75 -12.58 -10.17
C LEU A 100 3.10 -13.30 -10.00
N GLY A 1 21.96 4.97 -1.01
CA GLY A 1 21.15 4.51 -2.16
C GLY A 1 19.66 4.60 -1.89
N SER A 2 18.86 4.93 -2.92
CA SER A 2 17.43 5.24 -2.77
C SER A 2 16.51 4.01 -2.64
N VAL A 3 16.92 2.87 -3.20
CA VAL A 3 16.07 1.71 -3.49
C VAL A 3 16.84 0.40 -3.45
N ASN A 4 16.09 -0.70 -3.41
CA ASN A 4 16.58 -2.09 -3.39
C ASN A 4 15.73 -2.96 -4.34
N GLU A 5 16.28 -4.04 -4.88
CA GLU A 5 15.54 -4.99 -5.71
C GLU A 5 14.44 -5.74 -4.93
N GLU A 6 14.53 -5.86 -3.60
CA GLU A 6 13.41 -6.36 -2.79
C GLU A 6 12.23 -5.40 -2.75
N ALA A 7 12.48 -4.10 -2.65
CA ALA A 7 11.41 -3.11 -2.69
C ALA A 7 10.74 -3.10 -4.08
N ARG A 8 11.50 -3.45 -5.13
CA ARG A 8 10.91 -3.60 -6.46
C ARG A 8 10.00 -4.82 -6.44
N LYS A 9 10.49 -5.97 -5.97
CA LYS A 9 9.70 -7.20 -5.89
C LYS A 9 8.49 -7.13 -4.92
N PHE A 10 8.49 -6.19 -3.96
CA PHE A 10 7.35 -5.85 -3.08
C PHE A 10 6.25 -5.00 -3.77
N THR A 11 6.52 -4.31 -4.89
CA THR A 11 5.56 -3.46 -5.64
C THR A 11 5.41 -3.83 -7.11
N GLU A 12 6.22 -4.76 -7.60
CA GLU A 12 6.22 -5.27 -8.96
C GLU A 12 5.37 -6.54 -9.10
N ASN A 13 4.58 -6.61 -10.18
CA ASN A 13 3.58 -7.64 -10.49
C ASN A 13 2.37 -7.60 -9.54
N VAL A 14 2.17 -6.51 -8.80
CA VAL A 14 1.13 -6.35 -7.77
C VAL A 14 -0.10 -5.72 -8.40
N VAL A 15 -1.26 -6.33 -8.18
CA VAL A 15 -2.55 -5.90 -8.71
C VAL A 15 -3.65 -6.15 -7.67
N GLY A 16 -4.67 -5.31 -7.70
CA GLY A 16 -5.74 -5.30 -6.69
C GLY A 16 -6.79 -6.41 -6.88
N GLY A 17 -7.45 -6.76 -5.79
CA GLY A 17 -8.63 -7.66 -5.77
C GLY A 17 -8.29 -9.13 -5.60
N GLY A 18 -7.21 -9.45 -4.89
CA GLY A 18 -6.69 -10.81 -4.71
C GLY A 18 -7.48 -11.69 -3.75
N GLU A 19 -6.94 -12.90 -3.52
CA GLU A 19 -7.33 -13.78 -2.41
C GLU A 19 -6.95 -13.13 -1.05
N ARG A 20 -7.53 -13.60 0.05
CA ARG A 20 -7.35 -12.97 1.36
C ARG A 20 -6.00 -13.38 1.93
N ASN A 21 -5.12 -12.39 2.08
CA ASN A 21 -3.76 -12.57 2.57
C ASN A 21 -3.27 -11.29 3.26
N ARG A 22 -2.32 -11.32 4.20
CA ARG A 22 -1.94 -10.10 4.98
C ARG A 22 -1.51 -8.85 4.17
N LEU A 23 -1.18 -9.02 2.87
CA LEU A 23 -0.69 -7.99 1.97
C LEU A 23 -1.86 -7.20 1.33
N ILE A 24 -1.82 -5.87 1.46
CA ILE A 24 -2.78 -4.90 0.92
C ILE A 24 -2.10 -4.04 -0.15
N TYR A 25 -2.77 -3.91 -1.29
CA TYR A 25 -2.41 -3.04 -2.41
C TYR A 25 -3.31 -1.80 -2.37
N CYS A 26 -2.71 -0.60 -2.29
CA CYS A 26 -3.42 0.67 -2.40
C CYS A 26 -3.13 1.31 -3.77
N SER A 27 -4.15 1.89 -4.39
CA SER A 27 -4.01 2.68 -5.62
C SER A 27 -4.78 4.02 -5.50
N ASN A 28 -4.60 4.92 -6.47
CA ASN A 28 -5.13 6.29 -6.49
C ASN A 28 -4.56 7.20 -5.36
N LEU A 29 -3.35 6.92 -4.85
CA LEU A 29 -2.68 7.78 -3.87
C LEU A 29 -2.34 9.17 -4.46
N PRO A 30 -2.35 10.25 -3.63
CA PRO A 30 -1.84 11.55 -4.03
C PRO A 30 -0.32 11.49 -4.17
N PHE A 31 0.23 12.20 -5.16
CA PHE A 31 1.66 12.14 -5.54
C PHE A 31 2.61 12.69 -4.46
N SER A 32 2.07 13.41 -3.46
CA SER A 32 2.82 13.97 -2.33
C SER A 32 2.98 12.99 -1.14
N THR A 33 2.45 11.75 -1.26
CA THR A 33 2.63 10.68 -0.24
C THR A 33 4.11 10.33 -0.11
N ALA A 34 4.51 9.92 1.10
CA ALA A 34 5.86 9.49 1.46
C ALA A 34 5.79 8.25 2.36
N LYS A 35 6.78 7.38 2.32
CA LYS A 35 6.76 6.08 3.02
C LYS A 35 6.57 6.24 4.54
N SER A 36 7.12 7.30 5.13
CA SER A 36 6.98 7.64 6.56
C SER A 36 5.56 8.14 6.93
N ASP A 37 4.89 8.86 6.02
CA ASP A 37 3.47 9.23 6.15
C ASP A 37 2.56 8.02 5.93
N LEU A 38 2.96 7.11 5.01
CA LEU A 38 2.23 5.91 4.64
C LEU A 38 2.19 4.88 5.77
N TYR A 39 3.30 4.66 6.47
CA TYR A 39 3.29 3.83 7.69
C TYR A 39 2.28 4.35 8.73
N ASP A 40 2.25 5.65 9.00
CA ASP A 40 1.33 6.25 9.97
C ASP A 40 -0.13 6.14 9.53
N LEU A 41 -0.40 6.30 8.22
CA LEU A 41 -1.74 6.22 7.62
C LEU A 41 -2.42 4.86 7.81
N PHE A 42 -1.66 3.77 7.69
CA PHE A 42 -2.17 2.40 7.89
C PHE A 42 -1.94 1.90 9.32
N GLU A 43 -1.07 2.53 10.12
CA GLU A 43 -0.90 2.14 11.52
C GLU A 43 -2.16 2.43 12.36
N THR A 44 -3.09 3.29 11.88
CA THR A 44 -4.38 3.58 12.54
C THR A 44 -5.39 2.43 12.44
N ILE A 45 -5.26 1.51 11.47
CA ILE A 45 -5.97 0.23 11.45
C ILE A 45 -5.54 -0.65 12.63
N GLY A 46 -4.23 -0.63 12.92
CA GLY A 46 -3.62 -1.37 14.02
C GLY A 46 -2.10 -1.49 13.90
N LYS A 47 -1.52 -1.65 12.70
CA LYS A 47 -0.12 -2.06 12.55
C LYS A 47 0.36 -1.87 11.11
N VAL A 48 1.67 -1.82 10.90
CA VAL A 48 2.34 -2.10 9.62
C VAL A 48 3.71 -2.72 9.90
N ASN A 49 4.13 -3.73 9.12
CA ASN A 49 5.45 -4.36 9.27
C ASN A 49 6.37 -4.08 8.08
N ASN A 50 5.76 -3.93 6.91
CA ASN A 50 6.45 -3.67 5.66
C ASN A 50 5.49 -2.87 4.80
N ALA A 51 5.73 -1.59 4.61
CA ALA A 51 4.99 -0.81 3.64
C ALA A 51 5.87 0.11 2.80
N GLU A 52 5.38 0.42 1.60
CA GLU A 52 6.13 1.18 0.62
C GLU A 52 5.24 1.74 -0.50
N LEU A 53 5.72 2.83 -1.11
CA LEU A 53 5.21 3.40 -2.36
C LEU A 53 5.90 2.72 -3.55
N ARG A 54 5.12 2.35 -4.57
CA ARG A 54 5.68 1.86 -5.84
C ARG A 54 6.39 3.00 -6.55
N TYR A 55 7.57 2.69 -7.08
CA TYR A 55 8.27 3.54 -8.05
C TYR A 55 8.44 2.82 -9.40
N ASP A 56 8.33 3.53 -10.52
CA ASP A 56 8.43 2.93 -11.88
C ASP A 56 9.55 3.54 -12.73
N SER A 57 9.36 4.75 -13.27
CA SER A 57 10.18 5.28 -14.38
C SER A 57 11.68 5.35 -14.06
N LYS A 58 12.02 5.81 -12.84
CA LYS A 58 13.38 5.87 -12.30
C LYS A 58 13.39 5.45 -10.82
N GLY A 59 12.83 6.30 -9.95
CA GLY A 59 12.81 6.19 -8.49
C GLY A 59 11.83 7.19 -7.85
N ALA A 60 10.72 7.43 -8.54
CA ALA A 60 9.68 8.41 -8.24
C ALA A 60 8.31 7.72 -8.12
N PRO A 61 7.36 8.25 -7.32
CA PRO A 61 6.08 7.62 -7.03
C PRO A 61 5.15 7.55 -8.26
N THR A 62 3.99 6.93 -8.06
CA THR A 62 3.13 6.38 -9.12
C THR A 62 1.64 6.59 -8.92
N GLY A 63 1.20 6.82 -7.67
CA GLY A 63 -0.18 6.62 -7.24
C GLY A 63 -0.48 5.21 -6.69
N ILE A 64 0.53 4.34 -6.52
CA ILE A 64 0.41 2.99 -5.93
C ILE A 64 1.27 2.85 -4.67
N ALA A 65 0.78 2.08 -3.70
CA ALA A 65 1.50 1.64 -2.51
C ALA A 65 1.13 0.20 -2.13
N VAL A 66 1.95 -0.43 -1.30
CA VAL A 66 1.70 -1.77 -0.74
C VAL A 66 1.97 -1.73 0.75
N VAL A 67 1.08 -2.33 1.55
CA VAL A 67 1.12 -2.37 3.01
C VAL A 67 0.93 -3.80 3.46
N GLU A 68 1.93 -4.31 4.17
CA GLU A 68 1.87 -5.57 4.88
C GLU A 68 1.42 -5.30 6.31
N TYR A 69 0.22 -5.78 6.63
CA TYR A 69 -0.29 -5.84 7.99
C TYR A 69 0.28 -7.05 8.74
N ASP A 70 0.19 -7.02 10.07
CA ASP A 70 0.59 -8.15 10.94
C ASP A 70 -0.16 -9.45 10.63
N ASN A 71 -1.39 -9.32 10.12
CA ASN A 71 -2.32 -10.41 9.86
C ASN A 71 -3.44 -9.97 8.89
N VAL A 72 -3.93 -10.93 8.12
CA VAL A 72 -5.10 -10.83 7.20
C VAL A 72 -6.37 -10.14 7.75
N ASP A 73 -6.66 -10.19 9.05
CA ASP A 73 -7.85 -9.53 9.62
C ASP A 73 -7.73 -8.00 9.69
N ASP A 74 -6.52 -7.48 9.90
CA ASP A 74 -6.26 -6.03 9.84
C ASP A 74 -6.38 -5.48 8.41
N ALA A 75 -6.07 -6.30 7.39
CA ALA A 75 -6.40 -5.97 6.00
C ALA A 75 -7.92 -5.84 5.76
N ASP A 76 -8.74 -6.67 6.39
CA ASP A 76 -10.20 -6.59 6.26
C ASP A 76 -10.75 -5.29 6.90
N VAL A 77 -10.13 -4.84 8.00
CA VAL A 77 -10.38 -3.49 8.55
C VAL A 77 -9.96 -2.40 7.56
N CYS A 78 -8.75 -2.49 6.98
CA CYS A 78 -8.24 -1.53 6.00
C CYS A 78 -9.20 -1.33 4.82
N ILE A 79 -9.71 -2.43 4.28
CA ILE A 79 -10.67 -2.51 3.16
C ILE A 79 -12.05 -1.90 3.49
N GLU A 80 -12.29 -1.46 4.73
CA GLU A 80 -13.51 -0.78 5.16
C GLU A 80 -13.19 0.57 5.85
N ARG A 81 -11.90 0.95 5.96
CA ARG A 81 -11.47 2.20 6.60
C ARG A 81 -10.72 3.16 5.66
N LEU A 82 -9.71 2.69 4.93
CA LEU A 82 -8.96 3.50 3.95
C LEU A 82 -9.56 3.45 2.53
N ASN A 83 -10.46 2.51 2.25
CA ASN A 83 -10.93 2.14 0.89
C ASN A 83 -11.99 3.09 0.29
N ASN A 84 -11.90 4.36 0.65
CA ASN A 84 -12.93 5.40 0.55
C ASN A 84 -12.45 6.73 1.14
N TYR A 85 -11.56 6.67 2.15
CA TYR A 85 -10.94 7.84 2.79
C TYR A 85 -10.33 8.82 1.77
N ASN A 86 -10.67 10.10 1.92
CA ASN A 86 -10.15 11.19 1.09
C ASN A 86 -8.77 11.63 1.61
N TYR A 87 -7.72 11.26 0.89
CA TYR A 87 -6.32 11.57 1.22
C TYR A 87 -5.72 12.45 0.14
N GLY A 88 -5.23 13.65 0.51
CA GLY A 88 -4.59 14.55 -0.45
C GLY A 88 -5.54 15.20 -1.47
N GLY A 89 -6.85 14.90 -1.38
CA GLY A 89 -7.86 15.18 -2.40
C GLY A 89 -8.21 14.00 -3.32
N CYS A 90 -7.85 12.75 -2.95
CA CYS A 90 -8.11 11.54 -3.75
C CYS A 90 -8.86 10.51 -2.89
N ASP A 91 -9.95 9.95 -3.43
CA ASP A 91 -10.65 8.81 -2.84
C ASP A 91 -9.77 7.56 -3.04
N LEU A 92 -9.01 7.15 -2.01
CA LEU A 92 -8.15 5.98 -2.10
C LEU A 92 -8.92 4.68 -2.44
N ASP A 93 -8.21 3.78 -3.12
CA ASP A 93 -8.70 2.45 -3.48
C ASP A 93 -7.83 1.39 -2.82
N ILE A 94 -8.45 0.50 -2.04
CA ILE A 94 -7.74 -0.45 -1.18
C ILE A 94 -8.29 -1.87 -1.38
N SER A 95 -7.39 -2.85 -1.50
CA SER A 95 -7.78 -4.26 -1.65
C SER A 95 -6.64 -5.21 -1.23
N TYR A 96 -6.94 -6.50 -1.10
CA TYR A 96 -5.91 -7.51 -0.99
C TYR A 96 -5.01 -7.54 -2.23
N ALA A 97 -3.70 -7.55 -2.00
CA ALA A 97 -2.73 -7.61 -3.08
C ALA A 97 -2.66 -9.03 -3.66
N LYS A 98 -2.82 -9.12 -4.98
CA LYS A 98 -2.44 -10.28 -5.79
C LYS A 98 -1.13 -9.95 -6.52
N ARG A 99 -0.04 -10.61 -6.15
CA ARG A 99 1.29 -10.46 -6.73
C ARG A 99 1.60 -11.66 -7.63
N LEU A 100 1.66 -11.43 -8.96
CA LEU A 100 1.72 -12.47 -10.00
C LEU A 100 3.10 -13.17 -10.07
N GLY A 1 23.08 0.57 -5.68
CA GLY A 1 22.66 1.21 -4.41
C GLY A 1 21.20 1.64 -4.45
N SER A 2 20.87 2.77 -3.80
CA SER A 2 19.57 3.48 -3.82
C SER A 2 18.43 2.75 -3.07
N VAL A 3 18.13 1.50 -3.44
CA VAL A 3 16.97 0.71 -2.97
C VAL A 3 17.14 -0.76 -3.38
N ASN A 4 16.79 -1.64 -2.44
CA ASN A 4 16.88 -3.10 -2.56
C ASN A 4 15.95 -3.67 -3.65
N GLU A 5 16.34 -4.77 -4.29
CA GLU A 5 15.45 -5.46 -5.25
C GLU A 5 14.18 -6.02 -4.58
N GLU A 6 14.25 -6.45 -3.31
CA GLU A 6 13.06 -6.94 -2.60
C GLU A 6 11.98 -5.86 -2.45
N ALA A 7 12.37 -4.63 -2.15
CA ALA A 7 11.42 -3.53 -2.07
C ALA A 7 10.79 -3.22 -3.42
N ARG A 8 11.46 -3.59 -4.53
CA ARG A 8 10.83 -3.52 -5.84
C ARG A 8 9.88 -4.69 -6.09
N LYS A 9 10.32 -5.90 -5.79
CA LYS A 9 9.53 -7.14 -5.87
C LYS A 9 8.30 -7.14 -4.94
N PHE A 10 8.24 -6.23 -3.96
CA PHE A 10 7.08 -5.92 -3.12
C PHE A 10 5.98 -5.05 -3.81
N THR A 11 6.27 -4.38 -4.93
CA THR A 11 5.34 -3.50 -5.71
C THR A 11 5.30 -3.83 -7.19
N GLU A 12 6.15 -4.73 -7.68
CA GLU A 12 6.12 -5.29 -9.03
C GLU A 12 5.30 -6.59 -9.08
N ASN A 13 4.61 -6.82 -10.21
CA ASN A 13 3.82 -8.03 -10.51
C ASN A 13 2.59 -8.20 -9.59
N VAL A 14 2.15 -7.12 -8.95
CA VAL A 14 1.07 -7.03 -7.98
C VAL A 14 -0.03 -6.12 -8.51
N VAL A 15 -1.27 -6.52 -8.24
CA VAL A 15 -2.50 -5.90 -8.73
C VAL A 15 -3.59 -6.12 -7.69
N GLY A 16 -4.60 -5.26 -7.70
CA GLY A 16 -5.63 -5.24 -6.66
C GLY A 16 -6.72 -6.31 -6.85
N GLY A 17 -7.33 -6.71 -5.73
CA GLY A 17 -8.55 -7.53 -5.68
C GLY A 17 -8.30 -9.03 -5.55
N GLY A 18 -7.25 -9.41 -4.81
CA GLY A 18 -6.79 -10.79 -4.66
C GLY A 18 -7.57 -11.66 -3.68
N GLU A 19 -7.02 -12.86 -3.46
CA GLU A 19 -7.39 -13.75 -2.33
C GLU A 19 -7.01 -13.07 -0.99
N ARG A 20 -7.62 -13.48 0.13
CA ARG A 20 -7.37 -12.88 1.43
C ARG A 20 -6.00 -13.31 1.92
N ASN A 21 -5.12 -12.33 2.09
CA ASN A 21 -3.77 -12.52 2.64
C ASN A 21 -3.32 -11.26 3.40
N ARG A 22 -2.35 -11.30 4.32
CA ARG A 22 -1.97 -10.10 5.11
C ARG A 22 -1.48 -8.87 4.30
N LEU A 23 -1.23 -9.04 3.00
CA LEU A 23 -0.70 -8.05 2.07
C LEU A 23 -1.84 -7.28 1.38
N ILE A 24 -1.81 -5.95 1.50
CA ILE A 24 -2.76 -4.97 0.92
C ILE A 24 -2.04 -4.16 -0.14
N TYR A 25 -2.70 -4.01 -1.29
CA TYR A 25 -2.31 -3.17 -2.42
C TYR A 25 -3.24 -1.94 -2.46
N CYS A 26 -2.66 -0.73 -2.41
CA CYS A 26 -3.38 0.54 -2.50
C CYS A 26 -3.10 1.22 -3.84
N SER A 27 -4.11 1.89 -4.37
CA SER A 27 -4.01 2.70 -5.59
C SER A 27 -4.78 4.03 -5.44
N ASN A 28 -4.62 4.92 -6.43
CA ASN A 28 -5.15 6.29 -6.42
C ASN A 28 -4.54 7.19 -5.30
N LEU A 29 -3.33 6.87 -4.82
CA LEU A 29 -2.60 7.72 -3.86
C LEU A 29 -2.28 9.11 -4.46
N PRO A 30 -2.30 10.19 -3.65
CA PRO A 30 -1.84 11.51 -4.09
C PRO A 30 -0.32 11.50 -4.27
N PHE A 31 0.17 12.27 -5.25
CA PHE A 31 1.56 12.24 -5.72
C PHE A 31 2.59 12.77 -4.70
N SER A 32 2.13 13.35 -3.59
CA SER A 32 2.96 13.88 -2.50
C SER A 32 3.22 12.84 -1.38
N THR A 33 2.69 11.61 -1.51
CA THR A 33 2.86 10.53 -0.51
C THR A 33 4.31 10.09 -0.41
N ALA A 34 4.72 9.68 0.80
CA ALA A 34 6.08 9.24 1.16
C ALA A 34 5.96 8.09 2.16
N LYS A 35 6.94 7.18 2.19
CA LYS A 35 6.87 5.93 2.96
C LYS A 35 6.65 6.18 4.47
N SER A 36 7.19 7.26 5.01
CA SER A 36 7.02 7.64 6.43
C SER A 36 5.59 8.14 6.75
N ASP A 37 4.95 8.85 5.80
CA ASP A 37 3.52 9.22 5.87
C ASP A 37 2.59 8.02 5.63
N LEU A 38 3.00 7.10 4.75
CA LEU A 38 2.26 5.89 4.41
C LEU A 38 2.22 4.89 5.56
N TYR A 39 3.31 4.71 6.30
CA TYR A 39 3.29 3.93 7.54
C TYR A 39 2.28 4.51 8.56
N ASP A 40 2.29 5.83 8.78
CA ASP A 40 1.41 6.49 9.74
C ASP A 40 -0.07 6.39 9.33
N LEU A 41 -0.35 6.44 8.03
CA LEU A 41 -1.68 6.33 7.44
C LEU A 41 -2.33 4.97 7.73
N PHE A 42 -1.62 3.88 7.45
CA PHE A 42 -2.14 2.52 7.65
C PHE A 42 -1.97 2.04 9.08
N GLU A 43 -1.12 2.68 9.89
CA GLU A 43 -1.01 2.34 11.32
C GLU A 43 -2.31 2.65 12.10
N THR A 44 -3.27 3.39 11.51
CA THR A 44 -4.62 3.64 12.02
C THR A 44 -5.51 2.39 12.08
N ILE A 45 -5.26 1.41 11.22
CA ILE A 45 -5.87 0.07 11.23
C ILE A 45 -5.30 -0.77 12.39
N GLY A 46 -4.00 -0.61 12.65
CA GLY A 46 -3.33 -1.19 13.80
C GLY A 46 -1.81 -1.26 13.73
N LYS A 47 -1.21 -1.63 12.58
CA LYS A 47 0.16 -2.17 12.60
C LYS A 47 0.68 -2.49 11.20
N VAL A 48 1.73 -1.80 10.78
CA VAL A 48 2.40 -2.00 9.50
C VAL A 48 3.80 -2.54 9.76
N ASN A 49 4.21 -3.59 9.03
CA ASN A 49 5.52 -4.24 9.23
C ASN A 49 6.44 -4.01 8.04
N ASN A 50 5.83 -3.84 6.86
CA ASN A 50 6.50 -3.71 5.59
C ASN A 50 5.56 -2.94 4.67
N ALA A 51 5.83 -1.67 4.45
CA ALA A 51 5.07 -0.88 3.49
C ALA A 51 5.93 0.03 2.61
N GLU A 52 5.46 0.27 1.39
CA GLU A 52 6.29 0.83 0.31
C GLU A 52 5.48 1.34 -0.89
N LEU A 53 6.04 2.34 -1.57
CA LEU A 53 5.47 3.10 -2.71
C LEU A 53 6.15 2.70 -4.03
N ARG A 54 5.35 2.29 -5.02
CA ARG A 54 5.85 1.95 -6.35
C ARG A 54 6.37 3.19 -7.06
N TYR A 55 7.54 3.07 -7.67
CA TYR A 55 8.17 4.10 -8.49
C TYR A 55 8.18 3.79 -10.01
N ASP A 56 8.21 4.85 -10.82
CA ASP A 56 8.09 4.79 -12.29
C ASP A 56 9.45 4.57 -12.98
N SER A 57 10.11 5.65 -13.43
CA SER A 57 11.39 5.57 -14.15
C SER A 57 12.57 5.16 -13.24
N LYS A 58 12.66 5.77 -12.04
CA LYS A 58 13.68 5.51 -11.01
C LYS A 58 13.09 5.57 -9.58
N GLY A 59 12.74 6.79 -9.13
CA GLY A 59 12.25 7.10 -7.77
C GLY A 59 11.05 8.04 -7.73
N ALA A 60 10.45 8.34 -8.89
CA ALA A 60 9.24 9.17 -8.99
C ALA A 60 7.99 8.31 -8.69
N PRO A 61 7.05 8.78 -7.86
CA PRO A 61 5.87 8.00 -7.45
C PRO A 61 4.90 7.75 -8.62
N THR A 62 3.89 6.93 -8.35
CA THR A 62 2.99 6.33 -9.37
C THR A 62 1.50 6.43 -9.03
N GLY A 63 1.18 6.76 -7.77
CA GLY A 63 -0.17 6.59 -7.22
C GLY A 63 -0.47 5.18 -6.69
N ILE A 64 0.53 4.30 -6.55
CA ILE A 64 0.39 2.89 -6.09
C ILE A 64 1.36 2.58 -4.93
N ALA A 65 0.88 1.83 -3.94
CA ALA A 65 1.59 1.43 -2.72
C ALA A 65 1.20 0.01 -2.29
N VAL A 66 2.01 -0.64 -1.48
CA VAL A 66 1.70 -1.95 -0.86
C VAL A 66 2.01 -1.86 0.63
N VAL A 67 1.16 -2.48 1.45
CA VAL A 67 1.20 -2.46 2.92
C VAL A 67 1.00 -3.88 3.42
N GLU A 68 1.96 -4.36 4.19
CA GLU A 68 1.85 -5.60 4.96
C GLU A 68 1.36 -5.26 6.36
N TYR A 69 0.17 -5.76 6.67
CA TYR A 69 -0.39 -5.75 8.02
C TYR A 69 0.09 -6.94 8.88
N ASP A 70 -0.08 -6.83 10.19
CA ASP A 70 0.25 -7.89 11.16
C ASP A 70 -0.50 -9.21 10.90
N ASN A 71 -1.72 -9.14 10.34
CA ASN A 71 -2.58 -10.28 10.02
C ASN A 71 -3.52 -9.94 8.86
N VAL A 72 -3.95 -10.99 8.13
CA VAL A 72 -5.05 -10.96 7.14
C VAL A 72 -6.37 -10.33 7.62
N ASP A 73 -6.70 -10.39 8.91
CA ASP A 73 -7.92 -9.74 9.44
C ASP A 73 -7.80 -8.21 9.59
N ASP A 74 -6.59 -7.67 9.71
CA ASP A 74 -6.34 -6.23 9.75
C ASP A 74 -6.45 -5.60 8.35
N ALA A 75 -6.03 -6.32 7.30
CA ALA A 75 -6.38 -5.97 5.91
C ALA A 75 -7.89 -5.79 5.72
N ASP A 76 -8.69 -6.63 6.39
CA ASP A 76 -10.15 -6.58 6.29
C ASP A 76 -10.75 -5.34 6.98
N VAL A 77 -10.01 -4.73 7.92
CA VAL A 77 -10.31 -3.41 8.50
C VAL A 77 -9.84 -2.32 7.53
N CYS A 78 -8.65 -2.44 6.93
CA CYS A 78 -8.13 -1.49 5.93
C CYS A 78 -9.10 -1.28 4.76
N ILE A 79 -9.60 -2.39 4.21
CA ILE A 79 -10.59 -2.44 3.12
C ILE A 79 -11.97 -1.82 3.50
N GLU A 80 -12.16 -1.42 4.76
CA GLU A 80 -13.38 -0.80 5.29
C GLU A 80 -13.08 0.55 5.97
N ARG A 81 -11.81 0.99 5.99
CA ARG A 81 -11.38 2.26 6.58
C ARG A 81 -10.68 3.17 5.57
N LEU A 82 -9.60 2.70 4.92
CA LEU A 82 -8.83 3.48 3.95
C LEU A 82 -9.44 3.44 2.54
N ASN A 83 -10.21 2.42 2.20
CA ASN A 83 -10.80 2.13 0.86
C ASN A 83 -11.89 3.12 0.38
N ASN A 84 -11.95 4.24 1.09
CA ASN A 84 -13.12 5.04 1.43
C ASN A 84 -12.73 6.39 2.11
N TYR A 85 -11.42 6.65 2.29
CA TYR A 85 -10.88 7.82 2.97
C TYR A 85 -10.30 8.83 1.97
N ASN A 86 -10.66 10.10 2.14
CA ASN A 86 -10.14 11.20 1.33
C ASN A 86 -8.73 11.60 1.80
N TYR A 87 -7.71 11.21 1.03
CA TYR A 87 -6.30 11.55 1.27
C TYR A 87 -5.78 12.36 0.10
N GLY A 88 -5.24 13.56 0.38
CA GLY A 88 -4.79 14.48 -0.66
C GLY A 88 -5.94 14.94 -1.58
N GLY A 89 -7.15 15.06 -1.02
CA GLY A 89 -8.37 15.48 -1.73
C GLY A 89 -9.02 14.43 -2.63
N CYS A 90 -8.75 13.12 -2.46
CA CYS A 90 -9.26 12.07 -3.33
C CYS A 90 -9.44 10.76 -2.56
N ASP A 91 -10.53 10.03 -2.86
CA ASP A 91 -10.83 8.73 -2.24
C ASP A 91 -9.83 7.66 -2.70
N LEU A 92 -8.97 7.22 -1.78
CA LEU A 92 -8.09 6.05 -1.97
C LEU A 92 -8.86 4.77 -2.32
N ASP A 93 -8.15 3.87 -3.01
CA ASP A 93 -8.66 2.57 -3.45
C ASP A 93 -7.80 1.44 -2.88
N ILE A 94 -8.38 0.60 -2.01
CA ILE A 94 -7.65 -0.40 -1.21
C ILE A 94 -8.17 -1.82 -1.47
N SER A 95 -7.28 -2.79 -1.65
CA SER A 95 -7.67 -4.21 -1.75
C SER A 95 -6.56 -5.18 -1.31
N TYR A 96 -6.88 -6.47 -1.17
CA TYR A 96 -5.86 -7.51 -1.01
C TYR A 96 -4.92 -7.58 -2.23
N ALA A 97 -3.62 -7.69 -1.97
CA ALA A 97 -2.61 -7.75 -3.02
C ALA A 97 -2.56 -9.14 -3.68
N LYS A 98 -2.85 -9.20 -4.99
CA LYS A 98 -2.56 -10.37 -5.84
C LYS A 98 -1.21 -10.15 -6.55
N ARG A 99 -0.11 -10.41 -5.85
CA ARG A 99 1.25 -10.50 -6.39
C ARG A 99 1.52 -11.89 -7.00
N LEU A 100 2.08 -11.90 -8.21
CA LEU A 100 2.30 -13.10 -9.04
C LEU A 100 3.75 -13.62 -8.95
N GLY A 1 23.79 3.91 2.09
CA GLY A 1 22.61 4.22 1.25
C GLY A 1 22.09 3.00 0.52
N SER A 2 21.60 3.19 -0.71
CA SER A 2 21.02 2.15 -1.61
C SER A 2 19.64 1.65 -1.13
N VAL A 3 18.95 0.83 -1.96
CA VAL A 3 17.61 0.26 -1.67
C VAL A 3 17.54 -1.19 -2.16
N ASN A 4 17.15 -2.11 -1.28
CA ASN A 4 17.04 -3.55 -1.58
C ASN A 4 16.02 -3.88 -2.67
N GLU A 5 16.41 -4.71 -3.65
CA GLU A 5 15.54 -5.18 -4.76
C GLU A 5 14.29 -5.94 -4.28
N GLU A 6 14.30 -6.49 -3.06
CA GLU A 6 13.09 -6.98 -2.38
C GLU A 6 11.96 -5.95 -2.37
N ALA A 7 12.30 -4.68 -2.14
CA ALA A 7 11.34 -3.59 -2.07
C ALA A 7 10.68 -3.32 -3.43
N ARG A 8 11.36 -3.65 -4.53
CA ARG A 8 10.81 -3.60 -5.88
C ARG A 8 9.87 -4.76 -6.13
N LYS A 9 10.27 -5.98 -5.78
CA LYS A 9 9.43 -7.19 -5.90
C LYS A 9 8.14 -7.13 -5.03
N PHE A 10 8.15 -6.30 -3.99
CA PHE A 10 7.01 -5.93 -3.13
C PHE A 10 6.00 -4.96 -3.76
N THR A 11 6.30 -4.32 -4.91
CA THR A 11 5.38 -3.43 -5.66
C THR A 11 5.33 -3.70 -7.16
N GLU A 12 6.21 -4.54 -7.68
CA GLU A 12 6.11 -5.12 -9.01
C GLU A 12 5.29 -6.42 -9.02
N ASN A 13 4.60 -6.68 -10.13
CA ASN A 13 3.75 -7.87 -10.38
C ASN A 13 2.48 -7.92 -9.50
N VAL A 14 2.44 -7.11 -8.44
CA VAL A 14 1.27 -6.83 -7.58
C VAL A 14 0.14 -6.19 -8.39
N VAL A 15 -1.08 -6.66 -8.15
CA VAL A 15 -2.34 -6.10 -8.64
C VAL A 15 -3.40 -6.26 -7.55
N GLY A 16 -4.43 -5.41 -7.58
CA GLY A 16 -5.51 -5.40 -6.59
C GLY A 16 -6.57 -6.48 -6.82
N GLY A 17 -7.36 -6.76 -5.79
CA GLY A 17 -8.57 -7.60 -5.85
C GLY A 17 -8.30 -9.10 -5.65
N GLY A 18 -7.29 -9.46 -4.87
CA GLY A 18 -6.87 -10.86 -4.64
C GLY A 18 -7.73 -11.65 -3.65
N GLU A 19 -7.28 -12.87 -3.37
CA GLU A 19 -7.75 -13.68 -2.23
C GLU A 19 -7.30 -13.06 -0.90
N ARG A 20 -7.82 -13.55 0.25
CA ARG A 20 -7.50 -12.99 1.55
C ARG A 20 -6.13 -13.49 1.97
N ASN A 21 -5.20 -12.55 2.08
CA ASN A 21 -3.82 -12.80 2.50
C ASN A 21 -3.23 -11.49 3.05
N ARG A 22 -2.44 -11.45 4.12
CA ARG A 22 -2.16 -10.18 4.86
C ARG A 22 -1.37 -9.06 4.13
N LEU A 23 -1.19 -9.16 2.81
CA LEU A 23 -0.65 -8.12 1.95
C LEU A 23 -1.81 -7.32 1.31
N ILE A 24 -1.77 -5.99 1.43
CA ILE A 24 -2.74 -5.03 0.91
C ILE A 24 -2.09 -4.18 -0.19
N TYR A 25 -2.78 -4.09 -1.32
CA TYR A 25 -2.45 -3.24 -2.47
C TYR A 25 -3.33 -1.98 -2.43
N CYS A 26 -2.71 -0.80 -2.39
CA CYS A 26 -3.38 0.50 -2.45
C CYS A 26 -3.12 1.18 -3.81
N SER A 27 -4.12 1.84 -4.34
CA SER A 27 -4.02 2.63 -5.57
C SER A 27 -4.78 3.97 -5.46
N ASN A 28 -4.57 4.85 -6.44
CA ASN A 28 -5.08 6.24 -6.47
C ASN A 28 -4.50 7.13 -5.35
N LEU A 29 -3.30 6.80 -4.82
CA LEU A 29 -2.57 7.65 -3.88
C LEU A 29 -2.20 9.02 -4.52
N PRO A 30 -2.18 10.12 -3.75
CA PRO A 30 -1.68 11.40 -4.23
C PRO A 30 -0.16 11.34 -4.43
N PHE A 31 0.34 12.11 -5.41
CA PHE A 31 1.75 12.10 -5.84
C PHE A 31 2.71 12.65 -4.77
N SER A 32 2.18 13.24 -3.69
CA SER A 32 2.95 13.78 -2.56
C SER A 32 3.17 12.77 -1.40
N THR A 33 2.65 11.53 -1.53
CA THR A 33 2.82 10.46 -0.53
C THR A 33 4.30 10.05 -0.41
N ALA A 34 4.71 9.63 0.78
CA ALA A 34 6.05 9.17 1.12
C ALA A 34 5.95 7.99 2.09
N LYS A 35 6.93 7.09 2.08
CA LYS A 35 6.85 5.82 2.83
C LYS A 35 6.70 6.03 4.35
N SER A 36 7.27 7.11 4.90
CA SER A 36 7.09 7.48 6.32
C SER A 36 5.68 8.00 6.65
N ASP A 37 5.03 8.73 5.73
CA ASP A 37 3.63 9.13 5.83
C ASP A 37 2.66 7.96 5.60
N LEU A 38 3.03 7.04 4.72
CA LEU A 38 2.27 5.83 4.38
C LEU A 38 2.24 4.83 5.55
N TYR A 39 3.35 4.65 6.27
CA TYR A 39 3.34 3.88 7.51
C TYR A 39 2.36 4.48 8.54
N ASP A 40 2.37 5.79 8.75
CA ASP A 40 1.48 6.46 9.70
C ASP A 40 -0.01 6.36 9.30
N LEU A 41 -0.29 6.38 7.99
CA LEU A 41 -1.63 6.28 7.42
C LEU A 41 -2.28 4.92 7.71
N PHE A 42 -1.57 3.82 7.47
CA PHE A 42 -2.08 2.47 7.68
C PHE A 42 -1.90 2.00 9.12
N GLU A 43 -1.04 2.65 9.91
CA GLU A 43 -0.93 2.35 11.34
C GLU A 43 -2.24 2.70 12.12
N THR A 44 -3.17 3.46 11.50
CA THR A 44 -4.53 3.75 12.03
C THR A 44 -5.43 2.50 12.10
N ILE A 45 -5.17 1.49 11.27
CA ILE A 45 -5.81 0.16 11.32
C ILE A 45 -5.26 -0.65 12.49
N GLY A 46 -3.93 -0.58 12.69
CA GLY A 46 -3.27 -1.17 13.85
C GLY A 46 -1.76 -1.34 13.76
N LYS A 47 -1.19 -1.71 12.60
CA LYS A 47 0.18 -2.26 12.61
C LYS A 47 0.71 -2.56 11.20
N VAL A 48 1.75 -1.86 10.78
CA VAL A 48 2.41 -2.04 9.49
C VAL A 48 3.81 -2.59 9.73
N ASN A 49 4.21 -3.64 9.02
CA ASN A 49 5.52 -4.28 9.20
C ASN A 49 6.44 -4.06 8.00
N ASN A 50 5.82 -3.89 6.84
CA ASN A 50 6.47 -3.76 5.56
C ASN A 50 5.54 -2.97 4.66
N ALA A 51 5.82 -1.70 4.44
CA ALA A 51 5.06 -0.89 3.49
C ALA A 51 5.92 0.03 2.62
N GLU A 52 5.43 0.26 1.39
CA GLU A 52 6.26 0.81 0.32
C GLU A 52 5.44 1.27 -0.91
N LEU A 53 5.98 2.27 -1.62
CA LEU A 53 5.40 3.01 -2.76
C LEU A 53 6.06 2.59 -4.09
N ARG A 54 5.26 2.18 -5.07
CA ARG A 54 5.78 1.85 -6.39
C ARG A 54 6.24 3.11 -7.09
N TYR A 55 7.40 3.01 -7.75
CA TYR A 55 7.91 4.09 -8.58
C TYR A 55 7.91 3.81 -10.09
N ASP A 56 7.87 4.89 -10.86
CA ASP A 56 7.92 4.92 -12.31
C ASP A 56 9.39 5.05 -12.78
N SER A 57 9.71 6.06 -13.58
CA SER A 57 10.97 6.20 -14.30
C SER A 57 12.18 6.49 -13.39
N LYS A 58 12.09 7.51 -12.52
CA LYS A 58 13.24 8.13 -11.83
C LYS A 58 13.11 8.15 -10.29
N GLY A 59 12.39 7.17 -9.73
CA GLY A 59 11.97 7.13 -8.32
C GLY A 59 10.68 7.93 -8.06
N ALA A 60 9.94 8.27 -9.13
CA ALA A 60 8.73 9.08 -9.10
C ALA A 60 7.53 8.25 -8.56
N PRO A 61 6.82 8.71 -7.50
CA PRO A 61 5.74 7.95 -6.86
C PRO A 61 4.51 7.88 -7.76
N THR A 62 4.13 6.66 -8.13
CA THR A 62 3.14 6.35 -9.19
C THR A 62 1.69 6.63 -8.84
N GLY A 63 1.37 6.73 -7.54
CA GLY A 63 0.00 6.61 -7.03
C GLY A 63 -0.38 5.18 -6.64
N ILE A 64 0.57 4.25 -6.55
CA ILE A 64 0.39 2.84 -6.11
C ILE A 64 1.35 2.52 -4.94
N ALA A 65 0.86 1.78 -3.95
CA ALA A 65 1.57 1.39 -2.73
C ALA A 65 1.13 0.00 -2.26
N VAL A 66 1.96 -0.65 -1.44
CA VAL A 66 1.65 -1.96 -0.85
C VAL A 66 1.98 -1.90 0.63
N VAL A 67 1.12 -2.52 1.44
CA VAL A 67 1.17 -2.51 2.92
C VAL A 67 0.97 -3.94 3.42
N GLU A 68 1.93 -4.41 4.21
CA GLU A 68 1.84 -5.66 4.94
C GLU A 68 1.38 -5.37 6.36
N TYR A 69 0.19 -5.86 6.68
CA TYR A 69 -0.33 -5.91 8.04
C TYR A 69 0.17 -7.13 8.81
N ASP A 70 0.13 -7.06 10.14
CA ASP A 70 0.53 -8.17 11.05
C ASP A 70 -0.32 -9.43 10.89
N ASN A 71 -1.56 -9.29 10.42
CA ASN A 71 -2.60 -10.31 10.45
C ASN A 71 -3.70 -9.93 9.44
N VAL A 72 -4.15 -10.92 8.67
CA VAL A 72 -5.12 -10.77 7.56
C VAL A 72 -6.48 -10.16 7.96
N ASP A 73 -6.90 -10.23 9.24
CA ASP A 73 -8.11 -9.54 9.70
C ASP A 73 -7.96 -8.00 9.82
N ASP A 74 -6.72 -7.49 9.94
CA ASP A 74 -6.43 -6.06 9.92
C ASP A 74 -6.52 -5.48 8.50
N ALA A 75 -6.09 -6.25 7.48
CA ALA A 75 -6.41 -5.93 6.08
C ALA A 75 -7.93 -5.77 5.86
N ASP A 76 -8.73 -6.61 6.52
CA ASP A 76 -10.19 -6.55 6.40
C ASP A 76 -10.78 -5.27 7.04
N VAL A 77 -10.06 -4.68 8.01
CA VAL A 77 -10.34 -3.32 8.53
C VAL A 77 -9.86 -2.25 7.54
N CYS A 78 -8.67 -2.41 6.94
CA CYS A 78 -8.15 -1.48 5.93
C CYS A 78 -9.12 -1.32 4.74
N ILE A 79 -9.63 -2.45 4.26
CA ILE A 79 -10.65 -2.56 3.20
C ILE A 79 -12.04 -2.03 3.63
N GLU A 80 -12.20 -1.54 4.87
CA GLU A 80 -13.37 -0.87 5.39
C GLU A 80 -13.07 0.60 5.73
N ARG A 81 -11.79 0.95 5.92
CA ARG A 81 -11.38 2.23 6.51
C ARG A 81 -10.69 3.15 5.51
N LEU A 82 -9.69 2.64 4.78
CA LEU A 82 -8.87 3.44 3.84
C LEU A 82 -9.41 3.41 2.40
N ASN A 83 -10.18 2.38 2.03
CA ASN A 83 -10.66 2.11 0.65
C ASN A 83 -11.66 3.12 0.02
N ASN A 84 -11.88 4.20 0.74
CA ASN A 84 -12.79 5.33 0.49
C ASN A 84 -12.31 6.62 1.20
N TYR A 85 -11.17 6.60 1.90
CA TYR A 85 -10.66 7.73 2.66
C TYR A 85 -10.08 8.81 1.73
N ASN A 86 -10.45 10.07 1.98
CA ASN A 86 -9.94 11.21 1.22
C ASN A 86 -8.53 11.59 1.72
N TYR A 87 -7.51 11.26 0.93
CA TYR A 87 -6.10 11.55 1.20
C TYR A 87 -5.51 12.37 0.05
N GLY A 88 -4.90 13.52 0.35
CA GLY A 88 -4.45 14.44 -0.70
C GLY A 88 -5.59 15.22 -1.37
N GLY A 89 -6.84 14.99 -0.94
CA GLY A 89 -8.05 15.49 -1.60
C GLY A 89 -8.67 14.51 -2.61
N CYS A 90 -8.41 13.20 -2.50
CA CYS A 90 -8.90 12.19 -3.45
C CYS A 90 -9.13 10.85 -2.73
N ASP A 91 -10.19 10.13 -3.13
CA ASP A 91 -10.60 8.87 -2.53
C ASP A 91 -9.61 7.74 -2.89
N LEU A 92 -8.84 7.26 -1.91
CA LEU A 92 -8.00 6.07 -2.07
C LEU A 92 -8.81 4.81 -2.42
N ASP A 93 -8.13 3.84 -3.03
CA ASP A 93 -8.67 2.53 -3.40
C ASP A 93 -7.83 1.42 -2.76
N ILE A 94 -8.44 0.56 -1.94
CA ILE A 94 -7.71 -0.47 -1.16
C ILE A 94 -8.29 -1.88 -1.42
N SER A 95 -7.41 -2.88 -1.54
CA SER A 95 -7.80 -4.30 -1.65
C SER A 95 -6.68 -5.26 -1.22
N TYR A 96 -6.99 -6.54 -1.05
CA TYR A 96 -5.96 -7.57 -0.93
C TYR A 96 -5.08 -7.65 -2.18
N ALA A 97 -3.77 -7.77 -1.97
CA ALA A 97 -2.81 -7.88 -3.06
C ALA A 97 -2.79 -9.30 -3.65
N LYS A 98 -2.97 -9.39 -4.97
CA LYS A 98 -2.60 -10.56 -5.79
C LYS A 98 -1.29 -10.22 -6.53
N ARG A 99 -0.17 -10.85 -6.16
CA ARG A 99 1.11 -10.74 -6.84
C ARG A 99 1.27 -11.88 -7.87
N LEU A 100 1.31 -11.52 -9.16
CA LEU A 100 1.34 -12.41 -10.33
C LEU A 100 2.61 -13.30 -10.39
N GLY A 1 24.20 0.75 -6.38
CA GLY A 1 23.29 1.82 -5.91
C GLY A 1 21.82 1.43 -6.02
N SER A 2 20.93 2.44 -5.96
CA SER A 2 19.45 2.31 -6.03
C SER A 2 18.80 1.64 -4.79
N VAL A 3 17.46 1.57 -4.76
CA VAL A 3 16.72 0.77 -3.76
C VAL A 3 17.02 -0.73 -3.86
N ASN A 4 16.79 -1.42 -2.74
CA ASN A 4 16.76 -2.89 -2.60
C ASN A 4 15.87 -3.58 -3.64
N GLU A 5 16.39 -4.65 -4.28
CA GLU A 5 15.61 -5.48 -5.23
C GLU A 5 14.45 -6.23 -4.56
N GLU A 6 14.50 -6.41 -3.23
CA GLU A 6 13.35 -6.83 -2.42
C GLU A 6 12.14 -5.91 -2.61
N ALA A 7 12.37 -4.58 -2.57
CA ALA A 7 11.29 -3.61 -2.71
C ALA A 7 10.67 -3.70 -4.11
N ARG A 8 11.51 -3.91 -5.14
CA ARG A 8 11.04 -4.09 -6.51
C ARG A 8 10.08 -5.27 -6.56
N LYS A 9 10.47 -6.43 -6.02
CA LYS A 9 9.58 -7.61 -5.92
C LYS A 9 8.29 -7.36 -5.09
N PHE A 10 8.34 -6.48 -4.08
CA PHE A 10 7.21 -6.04 -3.24
C PHE A 10 6.23 -5.05 -3.91
N THR A 11 6.56 -4.45 -5.08
CA THR A 11 5.66 -3.58 -5.88
C THR A 11 5.55 -4.00 -7.34
N GLU A 12 6.29 -5.00 -7.78
CA GLU A 12 6.18 -5.65 -9.09
C GLU A 12 5.15 -6.78 -9.12
N ASN A 13 4.40 -6.90 -10.23
CA ASN A 13 3.37 -7.93 -10.52
C ASN A 13 2.14 -7.88 -9.60
N VAL A 14 2.25 -7.19 -8.46
CA VAL A 14 1.16 -6.81 -7.54
C VAL A 14 0.02 -6.12 -8.28
N VAL A 15 -1.20 -6.60 -8.06
CA VAL A 15 -2.45 -6.02 -8.54
C VAL A 15 -3.53 -6.22 -7.47
N GLY A 16 -4.55 -5.39 -7.49
CA GLY A 16 -5.64 -5.41 -6.51
C GLY A 16 -6.69 -6.50 -6.77
N GLY A 17 -7.48 -6.80 -5.73
CA GLY A 17 -8.67 -7.66 -5.80
C GLY A 17 -8.40 -9.15 -5.62
N GLY A 18 -7.36 -9.49 -4.84
CA GLY A 18 -6.90 -10.87 -4.64
C GLY A 18 -7.69 -11.72 -3.64
N GLU A 19 -7.17 -12.92 -3.40
CA GLU A 19 -7.56 -13.78 -2.27
C GLU A 19 -7.16 -13.12 -0.93
N ARG A 20 -7.66 -13.64 0.21
CA ARG A 20 -7.41 -13.04 1.51
C ARG A 20 -6.00 -13.41 1.95
N ASN A 21 -5.22 -12.38 2.23
CA ASN A 21 -3.83 -12.52 2.72
C ASN A 21 -3.35 -11.24 3.42
N ARG A 22 -2.37 -11.25 4.33
CA ARG A 22 -1.95 -10.03 5.07
C ARG A 22 -1.50 -8.82 4.21
N LEU A 23 -1.22 -9.03 2.92
CA LEU A 23 -0.74 -8.03 1.97
C LEU A 23 -1.92 -7.26 1.33
N ILE A 24 -1.88 -5.93 1.44
CA ILE A 24 -2.84 -4.97 0.89
C ILE A 24 -2.17 -4.15 -0.20
N TYR A 25 -2.86 -4.02 -1.32
CA TYR A 25 -2.52 -3.18 -2.46
C TYR A 25 -3.41 -1.92 -2.43
N CYS A 26 -2.79 -0.73 -2.39
CA CYS A 26 -3.47 0.56 -2.49
C CYS A 26 -3.20 1.20 -3.85
N SER A 27 -4.19 1.87 -4.42
CA SER A 27 -4.04 2.67 -5.64
C SER A 27 -4.81 4.00 -5.54
N ASN A 28 -4.59 4.88 -6.52
CA ASN A 28 -5.13 6.25 -6.58
C ASN A 28 -4.53 7.17 -5.48
N LEU A 29 -3.34 6.86 -4.97
CA LEU A 29 -2.61 7.72 -4.02
C LEU A 29 -2.23 9.07 -4.66
N PRO A 30 -2.22 10.18 -3.88
CA PRO A 30 -1.71 11.46 -4.35
C PRO A 30 -0.18 11.41 -4.48
N PHE A 31 0.37 12.16 -5.44
CA PHE A 31 1.81 12.16 -5.77
C PHE A 31 2.70 12.75 -4.65
N SER A 32 2.10 13.40 -3.64
CA SER A 32 2.79 13.96 -2.47
C SER A 32 2.99 12.92 -1.32
N THR A 33 2.52 11.66 -1.50
CA THR A 33 2.71 10.57 -0.52
C THR A 33 4.18 10.19 -0.41
N ALA A 34 4.60 9.77 0.78
CA ALA A 34 5.96 9.32 1.09
C ALA A 34 5.88 8.12 2.03
N LYS A 35 6.86 7.22 1.99
CA LYS A 35 6.81 5.94 2.72
C LYS A 35 6.64 6.15 4.24
N SER A 36 7.23 7.20 4.80
CA SER A 36 7.10 7.56 6.23
C SER A 36 5.70 8.10 6.60
N ASP A 37 5.02 8.80 5.69
CA ASP A 37 3.61 9.19 5.82
C ASP A 37 2.67 7.98 5.62
N LEU A 38 3.05 7.06 4.72
CA LEU A 38 2.28 5.87 4.37
C LEU A 38 2.25 4.84 5.50
N TYR A 39 3.35 4.62 6.20
CA TYR A 39 3.32 3.81 7.43
C TYR A 39 2.33 4.36 8.47
N ASP A 40 2.34 5.68 8.72
CA ASP A 40 1.46 6.31 9.70
C ASP A 40 -0.02 6.24 9.30
N LEU A 41 -0.30 6.35 7.98
CA LEU A 41 -1.65 6.29 7.42
C LEU A 41 -2.33 4.93 7.65
N PHE A 42 -1.59 3.83 7.48
CA PHE A 42 -2.12 2.47 7.70
C PHE A 42 -1.93 2.00 9.14
N GLU A 43 -1.07 2.61 9.94
CA GLU A 43 -0.85 2.22 11.34
C GLU A 43 -2.10 2.44 12.23
N THR A 44 -3.05 3.31 11.81
CA THR A 44 -4.32 3.53 12.53
C THR A 44 -5.31 2.36 12.44
N ILE A 45 -5.15 1.45 11.47
CA ILE A 45 -5.85 0.16 11.41
C ILE A 45 -5.37 -0.77 12.54
N GLY A 46 -4.05 -0.79 12.76
CA GLY A 46 -3.40 -1.71 13.68
C GLY A 46 -1.87 -1.62 13.66
N LYS A 47 -1.22 -1.92 12.52
CA LYS A 47 0.18 -2.37 12.53
C LYS A 47 0.71 -2.69 11.13
N VAL A 48 1.72 -1.95 10.69
CA VAL A 48 2.41 -2.13 9.42
C VAL A 48 3.82 -2.66 9.69
N ASN A 49 4.29 -3.63 8.91
CA ASN A 49 5.63 -4.23 9.09
C ASN A 49 6.52 -4.04 7.88
N ASN A 50 5.88 -3.88 6.72
CA ASN A 50 6.53 -3.69 5.45
C ASN A 50 5.55 -2.92 4.57
N ALA A 51 5.80 -1.64 4.36
CA ALA A 51 5.02 -0.86 3.41
C ALA A 51 5.88 0.05 2.54
N GLU A 52 5.37 0.31 1.33
CA GLU A 52 6.13 1.01 0.29
C GLU A 52 5.24 1.57 -0.81
N LEU A 53 5.75 2.60 -1.48
CA LEU A 53 5.23 3.18 -2.73
C LEU A 53 5.94 2.57 -3.94
N ARG A 54 5.20 2.35 -5.03
CA ARG A 54 5.78 2.01 -6.34
C ARG A 54 6.36 3.25 -7.00
N TYR A 55 7.47 3.08 -7.70
CA TYR A 55 8.16 4.16 -8.41
C TYR A 55 8.21 4.05 -9.94
N ASP A 56 8.27 5.20 -10.62
CA ASP A 56 8.23 5.33 -12.09
C ASP A 56 9.64 5.17 -12.72
N SER A 57 10.38 6.27 -12.89
CA SER A 57 11.77 6.25 -13.42
C SER A 57 12.79 5.77 -12.37
N LYS A 58 12.79 6.37 -11.17
CA LYS A 58 13.78 6.17 -10.11
C LYS A 58 13.11 6.03 -8.73
N GLY A 59 12.54 7.12 -8.21
CA GLY A 59 11.85 7.22 -6.91
C GLY A 59 10.54 8.01 -6.91
N ALA A 60 10.01 8.35 -8.10
CA ALA A 60 8.80 9.17 -8.25
C ALA A 60 7.54 8.30 -8.07
N PRO A 61 6.64 8.59 -7.10
CA PRO A 61 5.53 7.72 -6.72
C PRO A 61 4.47 7.66 -7.83
N THR A 62 4.14 6.45 -8.32
CA THR A 62 3.22 6.27 -9.46
C THR A 62 1.75 6.49 -9.12
N GLY A 63 1.40 6.60 -7.84
CA GLY A 63 0.03 6.54 -7.34
C GLY A 63 -0.38 5.15 -6.84
N ILE A 64 0.56 4.21 -6.69
CA ILE A 64 0.37 2.83 -6.18
C ILE A 64 1.27 2.58 -4.97
N ALA A 65 0.76 1.81 -4.00
CA ALA A 65 1.46 1.46 -2.77
C ALA A 65 1.05 0.06 -2.29
N VAL A 66 1.88 -0.56 -1.47
CA VAL A 66 1.68 -1.91 -0.94
C VAL A 66 1.97 -1.89 0.56
N VAL A 67 1.09 -2.47 1.37
CA VAL A 67 1.15 -2.46 2.84
C VAL A 67 0.96 -3.89 3.31
N GLU A 68 1.98 -4.39 4.00
CA GLU A 68 1.91 -5.61 4.77
C GLU A 68 1.47 -5.26 6.20
N TYR A 69 0.27 -5.70 6.55
CA TYR A 69 -0.22 -5.70 7.93
C TYR A 69 0.36 -6.88 8.71
N ASP A 70 0.33 -6.81 10.05
CA ASP A 70 0.73 -7.93 10.93
C ASP A 70 0.00 -9.25 10.65
N ASN A 71 -1.24 -9.16 10.12
CA ASN A 71 -2.18 -10.26 10.02
C ASN A 71 -3.32 -9.89 9.03
N VAL A 72 -3.79 -10.87 8.25
CA VAL A 72 -4.97 -10.79 7.35
C VAL A 72 -6.23 -10.16 7.97
N ASP A 73 -6.44 -10.24 9.29
CA ASP A 73 -7.60 -9.63 9.95
C ASP A 73 -7.57 -8.08 9.94
N ASP A 74 -6.37 -7.48 9.95
CA ASP A 74 -6.18 -6.02 9.90
C ASP A 74 -6.40 -5.47 8.47
N ALA A 75 -5.99 -6.21 7.43
CA ALA A 75 -6.37 -5.89 6.05
C ALA A 75 -7.88 -5.75 5.88
N ASP A 76 -8.66 -6.57 6.57
CA ASP A 76 -10.12 -6.54 6.52
C ASP A 76 -10.73 -5.29 7.19
N VAL A 77 -9.97 -4.64 8.07
CA VAL A 77 -10.28 -3.31 8.62
C VAL A 77 -9.86 -2.22 7.63
N CYS A 78 -8.66 -2.34 7.03
CA CYS A 78 -8.15 -1.40 6.02
C CYS A 78 -9.13 -1.21 4.85
N ILE A 79 -9.65 -2.32 4.35
CA ILE A 79 -10.66 -2.42 3.27
C ILE A 79 -12.03 -1.76 3.63
N GLU A 80 -12.21 -1.31 4.88
CA GLU A 80 -13.41 -0.59 5.35
C GLU A 80 -13.05 0.76 6.00
N ARG A 81 -11.75 1.13 6.07
CA ARG A 81 -11.30 2.40 6.66
C ARG A 81 -10.60 3.32 5.66
N LEU A 82 -9.60 2.82 4.94
CA LEU A 82 -8.85 3.60 3.92
C LEU A 82 -9.49 3.52 2.52
N ASN A 83 -10.38 2.57 2.27
CA ASN A 83 -10.92 2.20 0.94
C ASN A 83 -12.00 3.15 0.37
N ASN A 84 -11.86 4.43 0.70
CA ASN A 84 -12.91 5.46 0.68
C ASN A 84 -12.38 6.81 1.19
N TYR A 85 -11.46 6.78 2.16
CA TYR A 85 -10.82 7.95 2.75
C TYR A 85 -10.25 8.91 1.69
N ASN A 86 -10.59 10.19 1.80
CA ASN A 86 -10.08 11.24 0.92
C ASN A 86 -8.67 11.69 1.39
N TYR A 87 -7.64 11.25 0.66
CA TYR A 87 -6.24 11.57 0.93
C TYR A 87 -5.67 12.41 -0.20
N GLY A 88 -5.13 13.60 0.12
CA GLY A 88 -4.73 14.55 -0.93
C GLY A 88 -5.92 15.27 -1.59
N GLY A 89 -7.16 14.98 -1.17
CA GLY A 89 -8.40 15.43 -1.79
C GLY A 89 -9.05 14.42 -2.75
N CYS A 90 -8.73 13.12 -2.66
CA CYS A 90 -9.17 12.11 -3.62
C CYS A 90 -9.37 10.75 -2.92
N ASP A 91 -10.44 10.04 -3.28
CA ASP A 91 -10.86 8.78 -2.67
C ASP A 91 -9.85 7.66 -3.01
N LEU A 92 -9.05 7.20 -2.03
CA LEU A 92 -8.19 6.03 -2.19
C LEU A 92 -8.96 4.74 -2.53
N ASP A 93 -8.26 3.82 -3.19
CA ASP A 93 -8.75 2.48 -3.52
C ASP A 93 -7.89 1.42 -2.84
N ILE A 94 -8.51 0.53 -2.07
CA ILE A 94 -7.81 -0.45 -1.22
C ILE A 94 -8.36 -1.87 -1.41
N SER A 95 -7.47 -2.87 -1.51
CA SER A 95 -7.87 -4.30 -1.60
C SER A 95 -6.75 -5.24 -1.18
N TYR A 96 -7.06 -6.53 -1.02
CA TYR A 96 -6.01 -7.55 -0.90
C TYR A 96 -5.14 -7.62 -2.16
N ALA A 97 -3.82 -7.68 -1.96
CA ALA A 97 -2.86 -7.79 -3.05
C ALA A 97 -2.85 -9.22 -3.61
N LYS A 98 -3.03 -9.33 -4.92
CA LYS A 98 -2.65 -10.49 -5.73
C LYS A 98 -1.32 -10.18 -6.43
N ARG A 99 -0.22 -10.73 -5.94
CA ARG A 99 1.07 -10.78 -6.61
C ARG A 99 1.21 -12.11 -7.40
N LEU A 100 1.57 -12.04 -8.69
CA LEU A 100 1.73 -13.22 -9.57
C LEU A 100 2.83 -14.17 -9.07
N GLY A 1 19.23 3.45 6.47
CA GLY A 1 18.85 2.11 5.96
C GLY A 1 19.07 2.00 4.45
N SER A 2 19.49 0.82 3.98
CA SER A 2 19.75 0.55 2.55
C SER A 2 18.48 0.22 1.75
N VAL A 3 18.50 0.45 0.42
CA VAL A 3 17.42 0.12 -0.53
C VAL A 3 17.78 -1.13 -1.33
N ASN A 4 16.77 -1.95 -1.66
CA ASN A 4 16.93 -3.34 -2.09
C ASN A 4 15.98 -3.70 -3.24
N GLU A 5 16.33 -4.73 -4.01
CA GLU A 5 15.48 -5.28 -5.08
C GLU A 5 14.22 -5.97 -4.52
N GLU A 6 14.26 -6.51 -3.30
CA GLU A 6 13.10 -7.08 -2.61
C GLU A 6 12.00 -6.03 -2.38
N ALA A 7 12.40 -4.84 -1.94
CA ALA A 7 11.47 -3.73 -1.77
C ALA A 7 10.90 -3.25 -3.09
N ARG A 8 11.60 -3.47 -4.20
CA ARG A 8 11.01 -3.26 -5.51
C ARG A 8 10.04 -4.37 -5.93
N LYS A 9 10.42 -5.63 -5.74
CA LYS A 9 9.55 -6.81 -5.91
C LYS A 9 8.25 -6.73 -5.07
N PHE A 10 8.24 -5.94 -3.99
CA PHE A 10 7.07 -5.62 -3.16
C PHE A 10 6.08 -4.61 -3.81
N THR A 11 6.46 -3.92 -4.91
CA THR A 11 5.58 -3.15 -5.82
C THR A 11 5.62 -3.61 -7.28
N GLU A 12 6.39 -4.64 -7.63
CA GLU A 12 6.38 -5.23 -8.97
C GLU A 12 5.42 -6.42 -9.12
N ASN A 13 4.65 -6.44 -10.22
CA ASN A 13 3.66 -7.49 -10.57
C ASN A 13 2.54 -7.61 -9.51
N VAL A 14 2.32 -6.56 -8.70
CA VAL A 14 1.27 -6.44 -7.70
C VAL A 14 0.03 -5.85 -8.35
N VAL A 15 -1.13 -6.47 -8.14
CA VAL A 15 -2.41 -6.03 -8.70
C VAL A 15 -3.52 -6.25 -7.66
N GLY A 16 -4.51 -5.37 -7.65
CA GLY A 16 -5.59 -5.36 -6.66
C GLY A 16 -6.65 -6.45 -6.88
N GLY A 17 -7.41 -6.74 -5.81
CA GLY A 17 -8.61 -7.60 -5.86
C GLY A 17 -8.32 -9.10 -5.69
N GLY A 18 -7.29 -9.46 -4.92
CA GLY A 18 -6.81 -10.83 -4.74
C GLY A 18 -7.58 -11.69 -3.73
N GLU A 19 -7.05 -12.89 -3.50
CA GLU A 19 -7.40 -13.77 -2.39
C GLU A 19 -7.03 -13.13 -1.04
N ARG A 20 -7.66 -13.54 0.07
CA ARG A 20 -7.44 -12.91 1.37
C ARG A 20 -6.08 -13.34 1.91
N ASN A 21 -5.22 -12.36 2.11
CA ASN A 21 -3.87 -12.53 2.67
C ASN A 21 -3.42 -11.26 3.41
N ARG A 22 -2.42 -11.29 4.31
CA ARG A 22 -2.01 -10.07 5.06
C ARG A 22 -1.55 -8.85 4.20
N LEU A 23 -1.31 -9.08 2.90
CA LEU A 23 -0.85 -8.11 1.90
C LEU A 23 -2.01 -7.26 1.36
N ILE A 24 -1.86 -5.93 1.37
CA ILE A 24 -2.81 -4.93 0.86
C ILE A 24 -2.12 -4.05 -0.17
N TYR A 25 -2.67 -4.06 -1.39
CA TYR A 25 -2.38 -3.13 -2.48
C TYR A 25 -3.30 -1.89 -2.37
N CYS A 26 -2.71 -0.68 -2.34
CA CYS A 26 -3.42 0.59 -2.44
C CYS A 26 -3.15 1.28 -3.79
N SER A 27 -4.16 1.92 -4.35
CA SER A 27 -4.08 2.71 -5.59
C SER A 27 -4.87 4.04 -5.45
N ASN A 28 -4.70 4.95 -6.41
CA ASN A 28 -5.24 6.31 -6.40
C ASN A 28 -4.68 7.19 -5.25
N LEU A 29 -3.45 6.91 -4.78
CA LEU A 29 -2.75 7.77 -3.81
C LEU A 29 -2.46 9.17 -4.39
N PRO A 30 -2.42 10.23 -3.55
CA PRO A 30 -1.96 11.55 -3.95
C PRO A 30 -0.44 11.52 -4.19
N PHE A 31 0.02 12.29 -5.18
CA PHE A 31 1.40 12.22 -5.69
C PHE A 31 2.47 12.72 -4.69
N SER A 32 2.05 13.32 -3.58
CA SER A 32 2.92 13.85 -2.51
C SER A 32 3.16 12.85 -1.35
N THR A 33 2.60 11.62 -1.42
CA THR A 33 2.78 10.57 -0.39
C THR A 33 4.26 10.18 -0.24
N ALA A 34 4.65 9.78 0.97
CA ALA A 34 5.99 9.37 1.36
C ALA A 34 5.89 8.20 2.34
N LYS A 35 6.89 7.30 2.36
CA LYS A 35 6.78 6.04 3.09
C LYS A 35 6.56 6.24 4.61
N SER A 36 7.11 7.31 5.18
CA SER A 36 6.94 7.67 6.60
C SER A 36 5.54 8.19 6.94
N ASP A 37 4.87 8.87 5.99
CA ASP A 37 3.45 9.22 6.08
C ASP A 37 2.56 7.99 5.83
N LEU A 38 2.99 7.07 4.95
CA LEU A 38 2.26 5.87 4.57
C LEU A 38 2.22 4.83 5.69
N TYR A 39 3.31 4.63 6.43
CA TYR A 39 3.27 3.81 7.64
C TYR A 39 2.27 4.37 8.67
N ASP A 40 2.28 5.68 8.93
CA ASP A 40 1.38 6.32 9.91
C ASP A 40 -0.10 6.22 9.48
N LEU A 41 -0.37 6.33 8.17
CA LEU A 41 -1.70 6.25 7.59
C LEU A 41 -2.35 4.88 7.84
N PHE A 42 -1.64 3.78 7.57
CA PHE A 42 -2.15 2.42 7.75
C PHE A 42 -1.96 1.92 9.18
N GLU A 43 -1.11 2.55 9.99
CA GLU A 43 -0.99 2.21 11.41
C GLU A 43 -2.29 2.58 12.19
N THR A 44 -3.23 3.33 11.59
CA THR A 44 -4.57 3.60 12.13
C THR A 44 -5.46 2.35 12.21
N ILE A 45 -5.28 1.41 11.28
CA ILE A 45 -5.90 0.06 11.30
C ILE A 45 -5.32 -0.75 12.46
N GLY A 46 -4.00 -0.58 12.69
CA GLY A 46 -3.30 -1.09 13.87
C GLY A 46 -1.79 -1.17 13.74
N LYS A 47 -1.23 -1.63 12.60
CA LYS A 47 0.08 -2.29 12.66
C LYS A 47 0.66 -2.65 11.29
N VAL A 48 1.72 -1.97 10.89
CA VAL A 48 2.40 -2.18 9.61
C VAL A 48 3.81 -2.72 9.88
N ASN A 49 4.26 -3.67 9.06
CA ASN A 49 5.63 -4.24 9.14
C ASN A 49 6.43 -4.07 7.85
N ASN A 50 5.74 -3.90 6.73
CA ASN A 50 6.34 -3.92 5.41
C ASN A 50 5.46 -3.08 4.49
N ALA A 51 5.77 -1.79 4.35
CA ALA A 51 5.00 -0.88 3.51
C ALA A 51 5.87 0.03 2.66
N GLU A 52 5.39 0.36 1.46
CA GLU A 52 6.22 0.95 0.39
C GLU A 52 5.40 1.51 -0.79
N LEU A 53 5.97 2.52 -1.45
CA LEU A 53 5.40 3.28 -2.57
C LEU A 53 6.03 2.81 -3.88
N ARG A 54 5.20 2.45 -4.87
CA ARG A 54 5.68 2.06 -6.20
C ARG A 54 6.32 3.27 -6.88
N TYR A 55 7.48 3.03 -7.47
CA TYR A 55 8.09 3.92 -8.45
C TYR A 55 8.25 3.28 -9.84
N ASP A 56 8.12 4.07 -10.92
CA ASP A 56 8.22 3.59 -12.31
C ASP A 56 9.55 3.96 -12.99
N SER A 57 9.66 5.15 -13.58
CA SER A 57 10.68 5.44 -14.61
C SER A 57 12.13 5.42 -14.09
N LYS A 58 12.34 5.88 -12.84
CA LYS A 58 13.64 5.90 -12.13
C LYS A 58 13.45 5.75 -10.60
N GLY A 59 12.70 6.69 -10.01
CA GLY A 59 12.43 6.79 -8.56
C GLY A 59 11.27 7.72 -8.20
N ALA A 60 10.43 8.09 -9.19
CA ALA A 60 9.28 8.97 -9.01
C ALA A 60 8.01 8.14 -8.70
N PRO A 61 7.12 8.63 -7.81
CA PRO A 61 5.90 7.91 -7.42
C PRO A 61 4.89 7.80 -8.55
N THR A 62 3.80 7.08 -8.28
CA THR A 62 2.87 6.51 -9.28
C THR A 62 1.39 6.70 -8.96
N GLY A 63 1.05 6.97 -7.69
CA GLY A 63 -0.30 6.77 -7.15
C GLY A 63 -0.57 5.33 -6.69
N ILE A 64 0.45 4.46 -6.59
CA ILE A 64 0.34 3.07 -6.07
C ILE A 64 1.25 2.88 -4.86
N ALA A 65 0.76 2.16 -3.85
CA ALA A 65 1.49 1.76 -2.66
C ALA A 65 1.06 0.35 -2.23
N VAL A 66 1.87 -0.28 -1.41
CA VAL A 66 1.60 -1.63 -0.90
C VAL A 66 1.92 -1.65 0.60
N VAL A 67 1.08 -2.32 1.39
CA VAL A 67 1.14 -2.38 2.86
C VAL A 67 0.90 -3.83 3.26
N GLU A 68 1.85 -4.38 3.99
CA GLU A 68 1.73 -5.66 4.68
C GLU A 68 1.41 -5.36 6.14
N TYR A 69 0.21 -5.76 6.53
CA TYR A 69 -0.24 -5.82 7.91
C TYR A 69 0.35 -7.03 8.65
N ASP A 70 0.21 -7.04 9.98
CA ASP A 70 0.70 -8.14 10.83
C ASP A 70 -0.07 -9.45 10.65
N ASN A 71 -1.28 -9.39 10.08
CA ASN A 71 -2.25 -10.47 10.02
C ASN A 71 -3.40 -10.09 9.04
N VAL A 72 -3.88 -11.08 8.26
CA VAL A 72 -5.01 -10.98 7.32
C VAL A 72 -6.31 -10.35 7.88
N ASP A 73 -6.53 -10.39 9.21
CA ASP A 73 -7.70 -9.76 9.85
C ASP A 73 -7.65 -8.21 9.79
N ASP A 74 -6.45 -7.61 9.80
CA ASP A 74 -6.25 -6.16 9.76
C ASP A 74 -6.47 -5.59 8.36
N ALA A 75 -6.08 -6.33 7.31
CA ALA A 75 -6.45 -5.99 5.92
C ALA A 75 -7.96 -5.82 5.75
N ASP A 76 -8.76 -6.65 6.42
CA ASP A 76 -10.22 -6.59 6.32
C ASP A 76 -10.80 -5.34 7.00
N VAL A 77 -10.07 -4.76 7.97
CA VAL A 77 -10.36 -3.44 8.55
C VAL A 77 -9.91 -2.33 7.58
N CYS A 78 -8.72 -2.46 6.97
CA CYS A 78 -8.20 -1.51 5.97
C CYS A 78 -9.17 -1.30 4.81
N ILE A 79 -9.68 -2.40 4.27
CA ILE A 79 -10.67 -2.47 3.17
C ILE A 79 -12.05 -1.84 3.55
N GLU A 80 -12.27 -1.42 4.79
CA GLU A 80 -13.48 -0.75 5.26
C GLU A 80 -13.17 0.59 5.96
N ARG A 81 -11.89 0.98 6.05
CA ARG A 81 -11.44 2.24 6.69
C ARG A 81 -10.71 3.19 5.74
N LEU A 82 -9.67 2.70 5.03
CA LEU A 82 -8.92 3.50 4.05
C LEU A 82 -9.55 3.47 2.64
N ASN A 83 -10.45 2.52 2.35
CA ASN A 83 -10.94 2.18 1.00
C ASN A 83 -12.00 3.14 0.41
N ASN A 84 -11.91 4.40 0.78
CA ASN A 84 -12.93 5.44 0.66
C ASN A 84 -12.44 6.79 1.24
N TYR A 85 -11.57 6.73 2.27
CA TYR A 85 -10.95 7.89 2.90
C TYR A 85 -10.31 8.85 1.88
N ASN A 86 -10.62 10.15 2.02
CA ASN A 86 -10.05 11.20 1.17
C ASN A 86 -8.68 11.62 1.70
N TYR A 87 -7.64 11.19 1.00
CA TYR A 87 -6.24 11.48 1.31
C TYR A 87 -5.66 12.36 0.21
N GLY A 88 -5.19 13.56 0.57
CA GLY A 88 -4.59 14.47 -0.41
C GLY A 88 -5.53 14.87 -1.54
N GLY A 89 -6.85 14.93 -1.25
CA GLY A 89 -7.91 15.19 -2.23
C GLY A 89 -8.30 13.99 -3.09
N CYS A 90 -7.87 12.76 -2.76
CA CYS A 90 -8.07 11.55 -3.58
C CYS A 90 -8.80 10.48 -2.77
N ASP A 91 -9.90 9.94 -3.30
CA ASP A 91 -10.60 8.79 -2.74
C ASP A 91 -9.74 7.53 -2.94
N LEU A 92 -8.99 7.12 -1.93
CA LEU A 92 -8.15 5.91 -2.03
C LEU A 92 -8.92 4.63 -2.38
N ASP A 93 -8.22 3.73 -3.06
CA ASP A 93 -8.72 2.42 -3.50
C ASP A 93 -7.85 1.30 -2.92
N ILE A 94 -8.44 0.51 -2.03
CA ILE A 94 -7.73 -0.44 -1.15
C ILE A 94 -8.26 -1.87 -1.37
N SER A 95 -7.36 -2.85 -1.49
CA SER A 95 -7.75 -4.26 -1.67
C SER A 95 -6.63 -5.23 -1.28
N TYR A 96 -6.96 -6.51 -1.08
CA TYR A 96 -5.95 -7.55 -0.95
C TYR A 96 -5.05 -7.60 -2.19
N ALA A 97 -3.74 -7.61 -1.98
CA ALA A 97 -2.80 -7.68 -3.08
C ALA A 97 -2.75 -9.11 -3.64
N LYS A 98 -2.92 -9.21 -4.96
CA LYS A 98 -2.51 -10.36 -5.76
C LYS A 98 -1.17 -10.01 -6.42
N ARG A 99 -0.07 -10.55 -5.90
CA ARG A 99 1.26 -10.45 -6.47
C ARG A 99 1.53 -11.69 -7.36
N LEU A 100 1.66 -11.45 -8.66
CA LEU A 100 1.73 -12.48 -9.72
C LEU A 100 3.06 -13.27 -9.70
#